data_3U4Q
#
_entry.id   3U4Q
#
_cell.length_a   100.555
_cell.length_b   139.714
_cell.length_c   103.093
_cell.angle_alpha   90.00
_cell.angle_beta   105.54
_cell.angle_gamma   90.00
#
_symmetry.space_group_name_H-M   'P 1 21 1'
#
loop_
_entity.id
_entity.type
_entity.pdbx_description
1 polymer 'ATP-dependent helicase/nuclease subunit A'
2 polymer 'ATP-dependent helicase/deoxyribonuclease subunit B'
3 polymer 'DNA (27-MER)'
4 non-polymer 'SULFATE ION'
5 non-polymer 1,2-ETHANEDIOL
6 water water
#
loop_
_entity_poly.entity_id
_entity_poly.type
_entity_poly.pdbx_seq_one_letter_code
_entity_poly.pdbx_strand_id
1 'polypeptide(L)'
;MNIPKPADSTWTDDQWNAIVSTGQDILVAAAAGSGKTAVLVERMIRKITAEENPIDVDRLLVVTFTNASAAEMKHRIAEA
LEKELVQRPGSLHIRRQLSLLNRASISTLHSFCLQVLKKYYYLIDLDPGFRIADQTEGELIGDEVLDELFEDEYAKGEKA
FFELVDRYTTDRHDLDLQFLVKQVYEYSRSHPNPEAWLESFVHLYDVSEKSAIEELPFYQYVKEDIAMVLNGAKEKLLRA
LELTKAPGGPAPRADNFLDDLAQIDELIQHQDDFSELYKRVPAVSFKRAKAVKGDEFDPALLDEATDLRNGAKKLLEKLK
TDYFTRSPEQHLKSLAEMKPVIETLVQLVISYGKRFEAAKQEKSIIDFSDLEHYCLAILTAENDKGEREPSEAARFYQEQ
FHEVLVDEYQDTNLVQESILQLVTSGPEETGNLFMVGDVKQSIYRFRLAEPLLFLSKYKRFTESGEGTGRKIDLNKNFRS
RADILDSTNFLFKQLMGGKIGEVDYDEQAELKLGAAYPDNDETETELLLIDNAEDTDASEEAEELETVQFEAKAIAKEIR
KLISSPFKVYDGKKKTHRNIQYRDIVILLRSMPWAPQIMEELRAQGIPVYANLTSGYFEAVEVAVALSVLKVIDNPYQDI
PLASVLRSPIVGADENELSLIRLENKKAPYYEAMKDYLAAGDRSDELYQKLNTFYGHLQKWRAFSKNHSVSELIWEVYRD
TKYMDYVGGMPGGKQRQANLRVLYDRARQYESTAFRGLFRFLRFIERMQERGDDLGTARGLSEQEDVVRLMTIHSSKGLE
FPVVFVAGLGRNFNMMDLNKSYLLDKELGFGTKYIHPQLRISYPTLPLIAMKKKMRRELLSEELRVLYVALTRAKEKLFL
IGSCKDHQKQLAKWQASASQTDWLLPEFDRYQARTYLDFIGPALARHRDLGDLAGVPAHADISGHPARFAVQMIHSYDLL
DDDLEERMEEKSERLEAIRRGEPVPGSFAFDEKAREQLSWTYPHQEVTQIRTKQSVSEIKRKREYEDEYSGRAPVKPADG
SILYRRPAFMMKKGLTAAEKGTAMHTVMQHIPLSHVPSIEEAEQTVHRLYEKELLTEEQKDAIDIEEIVQFFHTEIGGQL
IGAKWKDREIPFSLALPAKEIYPDAHEADEPLLVQGIIDCLYETEDGLYLLAYKSDRIEGKFQHGFEGAAPILKKRYETQ
IQLYTKAVEQIAKTKVKGCALYFFDGGHILTL
;
A
2 'polypeptide(L)'
;MGAEFLVGRSGSGKTKLIINSIQDELRRAPFGKPIIFLVPDQMTFLMEYELAKTPDMGGMIRAQVFSFSRLAWRVLQHTG
GMSRPFLTSTGVQMLLRKLIEEHKQEFKVYQKASDKSGFTAQVERMLTEFKRYCLEPEDIRRMAESGTASEYRGERVLSE
KLHDLSILYQQMEKSLADQYLHSEDYLTLLAEHIPLAEDIKGAHIYVDGFYQFTPQEFRVLEQLMVHAEHITFSLTADKP
SYEREPHELELFRMTGKTYYRLHQKAKELNLDITYKELSGTERHTKTPELAHLEAQYEARPAIPYAEKQEALTVMQAANR
RAELEGIAREIHALVREKGYRYKDVAILARQPEDYKDMVKEVFADYEIPYFIDGKASMLNHPLIEFIRSSLDVLKGNWRY
EAVFRCVKTELLFPLNEPKAKVREQVDQLENYCIAYGIKGDRWTKGDRFQYRRFVSLDDDFAQTDQEIEMENMLNDTRDW
IVPPLFQLQKRMKKAKTVQEKAEALYRYLEETDVPLKLDQERQRAEDDGRIIEAQQHQQAWDAVIQLLEEFVEMMGDDEI
SLDLFQQMIEAGAESLTFSLIPPALDQVFVGNMDLSRMYGTSCTFVLGANDGVLPARPDENGVLSDDDREWLKTIGVELS
SGGRERLLDEHFLIYMAFSSPSDRLYVSYPIADAEGKTLLPSMIVKRLEELFPHHKERLLTNEPEQVSDEEQLMYVVNKS
VAQSFTASQLRLWTREYDISDVWWSTYNVLMSEQDRLQSKKLFSSLFFRNEVKQLERSVSRQLYGERIQGSVSRMETFNA
CPFSHFASHGLHLKERQFFKLEAPDIGQLFHSSLKLISDRLRDEKLDWRDLTKEQCELFSYDAVERLAPKLQKEILLSSN
RHYYVKEKLQKIVTRVSGILSEHAKASGFVPIGLELGFGGKGPLPPLTFQLKNGCTMELVGRIDRVDKAESSKGLLLRIV
AYKSSDKGLDLAEVYYGLALQMLTYLDLSITHSADWLGMRATPAGVLYFHIHDPMIQSNLPLGLDEIEQEIFKKFKMKGL
LLGDQEVVRLMDTTLQEGRSNIINAGLKKDGSLRSDSAAVGEKEFDLLTKHVRRTFQEAGEQITDGRVSIEPYKMKNKTP
CTYCAFKSVCQFDESLEENEYRPLKAEKDKTILEWIKKEADGNEHS
;
B
3 'polydeoxyribonucleotide'
;(DT)(DC)(DT)(DA)(DA)(DT)(DG)(DC)(DG)(DA)(DG)(DC)(DA)(DC)(DT)(DG)(DC)(DT)(DA)(DT)
(DT)(DC)(DC)(DC)(DT)(DA)(DG)(DC)(DA)(DG)(DT)(DG)(DC)(DT)(DC)(DG)(DC)(DA)(DT)(DT)
(DA)(DG)(DA)(DT)(DT)(DT)(DT)(DG)
;
X
#
# COMPACT_ATOMS: atom_id res chain seq x y z
N THR A 10 22.51 -32.97 -23.59
CA THR A 10 23.37 -32.27 -24.53
C THR A 10 22.94 -30.82 -24.67
N TRP A 11 23.70 -30.07 -25.46
CA TRP A 11 23.40 -28.68 -25.72
C TRP A 11 23.48 -28.40 -27.21
N THR A 12 23.05 -27.21 -27.61
CA THR A 12 23.25 -26.75 -28.96
C THR A 12 24.64 -26.14 -29.03
N ASP A 13 25.14 -25.89 -30.23
CA ASP A 13 26.40 -25.19 -30.39
C ASP A 13 26.22 -23.74 -29.94
N ASP A 14 25.04 -23.20 -30.17
CA ASP A 14 24.72 -21.84 -29.75
C ASP A 14 24.68 -21.71 -28.24
N GLN A 15 23.99 -22.66 -27.60
CA GLN A 15 23.95 -22.69 -26.14
C GLN A 15 25.35 -22.93 -25.59
N TRP A 16 26.06 -23.86 -26.20
CA TRP A 16 27.45 -24.14 -25.85
C TRP A 16 28.28 -22.86 -25.94
N ASN A 17 28.08 -22.11 -27.02
CA ASN A 17 28.76 -20.83 -27.19
C ASN A 17 28.48 -19.89 -26.03
N ALA A 18 27.19 -19.68 -25.75
CA ALA A 18 26.78 -18.81 -24.65
C ALA A 18 27.36 -19.26 -23.32
N ILE A 19 27.39 -20.57 -23.12
CA ILE A 19 27.84 -21.15 -21.84
C ILE A 19 29.33 -20.95 -21.57
N VAL A 20 30.17 -21.23 -22.56
CA VAL A 20 31.61 -21.30 -22.34
C VAL A 20 32.38 -20.07 -22.84
N SER A 21 31.75 -19.26 -23.69
CA SER A 21 32.43 -18.11 -24.28
C SER A 21 32.80 -17.07 -23.23
N THR A 22 33.96 -16.45 -23.40
CA THR A 22 34.46 -15.46 -22.45
C THR A 22 35.47 -14.53 -23.13
N GLY A 23 35.93 -13.52 -22.40
CA GLY A 23 36.96 -12.62 -22.90
C GLY A 23 36.43 -11.28 -23.35
N GLN A 24 35.12 -11.19 -23.56
CA GLN A 24 34.50 -9.94 -24.01
C GLN A 24 33.03 -9.87 -23.61
N ASP A 25 32.40 -8.73 -23.88
CA ASP A 25 30.97 -8.61 -23.67
C ASP A 25 30.24 -9.56 -24.60
N ILE A 26 29.18 -10.18 -24.10
CA ILE A 26 28.40 -11.11 -24.90
C ILE A 26 26.91 -10.75 -24.88
N LEU A 27 26.32 -10.68 -26.06
CA LEU A 27 24.89 -10.43 -26.18
C LEU A 27 24.20 -11.67 -26.72
N VAL A 28 23.35 -12.28 -25.90
CA VAL A 28 22.63 -13.49 -26.29
C VAL A 28 21.19 -13.17 -26.65
N ALA A 29 20.88 -13.26 -27.93
CA ALA A 29 19.50 -13.08 -28.39
C ALA A 29 18.77 -14.41 -28.29
N ALA A 30 17.96 -14.54 -27.25
CA ALA A 30 17.32 -15.81 -26.93
C ALA A 30 15.84 -15.82 -27.30
N ALA A 31 15.50 -16.56 -28.35
CA ALA A 31 14.11 -16.67 -28.79
C ALA A 31 13.28 -17.39 -27.73
N ALA A 32 11.97 -17.24 -27.81
CA ALA A 32 11.07 -17.87 -26.85
C ALA A 32 11.34 -19.38 -26.78
N GLY A 33 11.34 -19.92 -25.58
CA GLY A 33 11.59 -21.34 -25.37
C GLY A 33 13.01 -21.74 -25.71
N SER A 34 13.93 -20.81 -25.53
CA SER A 34 15.34 -21.03 -25.86
C SER A 34 16.06 -21.85 -24.80
N GLY A 35 15.45 -21.93 -23.61
CA GLY A 35 16.10 -22.57 -22.48
C GLY A 35 17.26 -21.74 -21.99
N LYS A 36 17.18 -20.44 -22.23
CA LYS A 36 18.20 -19.48 -21.80
C LYS A 36 18.52 -19.65 -20.32
N THR A 37 17.48 -19.83 -19.51
CA THR A 37 17.63 -19.99 -18.07
C THR A 37 18.59 -21.14 -17.74
N ALA A 38 18.32 -22.30 -18.32
CA ALA A 38 19.15 -23.48 -18.11
C ALA A 38 20.60 -23.22 -18.50
N VAL A 39 20.82 -22.58 -19.64
CA VAL A 39 22.16 -22.31 -20.11
C VAL A 39 22.84 -21.25 -19.26
N LEU A 40 22.04 -20.32 -18.74
CA LEU A 40 22.53 -19.27 -17.87
C LEU A 40 23.08 -19.89 -16.59
N VAL A 41 22.31 -20.83 -16.04
CA VAL A 41 22.73 -21.57 -14.85
C VAL A 41 24.02 -22.33 -15.13
N GLU A 42 24.00 -23.15 -16.18
CA GLU A 42 25.17 -23.95 -16.56
C GLU A 42 26.44 -23.11 -16.67
N ARG A 43 26.33 -21.93 -17.27
CA ARG A 43 27.49 -21.07 -17.44
C ARG A 43 28.15 -20.74 -16.11
N MET A 44 27.36 -20.27 -15.15
CA MET A 44 27.87 -19.91 -13.84
C MET A 44 28.35 -21.13 -13.08
N ILE A 45 27.62 -22.24 -13.22
CA ILE A 45 28.00 -23.48 -12.57
C ILE A 45 29.43 -23.88 -12.93
N ARG A 46 29.77 -23.73 -14.20
CA ARG A 46 31.12 -24.04 -14.68
C ARG A 46 32.15 -23.18 -13.96
N LYS A 47 32.03 -21.86 -14.11
CA LYS A 47 32.99 -20.94 -13.53
C LYS A 47 33.10 -21.14 -12.01
N ILE A 48 31.98 -21.45 -11.37
CA ILE A 48 31.96 -21.63 -9.92
C ILE A 48 32.50 -23.01 -9.52
N THR A 49 31.99 -24.05 -10.14
CA THR A 49 32.48 -25.40 -9.87
C THR A 49 33.18 -26.01 -11.08
N ALA A 50 34.49 -25.82 -11.14
CA ALA A 50 35.32 -26.41 -12.20
C ALA A 50 36.70 -26.75 -11.66
N GLU A 51 37.40 -27.64 -12.35
CA GLU A 51 38.72 -28.07 -11.88
C GLU A 51 39.77 -26.97 -11.96
N GLU A 52 39.96 -26.43 -13.15
CA GLU A 52 41.03 -25.46 -13.39
C GLU A 52 41.13 -24.37 -12.33
N ASN A 53 40.37 -23.30 -12.49
CA ASN A 53 40.43 -22.18 -11.56
C ASN A 53 39.05 -21.70 -11.15
N PRO A 54 38.49 -22.33 -10.11
CA PRO A 54 37.13 -22.03 -9.65
C PRO A 54 37.04 -20.63 -9.04
N ILE A 55 35.83 -20.07 -9.05
CA ILE A 55 35.59 -18.77 -8.44
C ILE A 55 34.37 -18.83 -7.52
N ASP A 56 34.32 -17.94 -6.54
CA ASP A 56 33.23 -17.93 -5.58
C ASP A 56 31.97 -17.27 -6.16
N VAL A 57 30.82 -17.64 -5.63
CA VAL A 57 29.54 -17.13 -6.12
C VAL A 57 29.41 -15.62 -5.91
N ASP A 58 30.07 -15.11 -4.88
CA ASP A 58 29.98 -13.70 -4.51
C ASP A 58 30.69 -12.81 -5.53
N ARG A 59 31.53 -13.40 -6.36
CA ARG A 59 32.28 -12.65 -7.35
C ARG A 59 31.49 -12.51 -8.64
N LEU A 60 30.19 -12.82 -8.57
CA LEU A 60 29.30 -12.71 -9.73
C LEU A 60 28.15 -11.76 -9.45
N LEU A 61 27.71 -11.04 -10.48
CA LEU A 61 26.55 -10.17 -10.36
C LEU A 61 25.48 -10.56 -11.38
N VAL A 62 24.39 -11.13 -10.89
CA VAL A 62 23.30 -11.55 -11.77
C VAL A 62 22.03 -10.77 -11.50
N VAL A 63 21.57 -10.01 -12.51
CA VAL A 63 20.35 -9.23 -12.36
C VAL A 63 19.19 -9.88 -13.12
N THR A 64 18.08 -10.05 -12.41
CA THR A 64 16.86 -10.60 -12.99
C THR A 64 15.78 -9.54 -12.86
N PHE A 65 14.66 -9.74 -13.55
CA PHE A 65 13.60 -8.73 -13.52
C PHE A 65 12.60 -8.95 -12.39
N THR A 66 12.72 -10.09 -11.71
CA THR A 66 11.91 -10.35 -10.51
C THR A 66 12.73 -11.11 -9.48
N ASN A 67 12.42 -10.88 -8.20
CA ASN A 67 13.09 -11.59 -7.13
C ASN A 67 12.72 -13.07 -7.16
N ALA A 68 11.59 -13.38 -7.78
CA ALA A 68 11.15 -14.76 -7.94
C ALA A 68 12.04 -15.51 -8.91
N SER A 69 12.31 -14.89 -10.06
CA SER A 69 13.19 -15.49 -11.05
C SER A 69 14.61 -15.59 -10.51
N ALA A 70 15.00 -14.61 -9.69
CA ALA A 70 16.28 -14.66 -9.01
C ALA A 70 16.31 -15.85 -8.07
N ALA A 71 15.26 -15.97 -7.25
CA ALA A 71 15.13 -17.07 -6.31
C ALA A 71 15.17 -18.41 -7.04
N GLU A 72 14.45 -18.51 -8.16
CA GLU A 72 14.45 -19.71 -8.98
C GLU A 72 15.85 -19.97 -9.52
N MET A 73 16.56 -18.89 -9.80
CA MET A 73 17.95 -18.98 -10.26
C MET A 73 18.80 -19.64 -9.18
N LYS A 74 18.59 -19.23 -7.93
CA LYS A 74 19.37 -19.75 -6.81
C LYS A 74 19.11 -21.24 -6.57
N HIS A 75 17.90 -21.68 -6.82
CA HIS A 75 17.53 -23.08 -6.59
C HIS A 75 18.20 -24.05 -7.56
N ARG A 76 18.18 -23.72 -8.84
CA ARG A 76 18.85 -24.55 -9.84
C ARG A 76 20.36 -24.59 -9.59
N ILE A 77 20.93 -23.43 -9.26
CA ILE A 77 22.35 -23.36 -8.93
C ILE A 77 22.65 -24.28 -7.77
N ALA A 78 21.72 -24.35 -6.82
CA ALA A 78 21.83 -25.32 -5.75
C ALA A 78 21.77 -26.71 -6.34
N GLU A 79 20.62 -27.07 -6.92
CA GLU A 79 20.38 -28.42 -7.42
C GLU A 79 21.62 -29.01 -8.07
N ALA A 80 22.28 -28.21 -8.90
CA ALA A 80 23.45 -28.65 -9.64
C ALA A 80 24.70 -28.71 -8.77
N LEU A 81 24.77 -27.85 -7.77
CA LEU A 81 25.89 -27.84 -6.82
C LEU A 81 25.98 -29.14 -6.04
N GLU A 82 24.87 -29.57 -5.45
CA GLU A 82 24.87 -30.83 -4.71
C GLU A 82 25.20 -32.00 -5.63
N LYS A 83 24.64 -31.99 -6.84
CA LYS A 83 24.96 -33.01 -7.82
C LYS A 83 26.47 -33.08 -8.04
N GLU A 84 27.08 -31.93 -8.31
CA GLU A 84 28.52 -31.85 -8.49
C GLU A 84 29.25 -32.20 -7.19
N LEU A 85 28.56 -32.08 -6.07
CA LEU A 85 29.13 -32.37 -4.76
C LEU A 85 29.15 -33.86 -4.47
N VAL A 86 28.11 -34.56 -4.92
CA VAL A 86 28.03 -36.01 -4.75
C VAL A 86 29.13 -36.67 -5.58
N GLN A 87 29.38 -36.11 -6.75
CA GLN A 87 30.40 -36.64 -7.66
C GLN A 87 31.80 -36.26 -7.17
N ARG A 88 31.89 -35.16 -6.44
CA ARG A 88 33.16 -34.73 -5.84
C ARG A 88 32.98 -34.56 -4.34
N PRO A 89 32.76 -35.67 -3.63
CA PRO A 89 32.37 -35.69 -2.22
C PRO A 89 33.32 -34.93 -1.30
N GLY A 90 34.59 -34.82 -1.68
CA GLY A 90 35.58 -34.21 -0.82
C GLY A 90 35.95 -32.79 -1.20
N SER A 91 35.05 -32.10 -1.89
CA SER A 91 35.32 -30.74 -2.34
C SER A 91 34.95 -29.70 -1.29
N LEU A 92 35.97 -29.00 -0.79
CA LEU A 92 35.77 -27.96 0.20
C LEU A 92 35.16 -26.73 -0.45
N HIS A 93 35.63 -26.41 -1.66
CA HIS A 93 35.16 -25.23 -2.37
C HIS A 93 33.69 -25.32 -2.74
N ILE A 94 33.28 -26.45 -3.30
CA ILE A 94 31.90 -26.64 -3.73
C ILE A 94 30.93 -26.55 -2.56
N ARG A 95 31.30 -27.13 -1.42
CA ARG A 95 30.48 -27.02 -0.22
C ARG A 95 30.37 -25.58 0.22
N ARG A 96 31.47 -24.84 0.09
CA ARG A 96 31.47 -23.42 0.44
C ARG A 96 30.50 -22.63 -0.43
N GLN A 97 30.54 -22.90 -1.74
CA GLN A 97 29.66 -22.22 -2.68
C GLN A 97 28.19 -22.39 -2.27
N LEU A 98 27.87 -23.58 -1.78
CA LEU A 98 26.53 -23.89 -1.32
C LEU A 98 26.10 -22.94 -0.21
N SER A 99 27.08 -22.41 0.51
CA SER A 99 26.82 -21.47 1.60
C SER A 99 26.77 -20.03 1.11
N LEU A 100 27.36 -19.77 -0.05
CA LEU A 100 27.45 -18.41 -0.58
C LEU A 100 26.20 -17.95 -1.31
N LEU A 101 25.33 -18.90 -1.67
CA LEU A 101 24.14 -18.58 -2.43
C LEU A 101 23.22 -17.57 -1.74
N ASN A 102 23.29 -17.52 -0.42
CA ASN A 102 22.46 -16.59 0.34
C ASN A 102 23.08 -15.19 0.40
N ARG A 103 24.40 -15.13 0.27
CA ARG A 103 25.12 -13.87 0.29
C ARG A 103 25.36 -13.38 -1.12
N ALA A 104 25.13 -14.25 -2.10
CA ALA A 104 25.42 -13.94 -3.49
C ALA A 104 24.51 -12.83 -4.02
N SER A 105 24.95 -12.18 -5.09
CA SER A 105 24.18 -11.08 -5.66
C SER A 105 23.31 -11.56 -6.82
N ILE A 106 22.17 -12.14 -6.50
CA ILE A 106 21.21 -12.55 -7.52
C ILE A 106 19.89 -11.84 -7.22
N SER A 107 19.59 -10.80 -7.98
CA SER A 107 18.42 -9.97 -7.68
C SER A 107 18.02 -9.05 -8.82
N THR A 108 16.98 -8.27 -8.58
CA THR A 108 16.59 -7.21 -9.50
C THR A 108 17.58 -6.08 -9.36
N LEU A 109 17.69 -5.25 -10.39
CA LEU A 109 18.61 -4.12 -10.34
C LEU A 109 18.28 -3.21 -9.16
N HIS A 110 16.99 -3.02 -8.91
CA HIS A 110 16.55 -2.23 -7.76
C HIS A 110 17.07 -2.85 -6.47
N SER A 111 16.96 -4.17 -6.36
CA SER A 111 17.45 -4.89 -5.20
C SER A 111 18.95 -4.66 -5.00
N PHE A 112 19.68 -4.52 -6.10
CA PHE A 112 21.10 -4.22 -6.04
C PHE A 112 21.33 -2.77 -5.63
N CYS A 113 20.66 -1.86 -6.31
CA CYS A 113 20.77 -0.43 -6.02
C CYS A 113 20.58 -0.18 -4.53
N LEU A 114 19.63 -0.88 -3.94
CA LEU A 114 19.36 -0.73 -2.51
C LEU A 114 20.60 -1.13 -1.72
N GLN A 115 21.15 -2.30 -2.04
CA GLN A 115 22.36 -2.78 -1.40
C GLN A 115 23.47 -1.73 -1.50
N VAL A 116 23.48 -1.02 -2.61
CA VAL A 116 24.49 0.02 -2.85
C VAL A 116 24.24 1.25 -2.00
N LEU A 117 22.99 1.72 -1.99
CA LEU A 117 22.63 2.91 -1.22
C LEU A 117 22.88 2.69 0.27
N LYS A 118 22.52 1.52 0.77
CA LYS A 118 22.72 1.22 2.18
C LYS A 118 24.21 1.22 2.56
N LYS A 119 25.05 0.85 1.61
CA LYS A 119 26.48 0.75 1.87
C LYS A 119 27.23 2.07 1.72
N TYR A 120 26.90 2.84 0.70
CA TYR A 120 27.59 4.09 0.42
C TYR A 120 26.72 5.34 0.60
N TYR A 121 25.66 5.22 1.40
CA TYR A 121 24.72 6.32 1.60
C TYR A 121 25.40 7.64 1.95
N TYR A 122 26.46 7.55 2.75
CA TYR A 122 27.15 8.73 3.26
C TYR A 122 27.86 9.54 2.17
N LEU A 123 27.98 8.96 0.98
CA LEU A 123 28.64 9.66 -0.13
C LEU A 123 27.76 10.74 -0.73
N ILE A 124 26.46 10.48 -0.74
CA ILE A 124 25.48 11.49 -1.14
C ILE A 124 24.79 11.98 0.12
N ASP A 125 23.69 12.72 -0.02
CA ASP A 125 22.90 13.06 1.15
C ASP A 125 21.63 12.23 1.19
N LEU A 126 21.75 11.07 1.83
CA LEU A 126 20.66 10.11 1.96
C LEU A 126 20.67 9.54 3.37
N ASP A 127 19.53 9.61 4.03
CA ASP A 127 19.42 9.11 5.40
C ASP A 127 19.46 7.59 5.43
N PRO A 128 20.42 7.00 6.18
CA PRO A 128 20.35 5.55 6.36
C PRO A 128 19.04 5.20 7.04
N GLY A 129 18.51 4.02 6.77
CA GLY A 129 17.18 3.68 7.26
C GLY A 129 16.13 4.47 6.50
N PHE A 130 16.54 5.06 5.38
CA PHE A 130 15.61 5.72 4.48
C PHE A 130 14.51 4.73 4.12
N ARG A 131 13.35 5.24 3.73
CA ARG A 131 12.23 4.39 3.39
C ARG A 131 11.83 4.59 1.94
N ILE A 132 11.57 3.50 1.24
CA ILE A 132 11.10 3.57 -0.14
C ILE A 132 9.59 3.67 -0.17
N ALA A 133 9.08 4.80 -0.65
CA ALA A 133 7.65 5.01 -0.73
C ALA A 133 7.07 4.31 -1.95
N ASP A 134 5.91 3.71 -1.79
CA ASP A 134 5.24 3.06 -2.91
C ASP A 134 4.72 4.13 -3.88
N GLN A 135 4.50 3.72 -5.12
CA GLN A 135 4.13 4.65 -6.18
C GLN A 135 2.89 5.50 -5.86
N THR A 136 2.12 5.07 -4.88
CA THR A 136 0.90 5.78 -4.50
C THR A 136 1.19 7.03 -3.69
N GLU A 137 1.70 6.86 -2.47
CA GLU A 137 2.00 8.00 -1.61
C GLU A 137 3.01 8.92 -2.29
N GLY A 138 3.93 8.32 -3.04
CA GLY A 138 4.93 9.09 -3.75
C GLY A 138 4.27 10.16 -4.60
N GLU A 139 3.27 9.76 -5.37
CA GLU A 139 2.51 10.68 -6.19
C GLU A 139 1.64 11.60 -5.34
N LEU A 140 1.15 11.09 -4.21
CA LEU A 140 0.41 11.92 -3.27
C LEU A 140 1.27 13.08 -2.80
N ILE A 141 2.54 12.80 -2.57
CA ILE A 141 3.50 13.82 -2.16
C ILE A 141 3.79 14.76 -3.33
N GLY A 142 3.73 14.21 -4.54
CA GLY A 142 3.93 15.00 -5.75
C GLY A 142 2.85 16.05 -5.92
N ASP A 143 1.60 15.63 -5.84
CA ASP A 143 0.48 16.55 -5.93
C ASP A 143 0.61 17.66 -4.88
N GLU A 144 1.06 17.28 -3.69
CA GLU A 144 1.21 18.22 -2.59
C GLU A 144 2.22 19.32 -2.92
N VAL A 145 3.46 18.93 -3.18
CA VAL A 145 4.50 19.90 -3.49
C VAL A 145 4.13 20.71 -4.73
N LEU A 146 3.46 20.06 -5.67
CA LEU A 146 3.01 20.74 -6.89
C LEU A 146 2.09 21.91 -6.57
N ASP A 147 0.99 21.62 -5.86
CA ASP A 147 0.04 22.66 -5.48
C ASP A 147 0.75 23.82 -4.78
N GLU A 148 1.77 23.49 -3.99
CA GLU A 148 2.58 24.48 -3.30
C GLU A 148 3.33 25.36 -4.29
N LEU A 149 3.91 24.74 -5.32
CA LEU A 149 4.67 25.46 -6.33
C LEU A 149 3.78 26.39 -7.14
N PHE A 150 2.72 25.83 -7.71
CA PHE A 150 1.78 26.61 -8.51
C PHE A 150 1.26 27.82 -7.74
N GLU A 151 0.84 27.58 -6.50
CA GLU A 151 0.36 28.65 -5.64
C GLU A 151 1.40 29.76 -5.55
N ASP A 152 2.65 29.37 -5.37
CA ASP A 152 3.76 30.32 -5.28
C ASP A 152 3.92 31.12 -6.55
N GLU A 153 3.76 30.46 -7.69
CA GLU A 153 3.91 31.12 -8.98
C GLU A 153 2.76 32.09 -9.26
N TYR A 154 1.54 31.64 -9.07
CA TYR A 154 0.38 32.52 -9.18
C TYR A 154 0.57 33.76 -8.31
N ALA A 155 1.05 33.56 -7.09
CA ALA A 155 1.24 34.65 -6.15
C ALA A 155 2.42 35.54 -6.54
N LYS A 156 3.39 34.96 -7.24
CA LYS A 156 4.59 35.70 -7.64
C LYS A 156 4.29 36.58 -8.85
N GLY A 157 3.26 36.23 -9.59
CA GLY A 157 2.77 37.05 -10.69
C GLY A 157 3.72 37.31 -11.84
N GLU A 158 4.73 36.45 -12.00
CA GLU A 158 5.63 36.57 -13.13
C GLU A 158 4.85 36.54 -14.44
N LYS A 159 5.24 37.39 -15.38
CA LYS A 159 4.54 37.50 -16.66
C LYS A 159 4.60 36.18 -17.43
N ALA A 160 5.81 35.66 -17.62
CA ALA A 160 6.02 34.43 -18.36
C ALA A 160 5.14 33.28 -17.86
N PHE A 161 5.04 33.15 -16.54
CA PHE A 161 4.27 32.06 -15.95
C PHE A 161 2.85 32.01 -16.48
N PHE A 162 2.14 33.14 -16.39
CA PHE A 162 0.75 33.20 -16.84
C PHE A 162 0.63 32.83 -18.32
N GLU A 163 1.60 33.28 -19.12
CA GLU A 163 1.63 32.94 -20.53
C GLU A 163 1.62 31.43 -20.71
N LEU A 164 2.40 30.74 -19.87
CA LEU A 164 2.43 29.29 -19.91
C LEU A 164 1.11 28.71 -19.43
N VAL A 165 0.62 29.22 -18.30
CA VAL A 165 -0.65 28.77 -17.74
C VAL A 165 -1.76 28.94 -18.76
N ASP A 166 -2.10 30.19 -19.07
CA ASP A 166 -3.13 30.51 -20.06
C ASP A 166 -3.06 29.60 -21.28
N ARG A 167 -1.83 29.24 -21.67
CA ARG A 167 -1.60 28.51 -22.90
C ARG A 167 -1.91 27.02 -22.79
N TYR A 168 -1.53 26.39 -21.68
CA TYR A 168 -1.69 24.94 -21.54
C TYR A 168 -2.83 24.52 -20.62
N THR A 169 -3.46 25.48 -19.97
CA THR A 169 -4.61 25.17 -19.13
C THR A 169 -5.91 25.32 -19.92
N THR A 170 -6.84 24.40 -19.72
CA THR A 170 -8.19 24.61 -20.22
C THR A 170 -8.85 25.60 -19.29
N ASP A 171 -8.65 26.88 -19.60
CA ASP A 171 -8.98 27.96 -18.69
C ASP A 171 -10.46 28.00 -18.28
N ARG A 172 -10.67 28.38 -17.01
CA ARG A 172 -11.85 28.03 -16.23
C ARG A 172 -11.38 26.85 -15.39
N HIS A 173 -10.15 26.42 -15.66
CA HIS A 173 -9.56 25.26 -15.05
C HIS A 173 -8.05 25.34 -15.23
N ASP A 174 -7.29 24.98 -14.20
CA ASP A 174 -5.83 25.00 -14.29
C ASP A 174 -5.20 23.61 -14.18
N LEU A 175 -6.04 22.60 -13.96
CA LEU A 175 -5.57 21.23 -13.69
C LEU A 175 -4.59 20.68 -14.73
N ASP A 176 -4.92 20.85 -16.00
CA ASP A 176 -4.16 20.25 -17.09
C ASP A 176 -2.68 20.60 -17.07
N LEU A 177 -2.34 21.74 -16.48
CA LEU A 177 -0.96 22.21 -16.46
C LEU A 177 -0.05 21.36 -15.58
N GLN A 178 -0.52 21.04 -14.37
CA GLN A 178 0.28 20.26 -13.42
C GLN A 178 0.50 18.82 -13.87
N PHE A 179 -0.39 18.32 -14.71
CA PHE A 179 -0.22 16.98 -15.29
C PHE A 179 0.93 17.01 -16.31
N LEU A 180 0.99 18.10 -17.09
CA LEU A 180 2.07 18.28 -18.04
C LEU A 180 3.41 18.31 -17.30
N VAL A 181 3.45 19.02 -16.19
CA VAL A 181 4.67 19.13 -15.40
C VAL A 181 5.09 17.76 -14.89
N LYS A 182 4.14 17.03 -14.31
CA LYS A 182 4.41 15.67 -13.86
C LYS A 182 4.88 14.81 -15.02
N GLN A 183 4.11 14.86 -16.11
CA GLN A 183 4.42 14.09 -17.31
C GLN A 183 5.86 14.33 -17.75
N VAL A 184 6.22 15.60 -17.90
CA VAL A 184 7.57 15.97 -18.30
C VAL A 184 8.60 15.48 -17.29
N TYR A 185 8.36 15.75 -16.02
CA TYR A 185 9.28 15.34 -14.96
C TYR A 185 9.52 13.83 -15.00
N GLU A 186 8.43 13.07 -15.05
CA GLU A 186 8.52 11.62 -15.09
C GLU A 186 9.37 11.15 -16.27
N TYR A 187 9.22 11.83 -17.40
CA TYR A 187 9.97 11.49 -18.60
C TYR A 187 11.46 11.75 -18.42
N SER A 188 11.80 12.93 -17.89
CA SER A 188 13.20 13.30 -17.72
C SER A 188 13.95 12.30 -16.85
N ARG A 189 13.24 11.69 -15.90
CA ARG A 189 13.85 10.73 -14.98
C ARG A 189 14.32 9.47 -15.69
N SER A 190 13.92 9.30 -16.94
CA SER A 190 14.33 8.14 -17.72
C SER A 190 15.71 8.37 -18.33
N HIS A 191 16.31 9.52 -18.02
CA HIS A 191 17.61 9.89 -18.54
C HIS A 191 18.66 9.93 -17.43
N PRO A 192 19.90 9.51 -17.75
CA PRO A 192 21.01 9.49 -16.78
C PRO A 192 21.25 10.87 -16.19
N ASN A 193 20.95 11.91 -16.95
CA ASN A 193 21.10 13.28 -16.46
C ASN A 193 19.84 14.10 -16.77
N PRO A 194 18.83 13.97 -15.90
CA PRO A 194 17.49 14.56 -16.07
C PRO A 194 17.50 16.06 -16.37
N GLU A 195 18.19 16.84 -15.53
CA GLU A 195 18.17 18.30 -15.68
C GLU A 195 18.74 18.73 -17.02
N ALA A 196 19.90 18.20 -17.37
CA ALA A 196 20.53 18.48 -18.65
C ALA A 196 19.54 18.21 -19.79
N TRP A 197 18.93 17.03 -19.77
CA TRP A 197 17.95 16.65 -20.79
C TRP A 197 16.78 17.63 -20.82
N LEU A 198 16.42 18.16 -19.65
CA LEU A 198 15.33 19.13 -19.57
C LEU A 198 15.72 20.46 -20.22
N GLU A 199 16.97 20.87 -20.01
CA GLU A 199 17.47 22.10 -20.61
C GLU A 199 17.72 21.89 -22.09
N SER A 200 17.74 20.63 -22.50
CA SER A 200 17.92 20.27 -23.91
C SER A 200 16.67 20.65 -24.70
N PHE A 201 15.58 20.89 -24.00
CA PHE A 201 14.31 21.21 -24.63
C PHE A 201 14.40 22.43 -25.55
N VAL A 202 14.95 23.53 -25.03
CA VAL A 202 14.99 24.79 -25.78
C VAL A 202 15.77 24.70 -27.08
N HIS A 203 16.83 23.91 -27.10
CA HIS A 203 17.71 23.83 -28.26
C HIS A 203 16.96 23.57 -29.57
N LEU A 204 15.81 22.90 -29.46
CA LEU A 204 14.98 22.63 -30.62
C LEU A 204 14.22 23.87 -31.07
N TYR A 205 13.78 24.67 -30.09
CA TYR A 205 12.95 25.82 -30.38
C TYR A 205 13.74 27.08 -30.71
N ASP A 206 15.07 26.95 -30.70
CA ASP A 206 15.93 28.06 -31.08
C ASP A 206 16.27 27.98 -32.56
N VAL A 207 15.49 28.68 -33.38
CA VAL A 207 15.69 28.68 -34.82
C VAL A 207 15.50 30.08 -35.39
N SER A 208 15.58 30.17 -36.71
CA SER A 208 15.34 31.42 -37.42
C SER A 208 14.73 31.11 -38.78
N GLU A 209 14.12 32.10 -39.40
CA GLU A 209 13.59 31.93 -40.74
C GLU A 209 14.73 31.64 -41.70
N LYS A 210 15.95 31.82 -41.20
CA LYS A 210 17.17 31.63 -41.96
C LYS A 210 17.68 30.20 -41.81
N SER A 211 16.89 29.35 -41.17
CA SER A 211 17.33 28.00 -40.81
C SER A 211 17.01 26.96 -41.88
N ALA A 212 17.85 25.94 -41.97
CA ALA A 212 17.62 24.84 -42.89
C ALA A 212 16.84 23.73 -42.17
N ILE A 213 15.61 23.51 -42.61
CA ILE A 213 14.73 22.53 -41.97
C ILE A 213 15.24 21.12 -42.27
N GLU A 214 15.56 20.88 -43.53
CA GLU A 214 16.08 19.59 -43.96
C GLU A 214 17.32 19.21 -43.16
N GLU A 215 17.86 20.17 -42.43
CA GLU A 215 19.06 19.96 -41.62
C GLU A 215 18.74 19.44 -40.23
N LEU A 216 17.97 20.22 -39.47
CA LEU A 216 17.71 19.94 -38.05
C LEU A 216 17.13 18.56 -37.78
N PRO A 217 17.32 18.06 -36.54
CA PRO A 217 17.06 16.68 -36.10
C PRO A 217 15.69 16.11 -36.47
N PHE A 218 14.61 16.81 -36.15
CA PHE A 218 13.28 16.23 -36.28
C PHE A 218 12.86 15.95 -37.73
N TYR A 219 13.44 16.69 -38.67
CA TYR A 219 13.05 16.52 -40.07
C TYR A 219 13.34 15.11 -40.58
N GLN A 220 14.20 14.39 -39.87
CA GLN A 220 14.54 13.03 -40.24
C GLN A 220 13.27 12.19 -40.41
N TYR A 221 12.29 12.46 -39.56
CA TYR A 221 11.02 11.72 -39.59
C TYR A 221 10.03 12.30 -40.58
N VAL A 222 10.19 13.58 -40.92
CA VAL A 222 9.37 14.20 -41.95
C VAL A 222 9.80 13.66 -43.31
N LYS A 223 11.11 13.60 -43.51
CA LYS A 223 11.68 13.07 -44.74
C LYS A 223 11.16 11.66 -45.01
N GLU A 224 11.25 10.78 -44.02
CA GLU A 224 10.82 9.39 -44.17
C GLU A 224 9.31 9.28 -44.36
N ASP A 225 8.55 10.12 -43.66
CA ASP A 225 7.11 10.14 -43.81
C ASP A 225 6.73 10.47 -45.24
N ILE A 226 7.20 11.62 -45.73
CA ILE A 226 6.95 12.05 -47.09
C ILE A 226 7.28 10.95 -48.09
N ALA A 227 8.42 10.29 -47.87
CA ALA A 227 8.85 9.19 -48.71
C ALA A 227 7.76 8.13 -48.83
N MET A 228 7.37 7.55 -47.69
CA MET A 228 6.35 6.51 -47.66
C MET A 228 5.08 6.91 -48.41
N VAL A 229 4.47 8.01 -48.00
CA VAL A 229 3.22 8.46 -48.59
C VAL A 229 3.32 8.64 -50.10
N LEU A 230 4.30 9.42 -50.56
CA LEU A 230 4.48 9.64 -51.98
C LEU A 230 4.63 8.33 -52.73
N ASN A 231 5.50 7.46 -52.22
CA ASN A 231 5.70 6.14 -52.83
C ASN A 231 4.43 5.30 -52.73
N GLY A 232 3.78 5.35 -51.58
CA GLY A 232 2.54 4.64 -51.37
C GLY A 232 1.47 5.11 -52.33
N ALA A 233 1.55 6.38 -52.72
CA ALA A 233 0.62 6.92 -53.71
C ALA A 233 0.90 6.27 -55.06
N LYS A 234 2.15 6.35 -55.50
CA LYS A 234 2.56 5.80 -56.79
C LYS A 234 2.23 4.31 -56.90
N GLU A 235 2.71 3.53 -55.95
CA GLU A 235 2.47 2.08 -55.94
C GLU A 235 0.98 1.76 -55.84
N LYS A 236 0.22 2.71 -55.31
CA LYS A 236 -1.23 2.54 -55.20
C LYS A 236 -1.92 2.96 -56.50
N LEU A 237 -1.25 3.79 -57.28
CA LEU A 237 -1.76 4.20 -58.58
C LEU A 237 -1.34 3.24 -59.68
N LEU A 238 -0.11 2.76 -59.59
CA LEU A 238 0.45 1.89 -60.62
C LEU A 238 -0.49 0.73 -60.92
N ARG A 239 -1.04 0.13 -59.88
CA ARG A 239 -1.97 -0.98 -60.04
C ARG A 239 -3.18 -0.53 -60.86
N ALA A 240 -3.66 0.68 -60.58
CA ALA A 240 -4.78 1.23 -61.34
C ALA A 240 -4.44 1.20 -62.82
N LEU A 241 -3.16 1.45 -63.14
CA LEU A 241 -2.68 1.37 -64.51
C LEU A 241 -2.73 -0.06 -65.02
N GLU A 242 -2.33 -1.01 -64.19
CA GLU A 242 -2.34 -2.41 -64.57
C GLU A 242 -3.76 -2.92 -64.79
N LEU A 243 -4.72 -2.33 -64.08
CA LEU A 243 -6.12 -2.73 -64.20
C LEU A 243 -6.67 -2.35 -65.56
N THR A 244 -6.23 -1.19 -66.08
CA THR A 244 -6.70 -0.69 -67.36
C THR A 244 -8.22 -0.82 -67.49
N ASP A 255 -6.02 7.04 -69.43
CA ASP A 255 -5.15 8.19 -69.59
C ASP A 255 -5.06 9.01 -68.31
N ASN A 256 -6.16 9.05 -67.56
CA ASN A 256 -6.24 9.85 -66.34
C ASN A 256 -5.19 9.47 -65.28
N PHE A 257 -4.95 8.18 -65.13
CA PHE A 257 -3.98 7.70 -64.14
C PHE A 257 -2.58 8.22 -64.42
N LEU A 258 -2.30 8.53 -65.68
CA LEU A 258 -0.97 9.00 -66.05
C LEU A 258 -0.76 10.47 -65.67
N ASP A 259 -1.78 11.29 -65.90
CA ASP A 259 -1.72 12.69 -65.49
C ASP A 259 -1.50 12.75 -63.98
N ASP A 260 -2.11 11.80 -63.27
CA ASP A 260 -1.98 11.73 -61.82
C ASP A 260 -0.64 11.13 -61.42
N LEU A 261 -0.19 10.16 -62.20
CA LEU A 261 1.07 9.48 -61.91
C LEU A 261 2.27 10.37 -62.24
N ALA A 262 2.29 10.91 -63.46
CA ALA A 262 3.37 11.79 -63.89
C ALA A 262 3.58 12.90 -62.89
N GLN A 263 2.48 13.49 -62.42
CA GLN A 263 2.55 14.53 -61.41
C GLN A 263 3.21 14.02 -60.15
N ILE A 264 2.87 12.80 -59.75
CA ILE A 264 3.42 12.21 -58.53
C ILE A 264 4.91 11.95 -58.64
N ASP A 265 5.32 11.28 -59.72
CA ASP A 265 6.73 11.07 -59.99
C ASP A 265 7.46 12.39 -59.86
N GLU A 266 6.83 13.44 -60.37
CA GLU A 266 7.36 14.80 -60.32
C GLU A 266 7.60 15.23 -58.87
N LEU A 267 6.70 14.86 -57.98
CA LEU A 267 6.86 15.15 -56.55
C LEU A 267 7.98 14.31 -55.95
N ILE A 268 8.06 13.05 -56.38
CA ILE A 268 9.10 12.14 -55.90
C ILE A 268 10.49 12.66 -56.24
N GLN A 269 10.59 13.37 -57.36
CA GLN A 269 11.86 13.95 -57.77
C GLN A 269 12.36 14.97 -56.75
N HIS A 270 11.41 15.68 -56.13
CA HIS A 270 11.76 16.76 -55.20
C HIS A 270 11.59 16.38 -53.73
N GLN A 271 11.40 15.08 -53.45
CA GLN A 271 11.20 14.62 -52.09
C GLN A 271 12.17 15.28 -51.12
N ASP A 272 13.42 15.42 -51.55
CA ASP A 272 14.47 16.01 -50.73
C ASP A 272 14.20 17.46 -50.37
N ASP A 273 13.64 18.23 -51.30
CA ASP A 273 13.42 19.65 -51.08
C ASP A 273 12.05 19.93 -50.46
N PHE A 274 12.06 20.34 -49.19
CA PHE A 274 10.82 20.63 -48.46
C PHE A 274 10.18 21.92 -48.97
N SER A 275 11.02 22.88 -49.33
CA SER A 275 10.56 24.18 -49.81
C SER A 275 9.91 24.06 -51.18
N GLU A 276 10.46 23.20 -52.02
CA GLU A 276 9.91 22.97 -53.36
C GLU A 276 8.56 22.29 -53.23
N LEU A 277 8.47 21.33 -52.30
CA LEU A 277 7.23 20.63 -52.04
C LEU A 277 6.13 21.61 -51.65
N TYR A 278 6.51 22.67 -50.94
CA TYR A 278 5.53 23.69 -50.55
C TYR A 278 4.98 24.42 -51.77
N LYS A 279 5.80 24.49 -52.82
CA LYS A 279 5.37 25.09 -54.07
C LYS A 279 4.48 24.12 -54.86
N ARG A 280 4.93 22.88 -54.95
CA ARG A 280 4.24 21.87 -55.76
C ARG A 280 3.04 21.25 -55.03
N VAL A 281 3.34 20.47 -54.00
CA VAL A 281 2.32 19.68 -53.29
C VAL A 281 0.96 20.35 -53.12
N PRO A 282 0.94 21.59 -52.59
CA PRO A 282 -0.35 22.24 -52.37
C PRO A 282 -1.12 22.50 -53.67
N ALA A 283 -0.44 23.07 -54.65
CA ALA A 283 -1.09 23.48 -55.89
C ALA A 283 -1.39 22.30 -56.83
N VAL A 284 -0.34 21.75 -57.42
CA VAL A 284 -0.49 20.72 -58.45
C VAL A 284 -1.41 19.59 -58.02
N SER A 285 -1.11 19.01 -56.86
CA SER A 285 -1.89 17.92 -56.29
C SER A 285 -3.33 17.91 -56.78
N ASP A 298 -15.66 -4.70 -66.05
CA ASP A 298 -16.26 -5.32 -64.88
C ASP A 298 -16.47 -4.33 -63.76
N PRO A 299 -17.73 -4.17 -63.31
CA PRO A 299 -18.13 -3.24 -62.26
C PRO A 299 -17.31 -3.43 -60.98
N ALA A 300 -16.70 -4.60 -60.83
CA ALA A 300 -15.84 -4.86 -59.67
C ALA A 300 -14.52 -4.12 -59.81
N LEU A 301 -13.75 -4.48 -60.83
CA LEU A 301 -12.44 -3.89 -61.05
C LEU A 301 -12.56 -2.44 -61.54
N LEU A 302 -13.73 -2.09 -62.04
CA LEU A 302 -13.97 -0.74 -62.56
C LEU A 302 -14.20 0.28 -61.45
N ASP A 303 -15.02 -0.11 -60.47
CA ASP A 303 -15.35 0.78 -59.36
C ASP A 303 -14.34 0.66 -58.23
N GLU A 304 -13.55 -0.40 -58.26
CA GLU A 304 -12.52 -0.61 -57.25
C GLU A 304 -11.22 0.06 -57.65
N ALA A 305 -11.12 0.40 -58.93
CA ALA A 305 -9.96 1.11 -59.45
C ALA A 305 -10.07 2.61 -59.19
N THR A 306 -11.30 3.06 -58.93
CA THR A 306 -11.53 4.46 -58.61
C THR A 306 -11.18 4.72 -57.14
N ASP A 307 -11.23 3.67 -56.34
CA ASP A 307 -10.86 3.76 -54.93
C ASP A 307 -9.35 3.91 -54.80
N LEU A 308 -8.60 3.14 -55.58
CA LEU A 308 -7.15 3.22 -55.58
C LEU A 308 -6.69 4.59 -56.07
N ARG A 309 -7.58 5.28 -56.79
CA ARG A 309 -7.31 6.64 -57.26
C ARG A 309 -7.67 7.63 -56.17
N ASN A 310 -8.70 7.30 -55.40
CA ASN A 310 -9.08 8.11 -54.26
C ASN A 310 -8.03 8.00 -53.16
N GLY A 311 -7.34 6.86 -53.15
CA GLY A 311 -6.24 6.65 -52.24
C GLY A 311 -5.18 7.71 -52.43
N ALA A 312 -4.83 7.96 -53.68
CA ALA A 312 -3.89 9.04 -54.00
C ALA A 312 -4.36 10.34 -53.37
N LYS A 313 -5.56 10.76 -53.75
CA LYS A 313 -6.13 12.00 -53.22
C LYS A 313 -6.03 12.07 -51.71
N LYS A 314 -6.57 11.05 -51.03
CA LYS A 314 -6.56 11.02 -49.58
C LYS A 314 -5.15 11.12 -49.01
N LEU A 315 -4.23 10.30 -49.52
CA LEU A 315 -2.85 10.32 -49.06
C LEU A 315 -2.17 11.65 -49.35
N LEU A 316 -2.31 12.12 -50.58
CA LEU A 316 -1.70 13.36 -51.01
C LEU A 316 -2.30 14.55 -50.28
N GLU A 317 -3.57 14.45 -49.92
CA GLU A 317 -4.27 15.52 -49.23
C GLU A 317 -3.85 15.63 -47.77
N LYS A 318 -3.72 14.48 -47.10
CA LYS A 318 -3.25 14.46 -45.72
C LYS A 318 -1.83 14.99 -45.67
N LEU A 319 -1.06 14.69 -46.70
CA LEU A 319 0.31 15.16 -46.83
C LEU A 319 0.35 16.68 -46.92
N LYS A 320 -0.58 17.25 -47.68
CA LYS A 320 -0.64 18.69 -47.88
C LYS A 320 -1.01 19.41 -46.58
N THR A 321 -2.07 18.94 -45.94
CA THR A 321 -2.54 19.54 -44.69
C THR A 321 -1.46 19.48 -43.61
N ASP A 322 -0.82 18.32 -43.49
CA ASP A 322 0.22 18.12 -42.49
C ASP A 322 1.33 19.17 -42.55
N TYR A 323 2.02 19.21 -43.68
CA TYR A 323 3.25 20.00 -43.81
C TYR A 323 3.14 21.29 -44.61
N PHE A 324 2.29 21.32 -45.63
CA PHE A 324 2.37 22.38 -46.63
C PHE A 324 1.23 23.40 -46.65
N THR A 325 0.40 23.41 -45.62
CA THR A 325 -0.67 24.40 -45.52
C THR A 325 -0.10 25.78 -45.21
N ARG A 326 1.05 25.79 -44.52
CA ARG A 326 1.74 27.04 -44.22
C ARG A 326 3.22 26.93 -44.59
N SER A 327 3.79 28.04 -45.05
CA SER A 327 5.14 28.04 -45.60
C SER A 327 6.20 27.52 -44.63
N PRO A 328 7.32 27.03 -45.18
CA PRO A 328 8.47 26.60 -44.37
C PRO A 328 8.97 27.74 -43.49
N GLU A 329 8.86 28.97 -43.98
CA GLU A 329 9.26 30.14 -43.21
C GLU A 329 8.25 30.40 -42.08
N GLN A 330 6.97 30.21 -42.37
CA GLN A 330 5.93 30.38 -41.36
C GLN A 330 6.09 29.36 -40.24
N HIS A 331 6.34 28.11 -40.60
CA HIS A 331 6.57 27.06 -39.61
C HIS A 331 7.74 27.43 -38.72
N LEU A 332 8.75 28.08 -39.30
CA LEU A 332 9.93 28.47 -38.55
C LEU A 332 9.63 29.56 -37.53
N LYS A 333 8.94 30.61 -37.96
CA LYS A 333 8.56 31.69 -37.05
C LYS A 333 7.69 31.14 -35.91
N SER A 334 6.73 30.29 -36.27
CA SER A 334 5.85 29.67 -35.29
C SER A 334 6.66 29.02 -34.18
N LEU A 335 7.71 28.31 -34.57
CA LEU A 335 8.55 27.59 -33.62
C LEU A 335 9.43 28.51 -32.79
N ALA A 336 9.97 29.55 -33.43
CA ALA A 336 10.85 30.48 -32.75
C ALA A 336 10.11 31.37 -31.76
N GLU A 337 8.79 31.45 -31.92
CA GLU A 337 7.95 32.23 -31.01
C GLU A 337 7.62 31.45 -29.75
N MET A 338 7.65 30.13 -29.85
CA MET A 338 7.29 29.27 -28.72
C MET A 338 8.43 29.12 -27.71
N LYS A 339 9.63 29.52 -28.11
CA LYS A 339 10.82 29.36 -27.27
C LYS A 339 10.65 29.94 -25.86
N PRO A 340 10.20 31.20 -25.75
CA PRO A 340 10.02 31.80 -24.42
C PRO A 340 9.12 30.95 -23.53
N VAL A 341 8.11 30.33 -24.11
CA VAL A 341 7.18 29.48 -23.36
C VAL A 341 7.87 28.19 -22.91
N ILE A 342 8.54 27.54 -23.85
CA ILE A 342 9.27 26.30 -23.55
C ILE A 342 10.26 26.51 -22.42
N GLU A 343 10.91 27.67 -22.39
CA GLU A 343 11.85 27.99 -21.33
C GLU A 343 11.14 28.05 -19.98
N THR A 344 10.03 28.80 -19.95
CA THR A 344 9.25 28.94 -18.73
C THR A 344 8.80 27.58 -18.22
N LEU A 345 8.31 26.75 -19.13
CA LEU A 345 7.85 25.40 -18.81
C LEU A 345 8.96 24.56 -18.20
N VAL A 346 10.13 24.57 -18.85
CA VAL A 346 11.28 23.82 -18.37
C VAL A 346 11.67 24.17 -16.94
N GLN A 347 11.94 25.45 -16.70
CA GLN A 347 12.33 25.90 -15.37
C GLN A 347 11.28 25.56 -14.33
N LEU A 348 10.02 25.42 -14.76
CA LEU A 348 8.96 25.02 -13.85
C LEU A 348 9.18 23.58 -13.40
N VAL A 349 9.31 22.68 -14.37
CA VAL A 349 9.55 21.28 -14.09
C VAL A 349 10.78 21.10 -13.19
N ILE A 350 11.80 21.91 -13.44
CA ILE A 350 13.02 21.86 -12.63
C ILE A 350 12.72 22.28 -11.20
N SER A 351 11.99 23.37 -11.03
CA SER A 351 11.61 23.84 -9.70
C SER A 351 10.76 22.80 -8.99
N TYR A 352 9.91 22.11 -9.75
CA TYR A 352 9.10 21.04 -9.19
C TYR A 352 10.00 19.95 -8.62
N GLY A 353 10.88 19.41 -9.46
CA GLY A 353 11.80 18.36 -9.06
C GLY A 353 12.55 18.69 -7.78
N LYS A 354 13.06 19.91 -7.69
CA LYS A 354 13.78 20.35 -6.51
C LYS A 354 12.91 20.26 -5.25
N ARG A 355 11.71 20.82 -5.33
CA ARG A 355 10.78 20.78 -4.20
C ARG A 355 10.40 19.35 -3.85
N PHE A 356 10.15 18.54 -4.89
CA PHE A 356 9.77 17.15 -4.71
C PHE A 356 10.84 16.40 -3.92
N GLU A 357 12.08 16.50 -4.38
CA GLU A 357 13.20 15.85 -3.73
C GLU A 357 13.35 16.32 -2.29
N ALA A 358 13.11 17.60 -2.08
CA ALA A 358 13.21 18.19 -0.75
C ALA A 358 12.17 17.61 0.20
N ALA A 359 10.94 17.47 -0.29
CA ALA A 359 9.86 16.92 0.51
C ALA A 359 10.18 15.50 0.98
N LYS A 360 10.69 14.69 0.07
CA LYS A 360 11.09 13.33 0.39
C LYS A 360 12.16 13.31 1.49
N GLN A 361 13.19 14.15 1.30
CA GLN A 361 14.28 14.24 2.26
C GLN A 361 13.77 14.47 3.67
N GLU A 362 12.89 15.45 3.82
CA GLU A 362 12.31 15.77 5.12
C GLU A 362 11.77 14.51 5.78
N LYS A 363 11.07 13.70 5.00
CA LYS A 363 10.46 12.47 5.52
C LYS A 363 11.35 11.26 5.28
N SER A 364 12.61 11.50 4.97
CA SER A 364 13.57 10.43 4.72
C SER A 364 12.99 9.42 3.75
N ILE A 365 12.65 9.88 2.55
CA ILE A 365 11.94 9.06 1.57
C ILE A 365 12.62 9.09 0.21
N ILE A 366 12.53 7.96 -0.50
CA ILE A 366 12.99 7.91 -1.88
C ILE A 366 11.98 7.16 -2.74
N ASP A 367 12.02 7.41 -4.05
CA ASP A 367 11.18 6.70 -5.00
C ASP A 367 11.92 5.48 -5.52
N PHE A 368 11.32 4.81 -6.50
CA PHE A 368 12.03 3.77 -7.24
C PHE A 368 12.94 4.43 -8.26
N SER A 369 12.55 5.63 -8.70
CA SER A 369 13.40 6.44 -9.55
C SER A 369 14.65 6.86 -8.79
N ASP A 370 14.44 7.35 -7.58
CA ASP A 370 15.54 7.77 -6.71
C ASP A 370 16.52 6.63 -6.49
N LEU A 371 15.98 5.41 -6.39
CA LEU A 371 16.79 4.23 -6.14
C LEU A 371 17.86 4.06 -7.22
N GLU A 372 17.49 4.26 -8.47
CA GLU A 372 18.42 4.12 -9.58
C GLU A 372 19.34 5.33 -9.69
N HIS A 373 18.79 6.52 -9.45
CA HIS A 373 19.55 7.76 -9.57
C HIS A 373 20.52 7.96 -8.42
N TYR A 374 20.11 7.55 -7.21
CA TYR A 374 20.99 7.65 -6.06
C TYR A 374 22.10 6.60 -6.15
N CYS A 375 21.81 5.50 -6.84
CA CYS A 375 22.82 4.49 -7.10
C CYS A 375 23.82 5.02 -8.12
N LEU A 376 23.30 5.67 -9.16
CA LEU A 376 24.14 6.26 -10.18
C LEU A 376 24.99 7.39 -9.59
N ALA A 377 24.41 8.13 -8.67
CA ALA A 377 25.14 9.20 -7.99
C ALA A 377 26.34 8.63 -7.25
N ILE A 378 26.12 7.53 -6.54
CA ILE A 378 27.18 6.87 -5.78
C ILE A 378 28.26 6.32 -6.70
N LEU A 379 27.86 5.68 -7.79
CA LEU A 379 28.80 5.05 -8.70
C LEU A 379 29.61 6.07 -9.50
N THR A 380 29.07 7.27 -9.67
CA THR A 380 29.79 8.33 -10.38
C THR A 380 30.23 9.44 -9.42
N ALA A 381 31.54 9.59 -9.26
CA ALA A 381 32.07 10.74 -8.54
C ALA A 381 32.79 11.64 -9.52
N GLU A 382 32.08 12.65 -10.01
CA GLU A 382 32.66 13.53 -11.03
C GLU A 382 33.19 14.84 -10.48
N ASN A 383 34.40 15.18 -10.89
CA ASN A 383 35.00 16.46 -10.58
C ASN A 383 35.67 17.05 -11.82
N ASP A 384 36.08 18.31 -11.74
CA ASP A 384 36.78 18.94 -12.85
C ASP A 384 38.03 19.68 -12.39
N ARG A 388 33.84 13.04 -15.90
CA ARG A 388 33.05 11.90 -15.44
C ARG A 388 33.95 10.78 -14.92
N GLU A 389 33.87 10.52 -13.63
CA GLU A 389 34.72 9.52 -12.98
C GLU A 389 33.92 8.37 -12.37
N PRO A 390 34.21 7.13 -12.81
CA PRO A 390 33.71 5.92 -12.13
C PRO A 390 34.29 5.88 -10.72
N SER A 391 33.50 6.34 -9.76
CA SER A 391 33.97 6.58 -8.41
C SER A 391 34.58 5.34 -7.76
N GLU A 392 35.19 5.56 -6.61
CA GLU A 392 35.78 4.47 -5.84
C GLU A 392 34.76 3.39 -5.54
N ALA A 393 33.51 3.80 -5.32
CA ALA A 393 32.44 2.84 -5.10
C ALA A 393 32.32 1.91 -6.29
N ALA A 394 32.31 2.49 -7.48
CA ALA A 394 32.22 1.70 -8.72
C ALA A 394 33.46 0.84 -8.89
N ARG A 395 34.61 1.37 -8.50
CA ARG A 395 35.86 0.63 -8.57
C ARG A 395 35.78 -0.62 -7.72
N PHE A 396 35.05 -0.53 -6.61
CA PHE A 396 34.88 -1.67 -5.71
C PHE A 396 34.10 -2.79 -6.38
N TYR A 397 32.98 -2.44 -7.01
CA TYR A 397 32.13 -3.43 -7.65
C TYR A 397 32.76 -4.03 -8.91
N GLN A 398 33.55 -3.22 -9.62
CA GLN A 398 34.26 -3.69 -10.80
C GLN A 398 35.26 -4.77 -10.39
N GLU A 399 35.86 -4.57 -9.22
CA GLU A 399 36.78 -5.55 -8.64
C GLU A 399 36.04 -6.81 -8.22
N GLN A 400 34.99 -6.60 -7.42
CA GLN A 400 34.24 -7.71 -6.84
C GLN A 400 33.61 -8.63 -7.88
N PHE A 401 33.05 -8.02 -8.92
CA PHE A 401 32.33 -8.79 -9.94
C PHE A 401 33.24 -9.17 -11.11
N HIS A 402 33.59 -10.46 -11.18
CA HIS A 402 34.37 -10.97 -12.29
C HIS A 402 33.53 -11.00 -13.56
N GLU A 403 32.21 -11.11 -13.36
CA GLU A 403 31.27 -11.08 -14.48
C GLU A 403 29.89 -10.60 -14.03
N VAL A 404 29.18 -9.98 -14.96
CA VAL A 404 27.82 -9.48 -14.69
C VAL A 404 26.84 -10.04 -15.72
N LEU A 405 25.72 -10.58 -15.25
CA LEU A 405 24.70 -11.15 -16.13
C LEU A 405 23.39 -10.41 -16.01
N VAL A 406 22.84 -9.98 -17.15
CA VAL A 406 21.59 -9.23 -17.18
C VAL A 406 20.55 -9.90 -18.06
N ASP A 407 19.42 -10.27 -17.46
CA ASP A 407 18.33 -10.90 -18.18
C ASP A 407 17.40 -9.83 -18.77
N GLU A 408 16.48 -10.24 -19.62
CA GLU A 408 15.47 -9.33 -20.18
C GLU A 408 16.09 -8.00 -20.58
N TYR A 409 17.23 -8.06 -21.27
CA TYR A 409 18.02 -6.86 -21.57
C TYR A 409 17.29 -5.87 -22.48
N GLN A 410 16.34 -6.36 -23.27
CA GLN A 410 15.63 -5.52 -24.21
C GLN A 410 14.77 -4.47 -23.50
N ASP A 411 14.55 -4.69 -22.21
CA ASP A 411 13.70 -3.80 -21.42
C ASP A 411 14.52 -2.90 -20.49
N THR A 412 15.81 -2.81 -20.77
CA THR A 412 16.70 -1.96 -19.98
C THR A 412 16.49 -0.49 -20.35
N ASN A 413 16.67 0.39 -19.37
CA ASN A 413 16.58 1.83 -19.62
C ASN A 413 17.97 2.43 -19.76
N LEU A 414 18.05 3.75 -19.90
CA LEU A 414 19.34 4.42 -20.04
C LEU A 414 20.06 4.53 -18.71
N VAL A 415 19.31 4.76 -17.64
CA VAL A 415 19.87 4.90 -16.30
C VAL A 415 20.48 3.59 -15.81
N GLN A 416 19.69 2.51 -15.87
CA GLN A 416 20.16 1.17 -15.56
C GLN A 416 21.43 0.84 -16.35
N GLU A 417 21.37 1.06 -17.66
CA GLU A 417 22.50 0.76 -18.53
C GLU A 417 23.75 1.49 -18.10
N SER A 418 23.60 2.76 -17.73
CA SER A 418 24.73 3.55 -17.28
C SER A 418 25.20 3.06 -15.92
N ILE A 419 24.29 2.39 -15.20
CA ILE A 419 24.65 1.74 -13.96
C ILE A 419 25.39 0.44 -14.25
N LEU A 420 24.88 -0.31 -15.23
CA LEU A 420 25.52 -1.56 -15.65
C LEU A 420 26.93 -1.33 -16.14
N GLN A 421 27.08 -0.41 -17.10
CA GLN A 421 28.40 -0.09 -17.63
C GLN A 421 29.32 0.45 -16.54
N LEU A 422 28.73 0.82 -15.43
CA LEU A 422 29.50 1.41 -14.34
C LEU A 422 30.07 0.35 -13.39
N VAL A 423 29.35 -0.75 -13.23
CA VAL A 423 29.82 -1.85 -12.38
C VAL A 423 30.55 -2.90 -13.19
N THR A 424 30.31 -2.93 -14.49
CA THR A 424 31.06 -3.81 -15.38
C THR A 424 32.45 -3.24 -15.55
N SER A 425 33.46 -4.10 -15.48
CA SER A 425 34.84 -3.66 -15.60
C SER A 425 35.40 -3.96 -16.99
N GLY A 426 35.94 -2.94 -17.63
CA GLY A 426 36.58 -3.12 -18.92
C GLY A 426 35.80 -2.56 -20.09
N PRO A 427 36.52 -2.07 -21.11
CA PRO A 427 35.93 -1.58 -22.36
C PRO A 427 35.25 -2.71 -23.11
N GLU A 428 34.26 -2.36 -23.93
CA GLU A 428 33.44 -3.35 -24.62
C GLU A 428 34.22 -4.48 -25.29
N GLU A 429 35.30 -4.13 -25.99
CA GLU A 429 36.13 -5.11 -26.69
C GLU A 429 36.51 -6.26 -25.77
N THR A 430 36.84 -5.93 -24.53
CA THR A 430 37.02 -6.92 -23.48
C THR A 430 35.87 -6.74 -22.50
N GLY A 431 36.06 -7.18 -21.27
CA GLY A 431 35.07 -6.93 -20.24
C GLY A 431 34.11 -8.07 -19.95
N ASN A 432 33.33 -7.90 -18.89
CA ASN A 432 32.54 -8.97 -18.31
C ASN A 432 31.03 -8.78 -18.39
N LEU A 433 30.57 -7.96 -19.34
CA LEU A 433 29.13 -7.75 -19.50
C LEU A 433 28.48 -8.87 -20.31
N PHE A 434 27.54 -9.57 -19.70
CA PHE A 434 26.84 -10.66 -20.34
C PHE A 434 25.33 -10.41 -20.26
N MET A 435 24.71 -10.27 -21.43
CA MET A 435 23.30 -9.88 -21.50
C MET A 435 22.49 -10.79 -22.40
N VAL A 436 21.29 -11.12 -21.97
CA VAL A 436 20.41 -12.01 -22.72
C VAL A 436 19.03 -11.38 -22.87
N GLY A 437 18.35 -11.69 -23.98
CA GLY A 437 17.03 -11.16 -24.23
C GLY A 437 16.64 -11.29 -25.68
N ASP A 438 15.53 -10.66 -26.04
CA ASP A 438 15.06 -10.67 -27.43
C ASP A 438 14.26 -9.41 -27.74
N VAL A 439 14.77 -8.61 -28.67
CA VAL A 439 14.08 -7.39 -29.07
C VAL A 439 12.67 -7.70 -29.53
N LYS A 440 12.52 -8.83 -30.22
CA LYS A 440 11.22 -9.27 -30.72
C LYS A 440 10.23 -9.44 -29.58
N GLN A 441 10.75 -9.65 -28.38
CA GLN A 441 9.89 -9.83 -27.21
C GLN A 441 9.84 -8.58 -26.33
N SER A 442 10.33 -7.46 -26.85
CA SER A 442 10.24 -6.20 -26.12
C SER A 442 8.85 -5.63 -26.28
N ILE A 443 8.09 -5.61 -25.19
CA ILE A 443 6.71 -5.12 -25.22
C ILE A 443 6.47 -3.96 -24.24
N TYR A 444 7.51 -3.55 -23.53
CA TYR A 444 7.38 -2.46 -22.59
C TYR A 444 8.19 -1.22 -23.01
N ARG A 445 7.61 -0.41 -23.88
CA ARG A 445 8.24 0.86 -24.26
C ARG A 445 7.49 2.00 -23.60
N PHE A 446 6.27 1.71 -23.12
CA PHE A 446 5.45 2.75 -22.51
C PHE A 446 5.97 3.07 -21.12
N ARG A 447 6.83 2.18 -20.62
CA ARG A 447 7.52 2.41 -19.35
C ARG A 447 8.91 3.02 -19.61
N LEU A 448 9.15 3.34 -20.89
CA LEU A 448 10.37 4.03 -21.31
C LEU A 448 11.60 3.12 -21.35
N ALA A 449 11.39 1.85 -21.64
CA ALA A 449 12.50 0.94 -21.90
C ALA A 449 12.95 1.11 -23.34
N GLU A 450 14.26 1.04 -23.59
CA GLU A 450 14.78 1.29 -24.92
C GLU A 450 15.50 0.09 -25.52
N PRO A 451 14.78 -0.72 -26.30
CA PRO A 451 15.33 -1.91 -26.97
C PRO A 451 16.39 -1.55 -28.02
N LEU A 452 16.44 -0.29 -28.44
CA LEU A 452 17.47 0.16 -29.37
C LEU A 452 18.84 -0.02 -28.76
N LEU A 453 18.89 -0.06 -27.44
CA LEU A 453 20.13 -0.27 -26.71
C LEU A 453 20.63 -1.67 -26.98
N PHE A 454 19.71 -2.64 -26.91
CA PHE A 454 20.00 -4.03 -27.19
C PHE A 454 20.31 -4.19 -28.68
N LEU A 455 19.51 -3.55 -29.51
CA LEU A 455 19.60 -3.71 -30.95
C LEU A 455 20.84 -3.03 -31.53
N SER A 456 21.25 -1.92 -30.93
CA SER A 456 22.44 -1.22 -31.38
C SER A 456 23.69 -2.05 -31.12
N LYS A 457 23.65 -2.87 -30.07
CA LYS A 457 24.77 -3.73 -29.74
C LYS A 457 24.78 -4.97 -30.63
N TYR A 458 23.60 -5.45 -31.00
CA TYR A 458 23.49 -6.61 -31.87
C TYR A 458 24.07 -6.34 -33.25
N LYS A 459 23.91 -5.12 -33.72
CA LYS A 459 24.46 -4.72 -35.01
C LYS A 459 25.95 -4.42 -34.89
N ARG A 460 26.37 -3.99 -33.71
CA ARG A 460 27.75 -3.62 -33.45
C ARG A 460 28.60 -4.85 -33.15
N PHE A 461 27.93 -5.94 -32.78
CA PHE A 461 28.62 -7.17 -32.41
C PHE A 461 28.66 -8.15 -33.58
N THR A 462 29.69 -9.00 -33.57
CA THR A 462 29.86 -10.00 -34.61
C THR A 462 29.61 -11.39 -34.05
N GLU A 463 29.23 -12.34 -34.91
CA GLU A 463 28.93 -13.69 -34.45
C GLU A 463 30.13 -14.39 -33.83
N SER A 464 31.32 -14.14 -34.39
CA SER A 464 32.57 -14.53 -33.75
C SER A 464 32.93 -13.39 -32.80
N GLY A 465 34.03 -13.53 -32.07
CA GLY A 465 34.38 -12.53 -31.08
C GLY A 465 35.54 -11.63 -31.41
N GLU A 466 35.94 -11.60 -32.68
CA GLU A 466 37.10 -10.81 -33.12
C GLU A 466 37.05 -9.36 -32.66
N GLY A 467 37.94 -9.02 -31.74
CA GLY A 467 38.11 -7.66 -31.26
C GLY A 467 36.82 -6.86 -31.09
N THR A 468 35.75 -7.53 -30.68
CA THR A 468 34.46 -6.87 -30.51
C THR A 468 33.53 -7.70 -29.63
N GLY A 469 32.33 -7.19 -29.38
CA GLY A 469 31.34 -7.91 -28.62
C GLY A 469 30.85 -9.14 -29.35
N ARG A 470 30.90 -10.29 -28.68
CA ARG A 470 30.44 -11.55 -29.28
C ARG A 470 28.94 -11.68 -29.12
N LYS A 471 28.25 -11.90 -30.24
CA LYS A 471 26.81 -12.12 -30.20
C LYS A 471 26.46 -13.57 -30.56
N ILE A 472 25.38 -14.06 -29.98
CA ILE A 472 24.96 -15.45 -30.17
C ILE A 472 23.45 -15.54 -30.29
N ASP A 473 22.98 -16.40 -31.19
CA ASP A 473 21.55 -16.56 -31.42
C ASP A 473 21.05 -17.91 -30.93
N LEU A 474 19.89 -17.92 -30.27
CA LEU A 474 19.26 -19.16 -29.87
C LEU A 474 17.93 -19.33 -30.60
N ASN A 475 17.95 -20.10 -31.68
CA ASN A 475 16.78 -20.29 -32.52
C ASN A 475 15.88 -21.43 -32.07
N LYS A 476 16.49 -22.54 -31.65
CA LYS A 476 15.75 -23.74 -31.30
C LYS A 476 14.73 -23.53 -30.20
N ASN A 477 13.47 -23.83 -30.51
CA ASN A 477 12.40 -23.79 -29.52
C ASN A 477 12.08 -25.21 -29.05
N PHE A 478 12.57 -25.55 -27.86
CA PHE A 478 12.44 -26.90 -27.33
C PHE A 478 11.07 -27.10 -26.68
N ARG A 479 10.26 -26.06 -26.68
CA ARG A 479 9.04 -26.05 -25.88
C ARG A 479 7.73 -26.15 -26.65
N SER A 480 7.74 -25.77 -27.92
CA SER A 480 6.50 -25.64 -28.68
C SER A 480 6.41 -26.59 -29.87
N ARG A 481 5.19 -26.83 -30.32
CA ARG A 481 4.94 -27.71 -31.46
C ARG A 481 5.29 -27.04 -32.78
N ALA A 482 5.48 -27.85 -33.81
CA ALA A 482 5.91 -27.35 -35.12
C ALA A 482 4.95 -26.33 -35.74
N ASP A 483 3.67 -26.69 -35.81
CA ASP A 483 2.68 -25.83 -36.45
C ASP A 483 2.67 -24.40 -35.91
N ILE A 484 2.91 -24.27 -34.61
CA ILE A 484 2.99 -22.95 -33.99
C ILE A 484 4.16 -22.15 -34.54
N LEU A 485 5.36 -22.70 -34.39
CA LEU A 485 6.56 -22.04 -34.88
C LEU A 485 6.41 -21.68 -36.35
N ASP A 486 5.81 -22.58 -37.12
CA ASP A 486 5.57 -22.35 -38.54
C ASP A 486 4.56 -21.24 -38.78
N SER A 487 3.49 -21.23 -38.00
CA SER A 487 2.48 -20.19 -38.12
C SER A 487 3.04 -18.84 -37.71
N THR A 488 3.75 -18.82 -36.57
CA THR A 488 4.35 -17.59 -36.06
C THR A 488 5.44 -17.09 -37.01
N ASN A 489 6.25 -18.00 -37.53
CA ASN A 489 7.30 -17.65 -38.48
C ASN A 489 6.73 -17.16 -39.80
N PHE A 490 5.63 -17.74 -40.23
CA PHE A 490 5.00 -17.37 -41.49
C PHE A 490 4.38 -15.98 -41.45
N LEU A 491 3.82 -15.63 -40.30
CA LEU A 491 3.16 -14.33 -40.13
C LEU A 491 4.16 -13.19 -40.07
N PHE A 492 5.12 -13.28 -39.16
CA PHE A 492 6.04 -12.18 -38.90
C PHE A 492 7.11 -12.01 -39.98
N LYS A 493 7.26 -13.02 -40.84
CA LYS A 493 8.14 -12.91 -41.99
C LYS A 493 7.60 -11.84 -42.93
N GLN A 494 6.28 -11.71 -42.95
CA GLN A 494 5.60 -10.77 -43.83
C GLN A 494 5.24 -9.49 -43.09
N LEU A 495 5.46 -9.46 -41.79
CA LEU A 495 5.03 -8.34 -40.96
C LEU A 495 6.20 -7.60 -40.30
N MET A 496 6.99 -8.31 -39.52
CA MET A 496 8.11 -7.69 -38.82
C MET A 496 9.28 -7.39 -39.76
N GLY A 497 9.61 -6.11 -39.86
CA GLY A 497 10.70 -5.68 -40.70
C GLY A 497 10.69 -4.17 -40.92
N GLY A 498 11.83 -3.62 -41.29
CA GLY A 498 11.94 -2.20 -41.57
C GLY A 498 11.61 -1.31 -40.39
N LYS A 499 10.78 -0.31 -40.63
CA LYS A 499 10.45 0.68 -39.61
C LYS A 499 9.26 0.24 -38.75
N ILE A 500 8.50 -0.73 -39.24
CA ILE A 500 7.34 -1.23 -38.52
C ILE A 500 7.70 -2.43 -37.63
N GLY A 501 8.80 -3.08 -37.96
CA GLY A 501 9.31 -4.15 -37.12
C GLY A 501 10.55 -3.70 -36.36
N GLU A 502 11.22 -2.69 -36.90
CA GLU A 502 12.47 -2.19 -36.34
C GLU A 502 13.58 -3.24 -36.42
N VAL A 503 13.21 -4.46 -36.74
CA VAL A 503 14.15 -5.57 -36.80
C VAL A 503 13.92 -6.40 -38.06
N ASP A 504 15.00 -6.79 -38.72
CA ASP A 504 14.92 -7.63 -39.90
C ASP A 504 14.62 -9.07 -39.53
N TYR A 505 13.49 -9.58 -40.01
CA TYR A 505 13.10 -10.95 -39.74
C TYR A 505 13.71 -11.87 -40.78
N ASP A 506 14.60 -12.76 -40.34
CA ASP A 506 15.35 -13.61 -41.24
C ASP A 506 15.73 -14.92 -40.55
N GLU A 507 16.57 -15.71 -41.20
CA GLU A 507 17.09 -16.92 -40.56
C GLU A 507 18.12 -16.50 -39.53
N GLN A 508 18.32 -17.36 -38.52
CA GLN A 508 19.12 -17.02 -37.34
C GLN A 508 18.26 -16.14 -36.43
N ALA A 509 17.08 -15.80 -36.93
CA ALA A 509 16.08 -15.07 -36.15
C ALA A 509 14.83 -15.94 -36.07
N GLU A 510 14.45 -16.53 -37.20
CA GLU A 510 13.27 -17.39 -37.26
C GLU A 510 13.38 -18.53 -36.25
N LEU A 511 12.26 -18.87 -35.63
CA LEU A 511 12.21 -19.97 -34.68
C LEU A 511 12.54 -21.28 -35.38
N LYS A 512 13.10 -22.23 -34.63
CA LYS A 512 13.42 -23.54 -35.18
C LYS A 512 12.96 -24.67 -34.28
N LEU A 513 12.59 -25.79 -34.89
CA LEU A 513 12.00 -26.91 -34.16
C LEU A 513 13.03 -27.67 -33.32
N GLY A 514 12.74 -27.81 -32.04
CA GLY A 514 13.53 -28.61 -31.13
C GLY A 514 12.67 -29.54 -30.30
N ALA A 515 11.36 -29.46 -30.51
CA ALA A 515 10.42 -30.28 -29.75
C ALA A 515 10.32 -31.68 -30.34
N ALA A 516 10.08 -32.66 -29.46
CA ALA A 516 9.95 -34.05 -29.87
C ALA A 516 8.49 -34.46 -29.97
N TYR A 517 7.61 -33.46 -29.98
CA TYR A 517 6.16 -33.70 -30.03
C TYR A 517 5.79 -34.75 -31.07
N PRO A 518 4.99 -35.74 -30.65
CA PRO A 518 4.53 -36.79 -31.55
C PRO A 518 3.58 -36.23 -32.61
N ASP A 519 3.67 -36.74 -33.82
CA ASP A 519 2.84 -36.24 -34.92
C ASP A 519 1.36 -36.53 -34.69
N ASN A 520 0.60 -35.48 -34.45
CA ASN A 520 -0.86 -35.56 -34.34
C ASN A 520 -1.47 -34.36 -35.05
N ASP A 521 -2.76 -34.44 -35.36
CA ASP A 521 -3.42 -33.37 -36.09
C ASP A 521 -4.39 -32.57 -35.23
N GLU A 522 -5.23 -31.78 -35.88
CA GLU A 522 -6.09 -30.80 -35.20
C GLU A 522 -5.24 -29.83 -34.38
N THR A 523 -3.99 -29.67 -34.81
CA THR A 523 -3.06 -28.74 -34.19
C THR A 523 -2.93 -27.48 -35.04
N GLU A 524 -3.73 -27.42 -36.10
CA GLU A 524 -3.71 -26.31 -37.04
C GLU A 524 -4.22 -25.01 -36.43
N THR A 525 -3.51 -23.91 -36.69
CA THR A 525 -3.88 -22.60 -36.19
C THR A 525 -5.24 -22.16 -36.75
N GLU A 526 -6.16 -21.83 -35.85
CA GLU A 526 -7.50 -21.44 -36.27
C GLU A 526 -7.69 -19.92 -36.27
N LEU A 527 -8.51 -19.44 -37.20
CA LEU A 527 -8.95 -18.05 -37.20
C LEU A 527 -10.46 -18.01 -37.39
N LEU A 528 -11.16 -17.51 -36.37
CA LEU A 528 -12.60 -17.38 -36.44
C LEU A 528 -13.02 -15.93 -36.61
N LEU A 529 -13.47 -15.58 -37.81
CA LEU A 529 -13.89 -14.21 -38.11
C LEU A 529 -15.38 -14.05 -37.87
N ILE A 530 -15.73 -13.23 -36.89
CA ILE A 530 -17.11 -13.03 -36.51
C ILE A 530 -17.61 -11.65 -36.94
N ASP A 531 -18.59 -11.62 -37.84
CA ASP A 531 -19.11 -10.37 -38.37
C ASP A 531 -20.51 -10.52 -38.96
N LEU A 545 -21.76 -3.01 -28.36
CA LEU A 545 -21.47 -3.78 -27.16
C LEU A 545 -21.48 -5.27 -27.44
N GLU A 546 -22.43 -5.73 -28.24
CA GLU A 546 -22.62 -7.16 -28.50
C GLU A 546 -21.42 -7.81 -29.17
N THR A 547 -20.55 -7.00 -29.75
CA THR A 547 -19.32 -7.49 -30.39
C THR A 547 -18.64 -8.55 -29.53
N VAL A 548 -18.27 -8.16 -28.31
CA VAL A 548 -17.60 -9.06 -27.39
C VAL A 548 -18.41 -10.33 -27.13
N GLN A 549 -19.74 -10.17 -27.05
CA GLN A 549 -20.63 -11.32 -26.83
C GLN A 549 -20.45 -12.39 -27.92
N PHE A 550 -20.59 -11.97 -29.18
CA PHE A 550 -20.46 -12.87 -30.30
C PHE A 550 -19.05 -13.48 -30.34
N GLU A 551 -18.09 -12.72 -29.85
CA GLU A 551 -16.70 -13.15 -29.85
C GLU A 551 -16.40 -14.08 -28.69
N ALA A 552 -17.02 -13.82 -27.54
CA ALA A 552 -16.80 -14.63 -26.35
C ALA A 552 -17.52 -15.97 -26.48
N LYS A 553 -18.69 -15.96 -27.09
CA LYS A 553 -19.41 -17.18 -27.39
C LYS A 553 -18.55 -18.10 -28.25
N ALA A 554 -18.13 -17.59 -29.40
CA ALA A 554 -17.34 -18.37 -30.35
C ALA A 554 -16.19 -19.07 -29.64
N ILE A 555 -15.45 -18.32 -28.84
CA ILE A 555 -14.36 -18.88 -28.07
C ILE A 555 -14.86 -20.03 -27.20
N ALA A 556 -15.86 -19.73 -26.37
CA ALA A 556 -16.45 -20.74 -25.49
C ALA A 556 -16.82 -22.01 -26.23
N LYS A 557 -17.30 -21.85 -27.46
CA LYS A 557 -17.72 -22.99 -28.28
C LYS A 557 -16.60 -24.00 -28.47
N GLU A 558 -15.59 -23.62 -29.26
CA GLU A 558 -14.49 -24.53 -29.57
C GLU A 558 -13.78 -25.05 -28.33
N ILE A 559 -13.95 -24.33 -27.22
CA ILE A 559 -13.44 -24.80 -25.94
C ILE A 559 -14.12 -26.13 -25.58
N ARG A 560 -15.45 -26.12 -25.55
CA ARG A 560 -16.18 -27.34 -25.27
C ARG A 560 -15.98 -28.36 -26.38
N LYS A 561 -15.75 -27.88 -27.60
CA LYS A 561 -15.42 -28.74 -28.73
C LYS A 561 -14.13 -29.49 -28.41
N LEU A 562 -13.32 -28.90 -27.55
CA LEU A 562 -12.07 -29.51 -27.10
C LEU A 562 -12.32 -30.40 -25.88
N ILE A 563 -13.30 -30.01 -25.06
CA ILE A 563 -13.62 -30.75 -23.84
C ILE A 563 -14.30 -32.08 -24.14
N SER A 564 -15.49 -32.00 -24.72
CA SER A 564 -16.25 -33.20 -25.08
C SER A 564 -15.41 -34.10 -25.96
N SER A 565 -14.91 -33.55 -27.07
CA SER A 565 -13.96 -34.28 -27.88
C SER A 565 -12.71 -34.45 -27.04
N PRO A 566 -11.87 -35.42 -27.40
CA PRO A 566 -10.70 -35.65 -26.55
C PRO A 566 -9.64 -34.55 -26.66
N PHE A 567 -9.11 -34.33 -27.86
CA PHE A 567 -7.94 -33.47 -28.02
C PHE A 567 -7.01 -33.62 -26.83
N LYS A 568 -6.37 -34.77 -26.71
CA LYS A 568 -5.52 -35.00 -25.54
C LYS A 568 -4.15 -34.36 -25.69
N VAL A 569 -3.79 -33.54 -24.71
CA VAL A 569 -2.55 -32.80 -24.73
C VAL A 569 -1.37 -33.62 -24.20
N TYR A 570 -0.22 -33.46 -24.83
CA TYR A 570 0.98 -34.20 -24.44
C TYR A 570 2.11 -33.26 -24.04
N LYS A 574 8.98 -38.22 -22.76
CA LYS A 574 8.25 -39.48 -22.70
C LYS A 574 7.04 -39.40 -21.78
N LYS A 575 6.30 -38.31 -21.90
CA LYS A 575 5.09 -38.09 -21.11
C LYS A 575 3.91 -38.84 -21.70
N THR A 576 2.73 -38.63 -21.13
CA THR A 576 1.51 -39.30 -21.59
C THR A 576 0.43 -38.28 -21.97
N HIS A 577 -0.44 -38.66 -22.90
CA HIS A 577 -1.53 -37.79 -23.31
C HIS A 577 -2.58 -37.66 -22.21
N ARG A 578 -3.32 -36.56 -22.24
CA ARG A 578 -4.36 -36.29 -21.26
C ARG A 578 -5.31 -35.23 -21.80
N ASN A 579 -6.58 -35.33 -21.44
CA ASN A 579 -7.58 -34.38 -21.93
C ASN A 579 -7.31 -32.93 -21.50
N ILE A 580 -8.16 -32.01 -21.96
CA ILE A 580 -8.06 -30.62 -21.53
C ILE A 580 -8.70 -30.46 -20.15
N GLN A 581 -7.95 -29.86 -19.23
CA GLN A 581 -8.39 -29.71 -17.84
C GLN A 581 -9.02 -28.33 -17.63
N TYR A 582 -9.25 -27.63 -18.73
CA TYR A 582 -9.69 -26.24 -18.71
C TYR A 582 -8.57 -25.32 -18.27
N ARG A 583 -7.73 -25.81 -17.37
CA ARG A 583 -6.62 -25.00 -16.86
C ARG A 583 -5.48 -24.94 -17.87
N ASP A 584 -5.52 -25.82 -18.87
CA ASP A 584 -4.52 -25.81 -19.93
C ASP A 584 -4.88 -24.89 -21.08
N ILE A 585 -6.10 -24.35 -21.07
CA ILE A 585 -6.50 -23.41 -22.11
C ILE A 585 -6.56 -21.99 -21.54
N VAL A 586 -6.01 -21.03 -22.29
CA VAL A 586 -5.92 -19.65 -21.85
C VAL A 586 -6.40 -18.70 -22.94
N ILE A 587 -7.15 -17.67 -22.56
CA ILE A 587 -7.61 -16.68 -23.52
C ILE A 587 -6.95 -15.34 -23.29
N LEU A 588 -6.08 -14.95 -24.22
CA LEU A 588 -5.28 -13.74 -24.09
C LEU A 588 -5.94 -12.53 -24.75
N LEU A 589 -6.14 -11.48 -23.97
CA LEU A 589 -6.61 -10.21 -24.50
C LEU A 589 -5.47 -9.21 -24.39
N ARG A 590 -5.50 -8.17 -25.22
CA ARG A 590 -4.47 -7.14 -25.12
C ARG A 590 -4.82 -6.14 -24.03
N SER A 591 -6.13 -5.94 -23.85
CA SER A 591 -6.64 -5.05 -22.81
C SER A 591 -7.65 -5.81 -21.97
N MET A 592 -8.15 -5.19 -20.90
CA MET A 592 -9.12 -5.85 -20.03
C MET A 592 -10.46 -5.13 -19.88
N PRO A 593 -10.93 -4.43 -20.93
CA PRO A 593 -12.29 -3.90 -20.81
C PRO A 593 -13.31 -5.01 -20.99
N TRP A 594 -12.92 -6.05 -21.74
CA TRP A 594 -13.81 -7.14 -22.07
C TRP A 594 -13.73 -8.29 -21.07
N ALA A 595 -12.66 -8.29 -20.28
CA ALA A 595 -12.44 -9.35 -19.30
C ALA A 595 -13.71 -9.71 -18.51
N PRO A 596 -14.33 -8.71 -17.87
CA PRO A 596 -15.51 -9.00 -17.04
C PRO A 596 -16.64 -9.63 -17.86
N GLN A 597 -16.87 -9.12 -19.06
CA GLN A 597 -17.95 -9.63 -19.91
C GLN A 597 -17.67 -11.04 -20.38
N ILE A 598 -16.52 -11.24 -21.00
CA ILE A 598 -16.10 -12.56 -21.45
C ILE A 598 -16.22 -13.57 -20.31
N MET A 599 -15.66 -13.23 -19.16
CA MET A 599 -15.70 -14.12 -18.00
C MET A 599 -17.11 -14.63 -17.72
N GLU A 600 -18.09 -13.73 -17.76
CA GLU A 600 -19.46 -14.07 -17.40
C GLU A 600 -20.00 -15.32 -18.10
N GLU A 601 -20.25 -15.21 -19.41
CA GLU A 601 -20.90 -16.28 -20.16
C GLU A 601 -20.05 -17.55 -20.32
N LEU A 602 -18.72 -17.38 -20.30
CA LEU A 602 -17.81 -18.51 -20.25
C LEU A 602 -18.00 -19.27 -18.94
N ARG A 603 -18.63 -18.61 -17.98
CA ARG A 603 -19.08 -19.27 -16.76
C ARG A 603 -20.55 -19.66 -16.87
N ALA A 604 -21.32 -18.93 -17.67
CA ALA A 604 -22.72 -19.25 -17.89
C ALA A 604 -22.92 -20.72 -18.25
N GLN A 605 -21.95 -21.27 -18.99
CA GLN A 605 -21.96 -22.67 -19.35
C GLN A 605 -20.61 -23.33 -19.06
N GLY A 606 -20.60 -24.27 -18.12
CA GLY A 606 -19.41 -25.00 -17.76
C GLY A 606 -18.53 -24.33 -16.72
N ILE A 607 -17.25 -24.66 -16.76
CA ILE A 607 -16.26 -24.10 -15.85
C ILE A 607 -16.34 -22.58 -15.75
N PRO A 608 -16.01 -22.05 -14.56
CA PRO A 608 -15.87 -20.62 -14.30
C PRO A 608 -14.62 -20.05 -14.99
N VAL A 609 -14.47 -18.73 -14.96
CA VAL A 609 -13.35 -18.07 -15.62
C VAL A 609 -12.61 -17.23 -14.59
N TYR A 610 -11.29 -17.37 -14.55
CA TYR A 610 -10.48 -16.59 -13.62
C TYR A 610 -9.55 -15.61 -14.32
N ALA A 611 -9.91 -14.34 -14.28
CA ALA A 611 -9.07 -13.27 -14.81
C ALA A 611 -8.54 -12.47 -13.63
N ASN A 612 -7.29 -12.03 -13.72
CA ASN A 612 -6.72 -11.23 -12.65
C ASN A 612 -7.09 -9.76 -12.82
N LEU A 613 -8.20 -9.37 -12.20
CA LEU A 613 -8.72 -8.02 -12.35
C LEU A 613 -7.85 -7.03 -11.59
N THR A 614 -7.79 -5.80 -12.12
CA THR A 614 -7.04 -4.75 -11.46
C THR A 614 -7.98 -3.79 -10.75
N SER A 615 -8.63 -2.92 -11.51
CA SER A 615 -9.53 -1.93 -10.93
C SER A 615 -10.98 -2.16 -11.34
N GLY A 616 -11.82 -1.17 -11.06
CA GLY A 616 -13.25 -1.37 -11.00
C GLY A 616 -13.49 -1.76 -9.56
N TYR A 617 -12.42 -1.63 -8.78
CA TYR A 617 -12.39 -2.02 -7.38
C TYR A 617 -13.17 -1.04 -6.51
N PHE A 618 -13.11 0.24 -6.87
CA PHE A 618 -13.80 1.27 -6.10
C PHE A 618 -15.28 1.37 -6.44
N GLU A 619 -15.67 0.78 -7.56
CA GLU A 619 -17.08 0.72 -7.93
C GLU A 619 -17.71 -0.59 -7.50
N ALA A 620 -16.90 -1.44 -6.86
CA ALA A 620 -17.37 -2.69 -6.30
C ALA A 620 -18.25 -2.40 -5.07
N VAL A 621 -19.39 -3.05 -4.99
CA VAL A 621 -20.37 -2.75 -3.96
C VAL A 621 -19.83 -2.96 -2.55
N GLU A 622 -19.18 -4.10 -2.33
CA GLU A 622 -18.59 -4.40 -1.02
C GLU A 622 -17.72 -3.23 -0.58
N VAL A 623 -16.78 -2.87 -1.44
CA VAL A 623 -15.85 -1.77 -1.15
C VAL A 623 -16.58 -0.49 -0.80
N ALA A 624 -17.52 -0.10 -1.66
CA ALA A 624 -18.31 1.10 -1.45
C ALA A 624 -18.91 1.13 -0.04
N VAL A 625 -19.56 0.02 0.33
CA VAL A 625 -20.19 -0.10 1.63
C VAL A 625 -19.17 -0.07 2.77
N ALA A 626 -18.07 -0.78 2.60
CA ALA A 626 -17.04 -0.82 3.64
C ALA A 626 -16.51 0.57 3.91
N LEU A 627 -16.17 1.29 2.85
CA LEU A 627 -15.71 2.67 2.98
C LEU A 627 -16.80 3.53 3.62
N SER A 628 -18.05 3.26 3.24
CA SER A 628 -19.17 3.99 3.79
C SER A 628 -19.21 3.85 5.31
N VAL A 629 -18.91 2.66 5.81
CA VAL A 629 -18.89 2.41 7.24
C VAL A 629 -17.75 3.18 7.91
N LEU A 630 -16.56 3.10 7.32
CA LEU A 630 -15.40 3.82 7.83
C LEU A 630 -15.67 5.32 7.85
N LYS A 631 -16.42 5.80 6.86
CA LYS A 631 -16.76 7.22 6.78
C LYS A 631 -17.65 7.64 7.94
N VAL A 632 -18.65 6.82 8.25
CA VAL A 632 -19.56 7.11 9.34
C VAL A 632 -18.84 7.07 10.70
N ILE A 633 -17.86 6.18 10.81
CA ILE A 633 -17.05 6.10 12.03
C ILE A 633 -16.21 7.37 12.19
N ASP A 634 -15.82 7.97 11.08
CA ASP A 634 -15.04 9.20 11.11
C ASP A 634 -15.93 10.41 11.38
N ASN A 635 -17.00 10.53 10.61
CA ASN A 635 -17.93 11.64 10.76
C ASN A 635 -19.36 11.23 10.47
N PRO A 636 -20.09 10.79 11.51
CA PRO A 636 -21.48 10.33 11.41
C PRO A 636 -22.36 11.26 10.60
N TYR A 637 -21.98 12.53 10.50
CA TYR A 637 -22.80 13.50 9.79
C TYR A 637 -22.50 13.51 8.30
N GLN A 638 -22.90 12.44 7.63
CA GLN A 638 -22.81 12.33 6.18
C GLN A 638 -24.02 11.55 5.67
N ASP A 639 -24.98 12.28 5.10
CA ASP A 639 -26.27 11.70 4.71
C ASP A 639 -26.14 10.47 3.81
N ILE A 640 -25.35 10.59 2.74
CA ILE A 640 -25.22 9.50 1.78
C ILE A 640 -24.52 8.27 2.37
N PRO A 641 -23.31 8.45 2.94
CA PRO A 641 -22.60 7.31 3.52
C PRO A 641 -23.41 6.60 4.59
N LEU A 642 -24.16 7.36 5.38
CA LEU A 642 -24.99 6.79 6.44
C LEU A 642 -26.09 5.89 5.86
N ALA A 643 -26.76 6.38 4.84
CA ALA A 643 -27.82 5.61 4.18
C ALA A 643 -27.24 4.38 3.51
N SER A 644 -26.04 4.52 2.95
CA SER A 644 -25.37 3.42 2.28
C SER A 644 -25.24 2.21 3.20
N VAL A 645 -24.90 2.48 4.46
CA VAL A 645 -24.76 1.42 5.45
C VAL A 645 -26.12 0.87 5.86
N LEU A 646 -27.05 1.77 6.15
CA LEU A 646 -28.37 1.38 6.63
C LEU A 646 -29.12 0.50 5.63
N ARG A 647 -28.83 0.69 4.34
CA ARG A 647 -29.50 -0.08 3.31
C ARG A 647 -28.72 -1.33 2.91
N SER A 648 -27.47 -1.43 3.35
CA SER A 648 -26.67 -2.61 3.07
C SER A 648 -27.14 -3.76 3.96
N PRO A 649 -26.78 -5.00 3.59
CA PRO A 649 -27.14 -6.16 4.40
C PRO A 649 -26.69 -6.02 5.85
N ILE A 650 -25.71 -5.16 6.09
CA ILE A 650 -25.20 -4.93 7.44
C ILE A 650 -26.33 -4.56 8.40
N VAL A 651 -27.16 -3.61 8.00
CA VAL A 651 -28.33 -3.23 8.79
C VAL A 651 -29.61 -3.75 8.15
N GLY A 652 -29.82 -3.40 6.89
CA GLY A 652 -30.91 -3.97 6.11
C GLY A 652 -32.24 -3.25 6.22
N ALA A 653 -32.18 -1.94 6.42
CA ALA A 653 -33.39 -1.14 6.49
C ALA A 653 -34.15 -1.16 5.17
N ASP A 654 -35.47 -1.22 5.24
CA ASP A 654 -36.33 -1.16 4.06
C ASP A 654 -36.28 0.24 3.47
N GLU A 655 -36.76 0.38 2.24
CA GLU A 655 -36.94 1.70 1.65
C GLU A 655 -38.00 2.46 2.42
N ASN A 656 -39.03 1.73 2.87
CA ASN A 656 -40.05 2.30 3.72
C ASN A 656 -39.49 2.62 5.11
N GLU A 657 -38.60 1.75 5.59
CA GLU A 657 -37.96 1.96 6.89
C GLU A 657 -37.02 3.17 6.85
N LEU A 658 -36.29 3.31 5.75
CA LEU A 658 -35.42 4.47 5.57
C LEU A 658 -36.22 5.76 5.59
N SER A 659 -37.27 5.79 4.78
CA SER A 659 -38.15 6.96 4.71
C SER A 659 -38.86 7.20 6.03
N LEU A 660 -39.18 6.11 6.73
CA LEU A 660 -39.84 6.20 8.02
C LEU A 660 -38.96 6.97 9.00
N ILE A 661 -37.65 6.82 8.85
CA ILE A 661 -36.68 7.51 9.71
C ILE A 661 -36.71 9.01 9.49
N ARG A 662 -36.65 9.43 8.23
CA ARG A 662 -36.65 10.85 7.88
C ARG A 662 -37.85 11.58 8.48
N LEU A 663 -38.99 10.91 8.52
CA LEU A 663 -40.23 11.51 9.01
C LEU A 663 -40.08 12.11 10.41
N GLU A 664 -39.17 11.55 11.21
CA GLU A 664 -38.93 12.04 12.56
C GLU A 664 -38.43 13.48 12.56
N ASN A 665 -37.44 13.75 11.71
CA ASN A 665 -36.87 15.07 11.58
C ASN A 665 -36.48 15.36 10.14
N LYS A 666 -37.23 16.25 9.48
CA LYS A 666 -37.01 16.51 8.06
C LYS A 666 -35.87 17.46 7.76
N LYS A 667 -35.57 18.36 8.70
CA LYS A 667 -34.54 19.37 8.47
C LYS A 667 -33.14 18.93 8.90
N ALA A 668 -33.06 18.24 10.04
CA ALA A 668 -31.78 17.78 10.57
C ALA A 668 -31.11 16.78 9.63
N PRO A 669 -29.78 16.65 9.74
CA PRO A 669 -29.04 15.64 8.97
C PRO A 669 -29.62 14.25 9.21
N TYR A 670 -29.52 13.38 8.22
CA TYR A 670 -30.09 12.04 8.32
C TYR A 670 -29.62 11.32 9.58
N TYR A 671 -28.44 11.68 10.06
CA TYR A 671 -27.88 11.10 11.27
C TYR A 671 -28.76 11.40 12.48
N GLU A 672 -29.18 12.65 12.61
CA GLU A 672 -30.03 13.05 13.72
C GLU A 672 -31.43 12.46 13.58
N ALA A 673 -31.94 12.42 12.35
CA ALA A 673 -33.24 11.81 12.09
C ALA A 673 -33.25 10.38 12.61
N MET A 674 -32.09 9.74 12.56
CA MET A 674 -31.96 8.36 13.01
C MET A 674 -32.04 8.28 14.53
N LYS A 675 -31.25 9.12 15.21
CA LYS A 675 -31.26 9.17 16.66
C LYS A 675 -32.65 9.52 17.18
N ASP A 676 -33.26 10.53 16.57
CA ASP A 676 -34.61 10.96 16.95
C ASP A 676 -35.61 9.82 16.90
N TYR A 677 -35.40 8.89 15.97
CA TYR A 677 -36.25 7.71 15.88
C TYR A 677 -36.01 6.81 17.07
N LEU A 678 -34.74 6.59 17.39
CA LEU A 678 -34.35 5.77 18.53
C LEU A 678 -34.95 6.29 19.83
N ALA A 679 -34.48 7.45 20.26
CA ALA A 679 -34.85 8.01 21.55
C ALA A 679 -36.34 7.81 21.88
N ALA A 680 -37.21 8.33 21.02
CA ALA A 680 -38.65 8.28 21.26
C ALA A 680 -39.26 6.92 20.94
N GLY A 681 -38.64 6.17 20.03
CA GLY A 681 -39.19 4.92 19.55
C GLY A 681 -39.49 3.88 20.61
N ASP A 682 -40.22 2.85 20.22
CA ASP A 682 -40.57 1.76 21.12
C ASP A 682 -39.63 0.59 20.88
N ARG A 683 -39.40 -0.21 21.92
CA ARG A 683 -38.35 -1.24 21.88
C ARG A 683 -38.72 -2.48 21.07
N SER A 684 -39.98 -2.88 21.09
CA SER A 684 -40.39 -4.09 20.39
C SER A 684 -40.46 -3.86 18.88
N ASP A 685 -40.02 -2.70 18.44
CA ASP A 685 -39.99 -2.32 17.03
C ASP A 685 -38.82 -2.97 16.31
N GLU A 686 -39.10 -3.59 15.16
CA GLU A 686 -38.06 -4.22 14.36
C GLU A 686 -37.05 -3.20 13.81
N LEU A 687 -37.55 -2.20 13.09
CA LEU A 687 -36.69 -1.14 12.57
C LEU A 687 -35.87 -0.50 13.68
N TYR A 688 -36.47 -0.35 14.85
CA TYR A 688 -35.77 0.17 16.00
C TYR A 688 -34.63 -0.76 16.42
N GLN A 689 -34.88 -2.06 16.40
CA GLN A 689 -33.87 -3.04 16.75
C GLN A 689 -32.67 -2.98 15.81
N LYS A 690 -32.96 -2.86 14.51
CA LYS A 690 -31.92 -2.72 13.51
C LYS A 690 -31.05 -1.50 13.81
N LEU A 691 -31.70 -0.40 14.16
CA LEU A 691 -31.00 0.87 14.38
C LEU A 691 -30.23 0.88 15.69
N ASN A 692 -30.88 0.50 16.79
CA ASN A 692 -30.23 0.50 18.10
C ASN A 692 -28.98 -0.37 18.12
N THR A 693 -29.04 -1.51 17.43
CA THR A 693 -27.90 -2.39 17.31
C THR A 693 -26.77 -1.69 16.57
N PHE A 694 -27.11 -1.02 15.47
CA PHE A 694 -26.15 -0.30 14.66
C PHE A 694 -25.55 0.87 15.42
N TYR A 695 -26.41 1.69 16.03
CA TYR A 695 -25.94 2.83 16.81
C TYR A 695 -25.04 2.37 17.95
N GLY A 696 -25.25 1.15 18.40
CA GLY A 696 -24.41 0.56 19.43
C GLY A 696 -23.03 0.28 18.91
N HIS A 697 -22.97 -0.36 17.75
CA HIS A 697 -21.70 -0.66 17.09
C HIS A 697 -20.95 0.62 16.75
N LEU A 698 -21.68 1.59 16.20
CA LEU A 698 -21.08 2.85 15.80
C LEU A 698 -20.25 3.45 16.94
N GLN A 699 -20.91 3.69 18.07
CA GLN A 699 -20.22 4.27 19.23
C GLN A 699 -19.03 3.42 19.66
N LYS A 700 -19.16 2.10 19.53
CA LYS A 700 -18.05 1.20 19.81
C LYS A 700 -16.88 1.42 18.84
N TRP A 701 -17.19 1.40 17.55
CA TRP A 701 -16.18 1.63 16.51
C TRP A 701 -15.53 3.00 16.69
N ARG A 702 -16.35 3.99 17.02
CA ARG A 702 -15.87 5.35 17.26
C ARG A 702 -14.77 5.34 18.31
N ALA A 703 -15.10 4.81 19.48
CA ALA A 703 -14.15 4.74 20.58
C ALA A 703 -12.96 3.84 20.25
N PHE A 704 -13.23 2.75 19.54
CA PHE A 704 -12.21 1.77 19.21
C PHE A 704 -11.09 2.38 18.36
N SER A 705 -11.46 3.25 17.43
CA SER A 705 -10.50 3.81 16.48
C SER A 705 -9.53 4.79 17.10
N LYS A 706 -9.94 5.45 18.18
CA LYS A 706 -9.11 6.49 18.79
C LYS A 706 -7.96 5.91 19.61
N ASN A 707 -8.05 4.61 19.93
CA ASN A 707 -6.98 3.94 20.66
C ASN A 707 -6.36 2.79 19.85
N HIS A 708 -6.89 2.57 18.65
CA HIS A 708 -6.37 1.51 17.77
C HIS A 708 -6.04 2.08 16.39
N SER A 709 -5.50 1.23 15.52
CA SER A 709 -5.12 1.65 14.17
C SER A 709 -6.30 1.52 13.21
N VAL A 710 -6.10 1.91 11.97
CA VAL A 710 -7.15 1.82 10.95
C VAL A 710 -7.38 0.38 10.51
N SER A 711 -6.29 -0.36 10.33
CA SER A 711 -6.39 -1.77 9.94
C SER A 711 -7.11 -2.57 11.02
N GLU A 712 -6.79 -2.29 12.28
CA GLU A 712 -7.45 -2.95 13.40
C GLU A 712 -8.93 -2.60 13.44
N LEU A 713 -9.23 -1.31 13.27
CA LEU A 713 -10.61 -0.84 13.23
C LEU A 713 -11.39 -1.54 12.13
N ILE A 714 -10.72 -1.81 11.01
CA ILE A 714 -11.37 -2.48 9.89
C ILE A 714 -11.69 -3.94 10.22
N TRP A 715 -10.70 -4.68 10.70
CA TRP A 715 -10.90 -6.08 11.05
C TRP A 715 -12.05 -6.22 12.05
N GLU A 716 -12.02 -5.39 13.08
CA GLU A 716 -13.05 -5.40 14.12
C GLU A 716 -14.44 -5.20 13.51
N VAL A 717 -14.53 -4.29 12.55
CA VAL A 717 -15.79 -4.02 11.87
C VAL A 717 -16.25 -5.23 11.05
N TYR A 718 -15.30 -5.90 10.41
CA TYR A 718 -15.61 -7.10 9.64
C TYR A 718 -16.15 -8.22 10.53
N ARG A 719 -15.62 -8.32 11.75
CA ARG A 719 -16.02 -9.38 12.66
C ARG A 719 -17.29 -9.02 13.44
N ASP A 720 -17.50 -7.72 13.64
CA ASP A 720 -18.68 -7.24 14.35
C ASP A 720 -19.93 -7.27 13.45
N THR A 721 -19.73 -7.03 12.17
CA THR A 721 -20.84 -7.02 11.22
C THR A 721 -20.94 -8.34 10.47
N LYS A 722 -19.88 -9.13 10.53
CA LYS A 722 -19.79 -10.36 9.76
C LYS A 722 -20.05 -10.08 8.27
N TYR A 723 -19.64 -8.89 7.83
CA TYR A 723 -19.86 -8.46 6.46
C TYR A 723 -19.04 -9.29 5.48
N MET A 724 -17.79 -9.59 5.85
CA MET A 724 -16.91 -10.35 4.99
C MET A 724 -17.41 -11.80 4.86
N ASP A 725 -17.92 -12.34 5.96
CA ASP A 725 -18.52 -13.68 5.93
C ASP A 725 -19.73 -13.66 5.01
N TYR A 726 -20.63 -12.71 5.26
CA TYR A 726 -21.86 -12.57 4.50
C TYR A 726 -21.58 -12.45 3.01
N VAL A 727 -20.61 -11.60 2.67
CA VAL A 727 -20.29 -11.31 1.27
C VAL A 727 -19.73 -12.53 0.54
N GLY A 728 -19.18 -13.47 1.29
CA GLY A 728 -18.66 -14.69 0.69
C GLY A 728 -19.77 -15.65 0.30
N GLY A 729 -20.98 -15.35 0.75
CA GLY A 729 -22.12 -16.20 0.48
C GLY A 729 -22.98 -15.75 -0.70
N MET A 730 -22.49 -14.75 -1.43
CA MET A 730 -23.20 -14.27 -2.61
C MET A 730 -22.35 -14.35 -3.88
N PRO A 731 -22.99 -14.25 -5.06
CA PRO A 731 -22.32 -14.43 -6.36
C PRO A 731 -20.98 -13.72 -6.44
N GLY A 732 -19.95 -14.43 -6.89
CA GLY A 732 -18.62 -13.88 -6.97
C GLY A 732 -18.08 -13.51 -5.61
N GLY A 733 -18.57 -14.20 -4.58
CA GLY A 733 -18.20 -13.91 -3.21
C GLY A 733 -16.73 -14.15 -2.93
N LYS A 734 -16.11 -15.01 -3.72
CA LYS A 734 -14.69 -15.30 -3.57
C LYS A 734 -13.85 -14.07 -3.87
N GLN A 735 -14.20 -13.37 -4.94
CA GLN A 735 -13.49 -12.14 -5.32
C GLN A 735 -13.86 -11.01 -4.36
N ARG A 736 -15.13 -11.00 -3.94
CA ARG A 736 -15.62 -9.97 -3.02
C ARG A 736 -14.85 -10.00 -1.70
N GLN A 737 -14.67 -11.19 -1.14
CA GLN A 737 -13.93 -11.35 0.10
C GLN A 737 -12.50 -10.84 -0.04
N ALA A 738 -11.90 -11.13 -1.18
CA ALA A 738 -10.54 -10.65 -1.45
C ALA A 738 -10.53 -9.13 -1.51
N ASN A 739 -11.43 -8.55 -2.29
CA ASN A 739 -11.55 -7.10 -2.38
C ASN A 739 -11.65 -6.48 -0.99
N LEU A 740 -12.42 -7.14 -0.13
CA LEU A 740 -12.68 -6.61 1.20
C LEU A 740 -11.46 -6.71 2.10
N ARG A 741 -10.60 -7.68 1.82
CA ARG A 741 -9.39 -7.85 2.64
C ARG A 741 -8.16 -7.16 2.05
N VAL A 742 -8.25 -6.71 0.80
CA VAL A 742 -7.19 -5.87 0.25
C VAL A 742 -7.36 -4.46 0.78
N LEU A 743 -8.60 -4.11 1.13
CA LEU A 743 -8.87 -2.85 1.79
C LEU A 743 -8.15 -2.82 3.12
N TYR A 744 -8.15 -3.97 3.80
CA TYR A 744 -7.45 -4.12 5.07
C TYR A 744 -5.94 -4.01 4.86
N ASP A 745 -5.43 -4.75 3.87
CA ASP A 745 -4.01 -4.74 3.57
C ASP A 745 -3.52 -3.35 3.14
N ARG A 746 -4.36 -2.63 2.40
CA ARG A 746 -3.99 -1.29 1.96
C ARG A 746 -3.88 -0.33 3.14
N ALA A 747 -4.68 -0.57 4.17
CA ALA A 747 -4.58 0.18 5.41
C ALA A 747 -3.28 -0.18 6.11
N ARG A 748 -2.91 -1.45 6.03
CA ARG A 748 -1.64 -1.92 6.56
C ARG A 748 -0.48 -1.21 5.88
N GLN A 749 -0.54 -1.13 4.54
CA GLN A 749 0.44 -0.40 3.78
C GLN A 749 0.40 1.07 4.19
N TYR A 750 -0.79 1.51 4.60
CA TYR A 750 -1.02 2.92 4.90
C TYR A 750 -0.41 3.37 6.22
N GLU A 751 -0.26 2.44 7.17
CA GLU A 751 0.31 2.79 8.47
C GLU A 751 1.84 2.87 8.45
N SER A 752 2.43 2.44 7.34
CA SER A 752 3.88 2.54 7.16
C SER A 752 4.23 3.79 6.34
N THR A 753 3.20 4.56 5.99
CA THR A 753 3.38 5.76 5.19
C THR A 753 3.63 6.96 6.09
N ALA A 754 3.76 8.15 5.51
CA ALA A 754 4.03 9.35 6.28
C ALA A 754 2.75 9.95 6.84
N PHE A 755 1.65 9.24 6.64
CA PHE A 755 0.34 9.68 7.07
C PHE A 755 -0.20 8.82 8.20
N ARG A 756 -1.15 9.35 8.96
CA ARG A 756 -1.73 8.63 10.08
C ARG A 756 -3.16 9.07 10.34
N GLY A 757 -3.93 8.23 11.03
CA GLY A 757 -5.30 8.54 11.35
C GLY A 757 -6.29 8.02 10.32
N LEU A 758 -7.57 8.06 10.67
CA LEU A 758 -8.63 7.58 9.78
C LEU A 758 -8.96 8.60 8.69
N PHE A 759 -9.02 9.87 9.06
CA PHE A 759 -9.35 10.93 8.11
C PHE A 759 -8.42 10.89 6.90
N ARG A 760 -7.12 10.93 7.15
CA ARG A 760 -6.13 10.89 6.08
C ARG A 760 -6.30 9.65 5.21
N PHE A 761 -6.48 8.50 5.86
CA PHE A 761 -6.67 7.23 5.15
C PHE A 761 -7.80 7.34 4.14
N LEU A 762 -8.90 7.96 4.54
CA LEU A 762 -10.04 8.16 3.66
C LEU A 762 -9.65 8.96 2.42
N ARG A 763 -9.01 10.11 2.63
CA ARG A 763 -8.50 10.89 1.51
C ARG A 763 -7.52 10.08 0.69
N PHE A 764 -6.63 9.37 1.37
CA PHE A 764 -5.64 8.54 0.70
C PHE A 764 -6.32 7.63 -0.31
N ILE A 765 -7.30 6.86 0.16
CA ILE A 765 -8.08 6.00 -0.70
C ILE A 765 -8.87 6.82 -1.71
N GLU A 766 -9.34 7.98 -1.28
CA GLU A 766 -10.10 8.87 -2.14
C GLU A 766 -9.24 9.36 -3.29
N ARG A 767 -7.95 9.57 -3.02
CA ARG A 767 -7.00 9.97 -4.04
C ARG A 767 -6.86 8.85 -5.07
N MET A 768 -6.56 7.64 -4.60
CA MET A 768 -6.46 6.49 -5.47
C MET A 768 -7.70 6.42 -6.38
N GLN A 769 -8.85 6.79 -5.85
CA GLN A 769 -10.08 6.80 -6.64
C GLN A 769 -10.03 7.83 -7.75
N GLU A 770 -10.06 9.10 -7.37
CA GLU A 770 -10.16 10.21 -8.32
C GLU A 770 -9.23 10.05 -9.52
N ARG A 771 -8.08 9.42 -9.32
CA ARG A 771 -7.10 9.32 -10.41
C ARG A 771 -6.88 7.90 -10.95
N GLY A 772 -5.98 7.14 -10.33
CA GLY A 772 -5.52 5.90 -10.92
C GLY A 772 -6.17 4.61 -10.47
N ASP A 773 -6.55 4.53 -9.20
CA ASP A 773 -7.13 3.31 -8.65
C ASP A 773 -6.04 2.31 -8.26
N GLN A 784 -4.98 -25.01 -6.24
CA GLN A 784 -5.06 -25.13 -7.70
C GLN A 784 -6.44 -25.58 -8.15
N GLU A 785 -7.06 -24.79 -9.02
CA GLU A 785 -8.37 -25.10 -9.58
C GLU A 785 -8.33 -25.03 -11.10
N ASP A 786 -9.13 -25.86 -11.75
CA ASP A 786 -9.15 -25.91 -13.20
C ASP A 786 -10.16 -24.93 -13.80
N VAL A 787 -9.66 -23.99 -14.58
CA VAL A 787 -10.49 -22.90 -15.11
C VAL A 787 -9.82 -22.20 -16.29
N VAL A 788 -10.61 -21.63 -17.19
CA VAL A 788 -10.07 -20.80 -18.26
C VAL A 788 -9.41 -19.58 -17.65
N ARG A 789 -8.10 -19.45 -17.81
CA ARG A 789 -7.41 -18.27 -17.33
C ARG A 789 -7.44 -17.16 -18.36
N LEU A 790 -8.12 -16.07 -18.02
CA LEU A 790 -8.25 -14.93 -18.90
C LEU A 790 -7.32 -13.80 -18.44
N MET A 791 -6.34 -13.47 -19.28
CA MET A 791 -5.33 -12.49 -18.89
C MET A 791 -4.81 -11.69 -20.07
N THR A 792 -4.14 -10.58 -19.77
CA THR A 792 -3.55 -9.73 -20.80
C THR A 792 -2.29 -10.37 -21.40
N ILE A 793 -2.03 -10.07 -22.65
CA ILE A 793 -0.85 -10.56 -23.34
C ILE A 793 0.41 -10.10 -22.61
N HIS A 794 0.42 -8.83 -22.20
CA HIS A 794 1.57 -8.27 -21.50
C HIS A 794 1.95 -9.09 -20.28
N SER A 795 0.96 -9.71 -19.64
CA SER A 795 1.18 -10.47 -18.43
C SER A 795 1.55 -11.93 -18.70
N SER A 796 1.62 -12.31 -19.97
CA SER A 796 1.92 -13.70 -20.32
C SER A 796 3.36 -14.05 -20.00
N LYS A 797 4.29 -13.36 -20.65
CA LYS A 797 5.71 -13.59 -20.43
C LYS A 797 6.07 -15.06 -20.53
N GLY A 798 7.03 -15.46 -19.71
CA GLY A 798 7.53 -16.82 -19.70
C GLY A 798 6.47 -17.86 -19.43
N LEU A 799 5.24 -17.41 -19.18
CA LEU A 799 4.14 -18.33 -19.02
C LEU A 799 3.83 -19.01 -20.34
N GLU A 800 3.08 -20.11 -20.29
CA GLU A 800 2.80 -20.91 -21.48
C GLU A 800 1.56 -21.77 -21.29
N PHE A 801 0.93 -22.14 -22.39
CA PHE A 801 -0.27 -22.96 -22.35
C PHE A 801 -0.40 -23.82 -23.60
N PRO A 802 -0.85 -25.07 -23.44
CA PRO A 802 -1.05 -25.98 -24.58
C PRO A 802 -1.94 -25.35 -25.65
N VAL A 803 -3.05 -24.77 -25.23
CA VAL A 803 -3.99 -24.13 -26.13
C VAL A 803 -4.15 -22.65 -25.78
N VAL A 804 -4.10 -21.79 -26.80
CA VAL A 804 -4.16 -20.35 -26.57
C VAL A 804 -5.17 -19.66 -27.49
N PHE A 805 -6.04 -18.85 -26.91
CA PHE A 805 -6.98 -18.04 -27.67
C PHE A 805 -6.56 -16.58 -27.63
N VAL A 806 -6.34 -15.98 -28.79
CA VAL A 806 -6.04 -14.56 -28.86
C VAL A 806 -7.19 -13.82 -29.55
N ALA A 807 -8.03 -13.17 -28.76
CA ALA A 807 -9.23 -12.52 -29.28
C ALA A 807 -9.11 -11.00 -29.30
N GLY A 808 -10.15 -10.34 -29.79
CA GLY A 808 -10.18 -8.89 -29.89
C GLY A 808 -9.25 -8.40 -30.99
N LEU A 809 -8.87 -9.30 -31.87
CA LEU A 809 -7.93 -8.98 -32.94
C LEU A 809 -8.54 -8.02 -33.95
N GLY A 810 -9.86 -8.01 -34.02
CA GLY A 810 -10.56 -7.12 -34.93
C GLY A 810 -10.87 -5.77 -34.30
N ARG A 811 -10.09 -5.41 -33.28
CA ARG A 811 -10.31 -4.16 -32.56
C ARG A 811 -9.15 -3.20 -32.76
N ASN A 812 -9.43 -1.90 -32.66
CA ASN A 812 -8.42 -0.87 -32.87
C ASN A 812 -7.36 -0.82 -31.79
N PHE A 813 -6.14 -0.44 -32.18
CA PHE A 813 -5.07 -0.19 -31.22
C PHE A 813 -5.36 1.12 -30.49
N ASN A 814 -4.74 1.31 -29.34
CA ASN A 814 -4.91 2.55 -28.61
C ASN A 814 -3.88 3.59 -29.05
N MET A 815 -4.32 4.53 -29.88
CA MET A 815 -3.45 5.58 -30.38
C MET A 815 -3.71 6.90 -29.65
N MET A 816 -4.53 6.85 -28.61
CA MET A 816 -4.97 8.06 -27.92
C MET A 816 -3.79 8.93 -27.53
N ASP A 817 -2.66 8.30 -27.26
CA ASP A 817 -1.43 9.02 -26.97
C ASP A 817 -1.19 10.13 -28.00
N LEU A 818 -1.50 9.86 -29.26
CA LEU A 818 -1.28 10.84 -30.31
C LEU A 818 -2.54 11.66 -30.56
N ASN A 819 -2.85 12.56 -29.63
CA ASN A 819 -4.02 13.43 -29.75
C ASN A 819 -3.71 14.84 -29.26
N LYS A 820 -3.10 14.91 -28.10
CA LYS A 820 -3.03 16.16 -27.33
C LYS A 820 -2.19 17.25 -27.98
N SER A 821 -2.05 18.35 -27.27
CA SER A 821 -1.36 19.52 -27.80
C SER A 821 0.15 19.43 -27.57
N TYR A 822 0.60 18.32 -26.99
CA TYR A 822 2.02 18.15 -26.74
C TYR A 822 2.43 16.67 -26.76
N LEU A 823 3.74 16.45 -26.89
CA LEU A 823 4.29 15.10 -26.85
C LEU A 823 5.70 15.11 -26.29
N LEU A 824 6.06 14.04 -25.60
CA LEU A 824 7.41 13.89 -25.06
C LEU A 824 8.16 12.78 -25.80
N ASP A 825 9.42 13.05 -26.13
CA ASP A 825 10.23 12.08 -26.86
C ASP A 825 11.67 12.11 -26.36
N LYS A 826 12.27 10.93 -26.21
CA LYS A 826 13.63 10.82 -25.73
C LYS A 826 14.60 11.64 -26.59
N GLU A 827 14.58 11.38 -27.89
CA GLU A 827 15.51 12.04 -28.80
C GLU A 827 15.16 13.50 -29.06
N LEU A 828 13.96 13.73 -29.59
CA LEU A 828 13.56 15.07 -30.01
C LEU A 828 13.18 15.98 -28.86
N GLY A 829 12.86 15.40 -27.71
CA GLY A 829 12.50 16.17 -26.53
C GLY A 829 11.04 16.57 -26.51
N PHE A 830 10.77 17.82 -26.15
CA PHE A 830 9.40 18.31 -26.04
C PHE A 830 8.87 18.87 -27.35
N GLY A 831 7.62 18.55 -27.66
CA GLY A 831 6.97 19.05 -28.86
C GLY A 831 5.54 19.44 -28.55
N THR A 832 5.07 20.52 -29.18
CA THR A 832 3.75 21.05 -28.86
C THR A 832 3.14 21.87 -29.99
N LYS A 833 1.84 22.12 -29.88
CA LYS A 833 1.15 22.98 -30.84
C LYS A 833 1.57 24.42 -30.61
N TYR A 834 1.46 25.23 -31.67
CA TYR A 834 1.59 26.67 -31.53
C TYR A 834 0.29 27.19 -30.96
N ILE A 835 0.37 27.96 -29.88
CA ILE A 835 -0.84 28.42 -29.20
C ILE A 835 -0.79 29.90 -28.85
N HIS A 836 -1.74 30.67 -29.38
CA HIS A 836 -1.81 32.09 -29.07
C HIS A 836 -3.08 32.40 -28.29
N PRO A 837 -2.94 32.62 -26.97
CA PRO A 837 -4.05 32.86 -26.05
C PRO A 837 -4.83 34.13 -26.32
N GLN A 838 -4.19 35.14 -26.88
CA GLN A 838 -4.86 36.43 -27.14
C GLN A 838 -5.66 36.40 -28.43
N LEU A 839 -5.13 35.72 -29.44
CA LEU A 839 -5.82 35.60 -30.72
C LEU A 839 -6.77 34.40 -30.71
N ARG A 840 -6.58 33.53 -29.71
CA ARG A 840 -7.39 32.32 -29.58
C ARG A 840 -7.21 31.39 -30.78
N ILE A 841 -5.95 31.23 -31.21
CA ILE A 841 -5.65 30.35 -32.33
C ILE A 841 -4.52 29.39 -32.01
N SER A 842 -4.61 28.18 -32.58
CA SER A 842 -3.58 27.16 -32.38
C SER A 842 -3.52 26.21 -33.57
N TYR A 843 -2.37 25.56 -33.72
CA TYR A 843 -2.18 24.61 -34.80
C TYR A 843 -0.91 23.79 -34.56
N PRO A 844 -0.87 22.56 -35.09
CA PRO A 844 0.26 21.67 -34.87
C PRO A 844 1.56 22.28 -35.37
N THR A 845 2.63 22.09 -34.60
CA THR A 845 3.94 22.56 -35.01
C THR A 845 4.65 21.45 -35.77
N LEU A 846 5.64 21.80 -36.57
CA LEU A 846 6.32 20.82 -37.41
C LEU A 846 6.95 19.69 -36.60
N PRO A 847 7.68 20.04 -35.53
CA PRO A 847 8.22 18.99 -34.64
C PRO A 847 7.12 18.10 -34.08
N LEU A 848 5.97 18.70 -33.74
CA LEU A 848 4.87 17.93 -33.18
C LEU A 848 4.45 16.83 -34.15
N ILE A 849 4.21 17.22 -35.40
CA ILE A 849 3.81 16.29 -36.44
C ILE A 849 4.88 15.21 -36.65
N ALA A 850 6.14 15.63 -36.63
CA ALA A 850 7.25 14.71 -36.80
C ALA A 850 7.29 13.69 -35.67
N MET A 851 7.08 14.16 -34.44
CA MET A 851 7.08 13.29 -33.28
C MET A 851 5.93 12.29 -33.33
N LYS A 852 4.82 12.67 -33.94
CA LYS A 852 3.68 11.77 -34.10
C LYS A 852 3.93 10.71 -35.17
N LYS A 853 4.50 11.12 -36.30
CA LYS A 853 4.85 10.19 -37.36
C LYS A 853 5.78 9.11 -36.82
N LYS A 854 6.76 9.52 -36.04
CA LYS A 854 7.70 8.59 -35.42
C LYS A 854 7.02 7.72 -34.38
N MET A 855 6.35 8.37 -33.44
CA MET A 855 5.70 7.66 -32.35
C MET A 855 4.67 6.64 -32.85
N ARG A 856 4.06 6.92 -33.99
CA ARG A 856 3.06 6.02 -34.56
C ARG A 856 3.69 4.72 -35.05
N ARG A 857 4.86 4.81 -35.65
CA ARG A 857 5.55 3.63 -36.18
C ARG A 857 6.33 2.89 -35.08
N GLU A 858 6.61 3.58 -33.99
CA GLU A 858 7.24 2.94 -32.83
C GLU A 858 6.20 2.24 -31.97
N LEU A 859 5.01 2.83 -31.90
CA LEU A 859 3.90 2.23 -31.19
C LEU A 859 3.46 0.97 -31.92
N LEU A 860 3.52 1.03 -33.26
CA LEU A 860 3.08 -0.07 -34.09
C LEU A 860 4.06 -1.25 -34.04
N SER A 861 5.34 -0.95 -33.93
CA SER A 861 6.36 -1.98 -33.78
C SER A 861 6.16 -2.71 -32.46
N GLU A 862 5.73 -1.96 -31.45
CA GLU A 862 5.51 -2.52 -30.12
C GLU A 862 4.33 -3.50 -30.13
N GLU A 863 3.27 -3.13 -30.85
CA GLU A 863 2.09 -3.98 -30.95
C GLU A 863 2.41 -5.28 -31.67
N LEU A 864 3.21 -5.18 -32.72
CA LEU A 864 3.59 -6.35 -33.52
C LEU A 864 4.38 -7.34 -32.66
N ARG A 865 5.07 -6.82 -31.65
CA ARG A 865 5.82 -7.66 -30.72
C ARG A 865 4.90 -8.20 -29.63
N VAL A 866 3.90 -7.42 -29.26
CA VAL A 866 2.89 -7.89 -28.32
C VAL A 866 2.19 -9.08 -28.94
N LEU A 867 1.94 -9.00 -30.24
CA LEU A 867 1.34 -10.10 -30.98
C LEU A 867 2.34 -11.24 -31.12
N TYR A 868 3.62 -10.92 -31.04
CA TYR A 868 4.68 -11.92 -31.18
C TYR A 868 4.84 -12.75 -29.92
N VAL A 869 4.64 -12.13 -28.76
CA VAL A 869 4.72 -12.86 -27.50
C VAL A 869 3.48 -13.72 -27.32
N ALA A 870 2.36 -13.27 -27.87
CA ALA A 870 1.10 -14.00 -27.76
C ALA A 870 1.19 -15.38 -28.42
N LEU A 871 1.59 -15.40 -29.68
CA LEU A 871 1.65 -16.65 -30.45
C LEU A 871 2.74 -17.59 -29.94
N THR A 872 3.78 -17.03 -29.33
CA THR A 872 4.91 -17.83 -28.85
C THR A 872 4.65 -18.46 -27.48
N ARG A 873 3.59 -18.01 -26.81
CA ARG A 873 3.24 -18.55 -25.50
C ARG A 873 2.41 -19.82 -25.66
N ALA A 874 2.26 -20.28 -26.90
CA ALA A 874 1.48 -21.47 -27.17
C ALA A 874 2.37 -22.69 -27.29
N LYS A 875 1.87 -23.83 -26.80
CA LYS A 875 2.62 -25.07 -26.85
C LYS A 875 2.14 -25.95 -28.00
N GLU A 876 0.84 -26.16 -28.08
CA GLU A 876 0.27 -27.05 -29.09
C GLU A 876 -0.70 -26.34 -30.04
N LYS A 877 -1.73 -25.73 -29.49
CA LYS A 877 -2.82 -25.18 -30.30
C LYS A 877 -2.92 -23.66 -30.23
N LEU A 878 -3.33 -23.05 -31.33
CA LEU A 878 -3.49 -21.60 -31.41
C LEU A 878 -4.83 -21.21 -32.02
N PHE A 879 -5.58 -20.37 -31.31
CA PHE A 879 -6.84 -19.84 -31.82
C PHE A 879 -6.78 -18.33 -31.94
N LEU A 880 -7.21 -17.80 -33.08
CA LEU A 880 -7.23 -16.37 -33.32
C LEU A 880 -8.65 -15.92 -33.59
N ILE A 881 -9.17 -15.03 -32.75
CA ILE A 881 -10.54 -14.57 -32.90
C ILE A 881 -10.60 -13.07 -33.17
N GLY A 882 -11.04 -12.72 -34.38
CA GLY A 882 -11.18 -11.32 -34.77
C GLY A 882 -12.63 -10.97 -35.04
N SER A 883 -12.87 -9.70 -35.37
CA SER A 883 -14.23 -9.25 -35.65
C SER A 883 -14.25 -8.01 -36.55
N CYS A 884 -15.26 -7.94 -37.41
CA CYS A 884 -15.45 -6.79 -38.29
C CYS A 884 -16.93 -6.66 -38.64
N LYS A 885 -17.24 -5.96 -39.73
CA LYS A 885 -18.62 -5.85 -40.18
C LYS A 885 -18.88 -6.64 -41.46
N ASP A 886 -18.22 -6.25 -42.55
CA ASP A 886 -18.37 -6.93 -43.83
C ASP A 886 -17.18 -7.83 -44.11
N HIS A 887 -17.42 -9.14 -44.18
CA HIS A 887 -16.35 -10.11 -44.38
C HIS A 887 -15.62 -9.89 -45.71
N GLN A 888 -16.31 -10.17 -46.81
CA GLN A 888 -15.70 -10.12 -48.14
C GLN A 888 -14.84 -8.88 -48.38
N LYS A 889 -15.45 -7.71 -48.33
CA LYS A 889 -14.76 -6.46 -48.70
C LYS A 889 -13.41 -6.29 -48.00
N GLN A 890 -13.32 -6.73 -46.75
CA GLN A 890 -12.05 -6.62 -46.02
C GLN A 890 -11.02 -7.59 -46.59
N LEU A 891 -11.48 -8.75 -47.01
CA LEU A 891 -10.62 -9.72 -47.69
C LEU A 891 -10.18 -9.15 -49.03
N ALA A 892 -10.98 -8.24 -49.58
CA ALA A 892 -10.61 -7.53 -50.79
C ALA A 892 -9.56 -6.48 -50.46
N LYS A 893 -9.70 -5.86 -49.30
CA LYS A 893 -8.70 -4.92 -48.81
C LYS A 893 -7.44 -5.72 -48.50
N TRP A 894 -7.63 -6.91 -47.95
CA TRP A 894 -6.52 -7.82 -47.67
C TRP A 894 -5.86 -8.28 -48.96
N GLN A 895 -6.67 -8.56 -49.97
CA GLN A 895 -6.14 -8.94 -51.28
C GLN A 895 -5.23 -7.86 -51.82
N ALA A 896 -5.69 -6.61 -51.74
CA ALA A 896 -4.94 -5.50 -52.31
C ALA A 896 -3.53 -5.46 -51.75
N SER A 897 -3.42 -5.74 -50.46
CA SER A 897 -2.14 -5.67 -49.76
C SER A 897 -1.23 -6.86 -50.06
N ALA A 898 -1.85 -7.99 -50.39
CA ALA A 898 -1.12 -9.26 -50.46
C ALA A 898 -0.41 -9.54 -51.78
N SER A 899 -0.47 -8.59 -52.71
CA SER A 899 0.12 -8.80 -54.04
C SER A 899 1.64 -8.83 -54.10
N GLN A 900 2.29 -7.81 -53.53
CA GLN A 900 3.73 -7.62 -53.70
C GLN A 900 4.51 -8.85 -53.25
N THR A 901 5.47 -9.26 -54.07
CA THR A 901 6.31 -10.40 -53.74
C THR A 901 7.43 -9.92 -52.80
N ASP A 902 8.21 -10.86 -52.30
CA ASP A 902 9.32 -10.58 -51.41
C ASP A 902 9.05 -10.89 -49.94
N TRP A 903 7.88 -11.45 -49.66
CA TRP A 903 7.54 -11.88 -48.32
C TRP A 903 7.13 -10.69 -47.48
N LEU A 904 8.06 -9.78 -47.24
CA LEU A 904 7.78 -8.65 -46.36
C LEU A 904 6.77 -7.70 -46.96
N LEU A 905 5.57 -7.68 -46.38
CA LEU A 905 4.48 -6.87 -46.87
C LEU A 905 4.87 -5.41 -47.06
N PRO A 906 4.11 -4.68 -47.91
CA PRO A 906 4.35 -3.27 -48.20
C PRO A 906 4.49 -2.44 -46.93
N GLU A 907 5.62 -1.74 -46.81
CA GLU A 907 5.93 -0.99 -45.60
C GLU A 907 4.87 0.06 -45.26
N PHE A 908 4.14 0.54 -46.28
CA PHE A 908 3.14 1.57 -46.06
C PHE A 908 1.80 1.01 -45.57
N ASP A 909 1.39 -0.12 -46.13
CA ASP A 909 0.12 -0.73 -45.74
C ASP A 909 0.17 -1.26 -44.31
N ARG A 910 1.33 -1.73 -43.89
CA ARG A 910 1.54 -2.17 -42.51
C ARG A 910 1.53 -0.95 -41.59
N TYR A 911 1.87 0.21 -42.14
CA TYR A 911 1.86 1.46 -41.40
C TYR A 911 0.42 1.89 -41.15
N GLN A 912 -0.44 1.71 -42.14
CA GLN A 912 -1.84 2.09 -42.04
C GLN A 912 -2.59 1.18 -41.08
N ALA A 913 -1.93 0.12 -40.64
CA ALA A 913 -2.55 -0.86 -39.75
C ALA A 913 -3.21 -0.18 -38.55
N ARG A 914 -4.37 -0.69 -38.16
CA ARG A 914 -5.11 -0.14 -37.03
C ARG A 914 -5.49 -1.24 -36.05
N THR A 915 -6.10 -2.30 -36.58
CA THR A 915 -6.46 -3.47 -35.78
C THR A 915 -5.47 -4.59 -36.02
N TYR A 916 -5.29 -5.45 -35.03
CA TYR A 916 -4.42 -6.61 -35.18
C TYR A 916 -4.77 -7.37 -36.44
N LEU A 917 -6.06 -7.39 -36.76
CA LEU A 917 -6.58 -8.06 -37.95
C LEU A 917 -5.83 -7.62 -39.21
N ASP A 918 -5.60 -6.31 -39.32
CA ASP A 918 -4.95 -5.75 -40.50
C ASP A 918 -3.50 -6.18 -40.63
N PHE A 919 -3.01 -6.87 -39.61
CA PHE A 919 -1.68 -7.46 -39.63
C PHE A 919 -1.76 -8.90 -40.11
N ILE A 920 -2.63 -9.67 -39.46
CA ILE A 920 -2.82 -11.08 -39.79
C ILE A 920 -3.46 -11.24 -41.17
N GLY A 921 -4.67 -10.72 -41.32
CA GLY A 921 -5.44 -10.87 -42.54
C GLY A 921 -4.63 -10.96 -43.82
N PRO A 922 -4.00 -9.85 -44.21
CA PRO A 922 -3.22 -9.79 -45.46
C PRO A 922 -2.04 -10.75 -45.46
N ALA A 923 -1.38 -10.89 -44.31
CA ALA A 923 -0.25 -11.81 -44.20
C ALA A 923 -0.74 -13.24 -44.32
N LEU A 924 -2.02 -13.44 -44.04
CA LEU A 924 -2.61 -14.76 -44.07
C LEU A 924 -3.12 -15.12 -45.47
N ALA A 925 -3.69 -14.14 -46.16
CA ALA A 925 -4.30 -14.36 -47.46
C ALA A 925 -3.41 -15.15 -48.42
N ARG A 926 -2.24 -14.62 -48.71
CA ARG A 926 -1.34 -15.20 -49.69
C ARG A 926 -1.05 -16.68 -49.43
N HIS A 927 -1.22 -17.09 -48.18
CA HIS A 927 -0.94 -18.47 -47.79
C HIS A 927 -1.78 -19.48 -48.57
N ARG A 928 -3.08 -19.53 -48.27
CA ARG A 928 -3.99 -20.43 -48.96
C ARG A 928 -5.35 -19.77 -49.21
N HIS A 939 5.53 -16.32 -55.35
CA HIS A 939 4.48 -16.72 -54.42
C HIS A 939 4.49 -18.23 -54.20
N ALA A 940 5.63 -18.85 -54.44
CA ALA A 940 5.76 -20.30 -54.27
C ALA A 940 5.98 -20.65 -52.80
N ASP A 941 7.11 -20.23 -52.25
CA ASP A 941 7.46 -20.53 -50.87
C ASP A 941 6.42 -19.99 -49.89
N ILE A 942 5.86 -18.83 -50.21
CA ILE A 942 4.87 -18.19 -49.34
C ILE A 942 3.68 -19.11 -49.07
N SER A 943 2.99 -19.49 -50.14
CA SER A 943 1.84 -20.38 -50.03
C SER A 943 2.25 -21.80 -49.67
N GLY A 944 3.46 -22.17 -50.07
CA GLY A 944 3.96 -23.51 -49.82
C GLY A 944 4.51 -23.71 -48.41
N HIS A 945 4.68 -22.60 -47.69
CA HIS A 945 5.22 -22.66 -46.33
C HIS A 945 4.42 -23.62 -45.47
N PRO A 946 5.11 -24.54 -44.78
CA PRO A 946 4.52 -25.58 -43.95
C PRO A 946 3.76 -25.05 -42.75
N ALA A 947 2.70 -24.28 -42.98
CA ALA A 947 1.88 -23.77 -41.90
C ALA A 947 0.41 -24.12 -42.14
N ARG A 948 -0.24 -24.65 -41.12
CA ARG A 948 -1.63 -25.07 -41.24
C ARG A 948 -2.59 -24.08 -40.59
N PHE A 949 -3.55 -23.60 -41.37
CA PHE A 949 -4.54 -22.65 -40.91
C PHE A 949 -5.96 -23.16 -41.16
N ALA A 950 -6.85 -22.88 -40.21
CA ALA A 950 -8.24 -23.28 -40.33
C ALA A 950 -9.15 -22.08 -40.14
N VAL A 951 -9.78 -21.64 -41.21
CA VAL A 951 -10.61 -20.43 -41.19
C VAL A 951 -12.11 -20.74 -41.08
N GLN A 952 -12.82 -19.96 -40.29
CA GLN A 952 -14.27 -20.10 -40.15
C GLN A 952 -14.95 -18.75 -40.25
N MET A 953 -15.67 -18.52 -41.34
CA MET A 953 -16.39 -17.26 -41.53
C MET A 953 -17.75 -17.33 -40.85
N ILE A 954 -17.91 -16.60 -39.76
CA ILE A 954 -19.13 -16.66 -38.97
C ILE A 954 -20.02 -15.44 -39.17
N HIS A 955 -21.27 -15.70 -39.54
CA HIS A 955 -22.24 -14.64 -39.76
C HIS A 955 -22.57 -13.91 -38.46
N SER A 956 -22.05 -14.45 -37.35
CA SER A 956 -22.14 -13.81 -36.03
C SER A 956 -23.52 -13.91 -35.39
N TYR A 957 -24.52 -14.29 -36.18
CA TYR A 957 -25.88 -14.42 -35.68
C TYR A 957 -26.14 -15.82 -35.12
N ASP A 958 -25.72 -16.85 -35.85
CA ASP A 958 -25.94 -18.23 -35.43
C ASP A 958 -24.91 -18.66 -34.39
N SER A 972 -33.74 -28.11 -4.56
CA SER A 972 -34.89 -27.21 -4.60
C SER A 972 -35.52 -27.09 -3.22
N GLU A 973 -35.50 -28.18 -2.46
CA GLU A 973 -36.04 -28.18 -1.11
C GLU A 973 -35.04 -27.63 -0.10
N ARG A 974 -33.78 -27.98 -0.25
CA ARG A 974 -32.74 -27.53 0.67
C ARG A 974 -32.65 -26.01 0.71
N LEU A 975 -32.73 -25.37 -0.45
CA LEU A 975 -32.73 -23.92 -0.51
C LEU A 975 -33.92 -23.34 0.25
N GLU A 976 -35.12 -23.80 -0.08
CA GLU A 976 -36.33 -23.34 0.59
C GLU A 976 -36.25 -23.57 2.09
N ALA A 977 -35.61 -24.68 2.48
CA ALA A 977 -35.36 -24.95 3.89
C ALA A 977 -34.38 -23.92 4.44
N ILE A 978 -33.28 -23.72 3.73
CA ILE A 978 -32.28 -22.74 4.11
C ILE A 978 -32.90 -21.34 4.21
N ARG A 979 -33.84 -21.05 3.31
CA ARG A 979 -34.48 -19.74 3.24
C ARG A 979 -35.12 -19.35 4.57
N ARG A 980 -35.38 -20.35 5.41
CA ARG A 980 -35.96 -20.10 6.73
C ARG A 980 -35.30 -20.94 7.82
N GLY A 981 -35.55 -22.24 7.76
CA GLY A 981 -35.07 -23.16 8.78
C GLY A 981 -33.90 -24.02 8.34
N GLU A 982 -34.01 -25.32 8.57
CA GLU A 982 -32.92 -26.25 8.32
C GLU A 982 -33.36 -27.46 7.51
N PRO A 983 -32.46 -28.00 6.69
CA PRO A 983 -32.72 -29.22 5.91
C PRO A 983 -32.71 -30.44 6.82
N VAL A 984 -33.00 -31.61 6.24
CA VAL A 984 -33.02 -32.84 7.01
C VAL A 984 -32.59 -34.03 6.17
N PHE A 988 -26.59 -36.52 8.46
CA PHE A 988 -25.46 -36.70 7.56
C PHE A 988 -24.29 -37.36 8.29
N ALA A 989 -23.33 -37.87 7.52
CA ALA A 989 -22.20 -38.63 8.07
C ALA A 989 -21.54 -37.97 9.27
N PHE A 990 -21.33 -36.66 9.18
CA PHE A 990 -20.60 -35.93 10.23
C PHE A 990 -21.51 -35.27 11.25
N ASP A 991 -22.79 -35.64 11.26
CA ASP A 991 -23.79 -35.00 12.11
C ASP A 991 -23.36 -34.96 13.57
N GLU A 992 -22.70 -36.02 14.04
CA GLU A 992 -22.35 -36.15 15.45
C GLU A 992 -21.07 -35.41 15.84
N LYS A 993 -20.02 -35.57 15.04
CA LYS A 993 -18.75 -34.87 15.30
C LYS A 993 -18.97 -33.36 15.39
N ALA A 994 -19.60 -32.81 14.36
CA ALA A 994 -19.82 -31.36 14.27
C ALA A 994 -20.45 -30.79 15.53
N ARG A 995 -21.47 -31.46 16.05
CA ARG A 995 -22.21 -30.95 17.21
C ARG A 995 -21.34 -30.91 18.46
N GLU A 996 -20.45 -31.90 18.59
CA GLU A 996 -19.53 -31.94 19.72
C GLU A 996 -18.54 -30.80 19.65
N GLN A 997 -17.89 -30.65 18.50
CA GLN A 997 -16.86 -29.63 18.31
C GLN A 997 -17.39 -28.21 18.50
N LEU A 998 -18.67 -28.00 18.22
CA LEU A 998 -19.28 -26.69 18.39
C LEU A 998 -19.68 -26.44 19.85
N SER A 999 -19.83 -27.52 20.61
CA SER A 999 -20.18 -27.41 22.02
C SER A 999 -18.94 -27.55 22.90
N TRP A 1000 -17.80 -27.81 22.26
CA TRP A 1000 -16.54 -28.03 22.96
C TRP A 1000 -16.00 -26.78 23.63
N THR A 1001 -15.43 -26.95 24.82
CA THR A 1001 -14.76 -25.86 25.52
C THR A 1001 -13.37 -26.32 25.93
N TYR A 1002 -12.56 -25.39 26.42
CA TYR A 1002 -11.21 -25.72 26.86
C TYR A 1002 -11.19 -25.99 28.35
N PRO A 1003 -10.95 -27.26 28.73
CA PRO A 1003 -10.97 -27.72 30.12
C PRO A 1003 -10.17 -26.83 31.07
N HIS A 1004 -9.05 -26.30 30.60
CA HIS A 1004 -8.17 -25.48 31.44
C HIS A 1004 -8.33 -23.98 31.16
N GLN A 1005 -9.38 -23.62 30.42
CA GLN A 1005 -9.57 -22.25 29.96
C GLN A 1005 -9.58 -21.18 31.05
N GLU A 1006 -10.01 -21.54 32.26
CA GLU A 1006 -10.09 -20.58 33.36
C GLU A 1006 -8.73 -20.03 33.74
N VAL A 1007 -7.67 -20.76 33.43
CA VAL A 1007 -6.32 -20.40 33.85
C VAL A 1007 -5.55 -19.66 32.74
N THR A 1008 -6.02 -19.80 31.51
CA THR A 1008 -5.30 -19.27 30.34
C THR A 1008 -5.09 -17.75 30.37
N GLN A 1009 -5.81 -17.08 31.27
CA GLN A 1009 -5.70 -15.63 31.39
C GLN A 1009 -4.91 -15.19 32.62
N ILE A 1010 -4.63 -16.14 33.51
CA ILE A 1010 -3.93 -15.86 34.75
C ILE A 1010 -2.42 -15.72 34.54
N ARG A 1011 -1.84 -14.66 35.09
CA ARG A 1011 -0.40 -14.45 35.00
C ARG A 1011 0.40 -15.50 35.75
N THR A 1012 1.47 -16.00 35.14
CA THR A 1012 2.30 -17.02 35.74
C THR A 1012 3.07 -16.47 36.95
N LYS A 1013 3.83 -15.41 36.73
CA LYS A 1013 4.59 -14.77 37.80
C LYS A 1013 3.84 -13.56 38.36
N GLN A 1014 3.75 -13.50 39.68
CA GLN A 1014 3.10 -12.38 40.35
C GLN A 1014 3.95 -11.87 41.51
N SER A 1015 4.46 -10.66 41.37
CA SER A 1015 5.34 -10.07 42.38
C SER A 1015 4.58 -9.54 43.59
N VAL A 1016 5.26 -9.53 44.73
CA VAL A 1016 4.75 -8.87 45.93
C VAL A 1016 5.82 -7.90 46.43
N SER A 1017 5.62 -6.62 46.18
CA SER A 1017 6.61 -5.61 46.55
C SER A 1017 6.01 -4.52 47.42
N ASP A 1027 11.65 -6.69 36.09
CA ASP A 1027 11.20 -7.97 35.55
C ASP A 1027 9.88 -7.77 34.82
N GLU A 1028 9.88 -8.06 33.53
CA GLU A 1028 8.70 -7.76 32.69
C GLU A 1028 7.79 -8.96 32.51
N TYR A 1029 8.13 -10.07 33.15
CA TYR A 1029 7.34 -11.30 32.99
C TYR A 1029 6.35 -11.52 34.13
N SER A 1030 6.34 -10.61 35.10
CA SER A 1030 5.45 -10.76 36.25
C SER A 1030 4.42 -9.64 36.36
N GLY A 1031 3.55 -9.76 37.35
CA GLY A 1031 2.56 -8.74 37.63
C GLY A 1031 2.48 -8.53 39.13
N ARG A 1032 1.54 -7.70 39.56
CA ARG A 1032 1.35 -7.46 40.97
C ARG A 1032 -0.07 -7.82 41.40
N TYR A 1044 0.34 10.25 37.47
CA TYR A 1044 0.32 11.71 37.47
C TYR A 1044 1.73 12.26 37.67
N ARG A 1045 2.72 11.40 37.48
CA ARG A 1045 4.10 11.79 37.72
C ARG A 1045 4.45 13.11 37.03
N ARG A 1046 4.97 14.05 37.81
CA ARG A 1046 5.42 15.33 37.28
C ARG A 1046 6.88 15.22 36.85
N PRO A 1047 7.27 16.01 35.84
CA PRO A 1047 8.67 16.04 35.40
C PRO A 1047 9.59 16.49 36.53
N ALA A 1048 10.75 15.87 36.64
CA ALA A 1048 11.70 16.19 37.71
C ALA A 1048 12.12 17.66 37.67
N PHE A 1049 12.06 18.26 36.48
CA PHE A 1049 12.48 19.65 36.31
C PHE A 1049 11.40 20.64 36.72
N MET A 1050 10.15 20.22 36.69
CA MET A 1050 9.03 21.08 37.10
C MET A 1050 8.50 20.74 38.48
N MET A 1051 9.11 19.74 39.13
CA MET A 1051 8.60 19.28 40.42
C MET A 1051 9.36 19.88 41.59
N LYS A 1052 8.99 19.46 42.80
CA LYS A 1052 9.64 19.91 44.02
C LYS A 1052 11.13 19.59 44.01
N LYS A 1053 11.85 20.18 44.95
CA LYS A 1053 13.29 19.96 45.07
C LYS A 1053 13.60 18.82 46.04
N GLY A 1054 12.55 18.28 46.67
CA GLY A 1054 12.72 17.26 47.69
C GLY A 1054 12.21 15.88 47.33
N LEU A 1055 11.92 15.07 48.34
CA LEU A 1055 11.48 13.68 48.14
C LEU A 1055 10.02 13.45 48.50
N THR A 1056 9.50 12.28 48.12
CA THR A 1056 8.15 11.88 48.48
C THR A 1056 8.19 10.75 49.51
N ALA A 1057 7.12 10.62 50.28
CA ALA A 1057 7.04 9.60 51.32
C ALA A 1057 7.56 8.25 50.83
N ALA A 1058 7.21 7.90 49.59
CA ALA A 1058 7.65 6.65 48.99
C ALA A 1058 9.17 6.59 48.90
N GLU A 1059 9.77 7.58 48.25
CA GLU A 1059 11.22 7.61 48.05
C GLU A 1059 11.98 7.64 49.36
N LYS A 1060 11.49 8.41 50.33
CA LYS A 1060 12.10 8.45 51.66
C LYS A 1060 12.10 7.04 52.25
N GLY A 1061 10.95 6.38 52.21
CA GLY A 1061 10.82 5.02 52.70
C GLY A 1061 11.80 4.08 52.04
N THR A 1062 11.98 4.24 50.74
CA THR A 1062 12.94 3.44 49.99
C THR A 1062 14.34 3.64 50.54
N ALA A 1063 14.67 4.89 50.85
CA ALA A 1063 15.97 5.23 51.40
C ALA A 1063 16.11 4.66 52.81
N MET A 1064 15.11 4.93 53.64
CA MET A 1064 15.09 4.42 55.01
C MET A 1064 15.28 2.92 55.03
N HIS A 1065 14.74 2.24 54.02
CA HIS A 1065 14.81 0.78 53.94
C HIS A 1065 16.23 0.32 53.64
N THR A 1066 16.83 0.93 52.61
CA THR A 1066 18.19 0.59 52.19
C THR A 1066 19.18 0.57 53.37
N VAL A 1067 19.12 1.62 54.18
CA VAL A 1067 20.03 1.73 55.32
C VAL A 1067 19.89 0.54 56.28
N MET A 1068 18.67 0.25 56.71
CA MET A 1068 18.42 -0.85 57.63
C MET A 1068 19.06 -2.14 57.15
N GLN A 1069 19.15 -2.30 55.83
CA GLN A 1069 19.66 -3.52 55.23
C GLN A 1069 21.17 -3.50 55.02
N HIS A 1070 21.79 -2.35 55.31
CA HIS A 1070 23.24 -2.23 55.20
C HIS A 1070 23.91 -1.97 56.54
N ILE A 1071 23.12 -1.78 57.58
CA ILE A 1071 23.66 -1.53 58.90
C ILE A 1071 24.34 -2.79 59.43
N PRO A 1072 25.55 -2.65 59.98
CA PRO A 1072 26.25 -3.80 60.55
C PRO A 1072 25.48 -4.40 61.72
N LEU A 1073 25.25 -5.70 61.68
CA LEU A 1073 24.49 -6.37 62.74
C LEU A 1073 25.43 -6.96 63.80
N SER A 1074 26.72 -6.63 63.70
CA SER A 1074 27.70 -7.08 64.68
C SER A 1074 27.33 -6.62 66.08
N HIS A 1075 26.93 -5.35 66.20
CA HIS A 1075 26.57 -4.77 67.49
C HIS A 1075 25.52 -3.67 67.31
N VAL A 1076 25.13 -3.05 68.41
CA VAL A 1076 24.17 -1.95 68.37
C VAL A 1076 24.87 -0.64 67.99
N PRO A 1077 24.52 -0.08 66.83
CA PRO A 1077 25.14 1.15 66.34
C PRO A 1077 24.70 2.35 67.17
N SER A 1078 25.53 3.40 67.21
CA SER A 1078 25.14 4.66 67.83
C SER A 1078 24.68 5.61 66.74
N ILE A 1079 24.21 6.79 67.14
CA ILE A 1079 23.74 7.77 66.17
C ILE A 1079 24.81 8.07 65.12
N GLU A 1080 26.06 8.16 65.55
CA GLU A 1080 27.15 8.44 64.63
C GLU A 1080 27.52 7.22 63.80
N GLU A 1081 27.56 6.05 64.44
CA GLU A 1081 27.85 4.82 63.73
C GLU A 1081 26.82 4.58 62.63
N ALA A 1082 25.62 5.10 62.83
CA ALA A 1082 24.57 5.02 61.85
C ALA A 1082 24.82 6.00 60.71
N GLU A 1083 25.23 7.22 61.07
CA GLU A 1083 25.55 8.24 60.09
C GLU A 1083 26.66 7.80 59.16
N GLN A 1084 27.67 7.15 59.74
CA GLN A 1084 28.79 6.64 58.97
C GLN A 1084 28.29 5.72 57.87
N THR A 1085 27.41 4.81 58.24
CA THR A 1085 26.80 3.89 57.29
C THR A 1085 26.08 4.67 56.19
N VAL A 1086 25.20 5.59 56.60
CA VAL A 1086 24.46 6.41 55.65
C VAL A 1086 25.39 7.11 54.68
N HIS A 1087 26.51 7.62 55.19
CA HIS A 1087 27.48 8.31 54.35
C HIS A 1087 28.18 7.36 53.37
N ARG A 1088 28.50 6.16 53.84
CA ARG A 1088 29.19 5.19 53.00
C ARG A 1088 28.28 4.74 51.85
N LEU A 1089 26.99 4.58 52.16
CA LEU A 1089 26.01 4.25 51.14
C LEU A 1089 25.98 5.36 50.09
N TYR A 1090 26.18 6.59 50.56
CA TYR A 1090 26.23 7.76 49.69
C TYR A 1090 27.47 7.71 48.81
N GLU A 1091 28.63 7.46 49.42
CA GLU A 1091 29.89 7.35 48.69
C GLU A 1091 29.81 6.29 47.60
N LYS A 1092 29.30 5.11 47.96
CA LYS A 1092 29.25 3.99 47.04
C LYS A 1092 28.07 4.08 46.08
N GLU A 1093 27.32 5.17 46.20
CA GLU A 1093 26.18 5.44 45.31
C GLU A 1093 25.05 4.43 45.45
N LEU A 1094 24.72 4.07 46.67
CA LEU A 1094 23.53 3.27 46.95
C LEU A 1094 22.43 4.20 47.41
N LEU A 1095 22.77 5.49 47.46
CA LEU A 1095 21.85 6.50 47.96
C LEU A 1095 22.07 7.82 47.24
N THR A 1096 20.99 8.48 46.85
CA THR A 1096 21.08 9.79 46.21
C THR A 1096 21.31 10.85 47.28
N GLU A 1097 21.88 11.98 46.87
CA GLU A 1097 22.14 13.08 47.79
C GLU A 1097 20.85 13.43 48.53
N GLU A 1098 19.74 13.46 47.81
CA GLU A 1098 18.45 13.77 48.40
C GLU A 1098 18.07 12.72 49.44
N GLN A 1099 18.19 11.44 49.04
CA GLN A 1099 17.87 10.34 49.93
C GLN A 1099 18.68 10.41 51.22
N LYS A 1100 19.96 10.73 51.09
CA LYS A 1100 20.84 10.84 52.24
C LYS A 1100 20.33 11.86 53.26
N ASP A 1101 20.02 13.06 52.78
CA ASP A 1101 19.57 14.14 53.65
C ASP A 1101 18.16 13.90 54.21
N ALA A 1102 17.48 12.88 53.70
CA ALA A 1102 16.09 12.62 54.10
C ALA A 1102 15.99 11.61 55.24
N ILE A 1103 17.10 10.95 55.55
CA ILE A 1103 17.11 9.89 56.55
C ILE A 1103 17.07 10.42 57.99
N ASP A 1104 16.12 9.91 58.78
CA ASP A 1104 16.02 10.25 60.19
C ASP A 1104 16.76 9.20 61.02
N ILE A 1105 18.00 9.50 61.37
CA ILE A 1105 18.87 8.53 62.04
C ILE A 1105 18.26 7.99 63.34
N GLU A 1106 17.61 8.86 64.10
CA GLU A 1106 16.98 8.46 65.36
C GLU A 1106 16.04 7.28 65.14
N GLU A 1107 15.31 7.32 64.04
CA GLU A 1107 14.33 6.30 63.72
C GLU A 1107 14.98 5.02 63.20
N ILE A 1108 16.25 5.12 62.83
CA ILE A 1108 16.99 3.94 62.37
C ILE A 1108 17.70 3.24 63.53
N VAL A 1109 18.26 4.03 64.44
CA VAL A 1109 18.94 3.48 65.61
C VAL A 1109 17.92 2.96 66.61
N GLN A 1110 16.74 3.60 66.63
CA GLN A 1110 15.68 3.23 67.57
C GLN A 1110 15.34 1.76 67.55
N PHE A 1111 15.44 1.13 66.38
CA PHE A 1111 15.09 -0.28 66.25
C PHE A 1111 16.03 -1.18 67.04
N PHE A 1112 17.31 -0.83 67.07
CA PHE A 1112 18.31 -1.70 67.70
C PHE A 1112 18.33 -1.58 69.21
N HIS A 1113 17.47 -0.71 69.75
CA HIS A 1113 17.30 -0.60 71.19
C HIS A 1113 16.05 -1.35 71.64
N THR A 1114 15.27 -1.81 70.69
CA THR A 1114 14.04 -2.56 70.99
C THR A 1114 14.37 -4.00 71.34
N GLU A 1115 13.39 -4.69 71.93
CA GLU A 1115 13.54 -6.10 72.25
C GLU A 1115 13.91 -6.90 71.00
N ILE A 1116 13.19 -6.64 69.92
CA ILE A 1116 13.43 -7.31 68.65
C ILE A 1116 14.84 -7.03 68.13
N GLY A 1117 15.23 -5.76 68.17
CA GLY A 1117 16.54 -5.36 67.69
C GLY A 1117 17.67 -6.12 68.34
N GLY A 1118 17.68 -6.13 69.68
CA GLY A 1118 18.69 -6.86 70.42
C GLY A 1118 18.70 -8.34 70.09
N GLN A 1119 17.51 -8.89 69.87
CA GLN A 1119 17.38 -10.28 69.48
C GLN A 1119 17.97 -10.53 68.10
N LEU A 1120 17.84 -9.55 67.21
CA LEU A 1120 18.45 -9.65 65.90
C LEU A 1120 19.96 -9.67 66.05
N ILE A 1121 20.49 -8.72 66.82
CA ILE A 1121 21.93 -8.64 67.07
C ILE A 1121 22.46 -9.97 67.58
N GLY A 1122 21.90 -10.45 68.67
CA GLY A 1122 22.28 -11.76 69.19
C GLY A 1122 21.55 -12.88 68.48
N ALA A 1123 22.23 -13.56 67.57
CA ALA A 1123 21.64 -14.67 66.84
C ALA A 1123 22.70 -15.56 66.20
N LYS A 1124 22.48 -16.87 66.24
CA LYS A 1124 23.40 -17.81 65.62
C LYS A 1124 23.60 -17.47 64.15
N TRP A 1125 22.52 -17.03 63.51
CA TRP A 1125 22.51 -16.85 62.07
C TRP A 1125 21.54 -15.74 61.65
N LYS A 1126 21.88 -15.05 60.57
CA LYS A 1126 21.06 -13.95 60.07
C LYS A 1126 21.22 -13.78 58.56
N ASP A 1127 20.20 -13.22 57.91
CA ASP A 1127 20.29 -12.87 56.50
C ASP A 1127 19.26 -11.78 56.17
N ARG A 1128 19.59 -10.93 55.20
CA ARG A 1128 18.68 -9.86 54.81
C ARG A 1128 18.51 -9.79 53.29
N GLU A 1129 17.43 -9.13 52.87
CA GLU A 1129 17.09 -9.04 51.45
C GLU A 1129 17.05 -10.43 50.84
N ILE A 1130 16.18 -11.28 51.37
CA ILE A 1130 16.05 -12.66 50.91
C ILE A 1130 14.98 -12.81 49.85
N PRO A 1131 15.39 -13.06 48.60
CA PRO A 1131 14.46 -13.27 47.48
C PRO A 1131 13.87 -14.67 47.54
N PHE A 1132 12.64 -14.82 47.06
CA PHE A 1132 12.01 -16.14 47.04
C PHE A 1132 10.98 -16.25 45.93
N SER A 1133 10.73 -17.48 45.49
CA SER A 1133 9.69 -17.78 44.52
C SER A 1133 8.86 -18.93 45.07
N LEU A 1134 7.58 -18.67 45.32
CA LEU A 1134 6.69 -19.67 45.90
C LEU A 1134 5.59 -20.08 44.92
N ALA A 1135 5.43 -21.38 44.72
CA ALA A 1135 4.40 -21.89 43.82
C ALA A 1135 3.13 -22.24 44.57
N LEU A 1136 2.04 -21.57 44.23
CA LEU A 1136 0.75 -21.79 44.88
C LEU A 1136 -0.30 -22.21 43.86
N PRO A 1137 -1.28 -23.01 44.29
CA PRO A 1137 -2.44 -23.29 43.45
C PRO A 1137 -3.13 -21.98 43.07
N ALA A 1138 -3.52 -21.86 41.80
CA ALA A 1138 -4.05 -20.60 41.28
C ALA A 1138 -5.16 -19.95 42.11
N LYS A 1139 -6.05 -20.76 42.66
CA LYS A 1139 -7.19 -20.23 43.39
C LYS A 1139 -6.81 -19.69 44.76
N GLU A 1140 -5.78 -20.28 45.36
CA GLU A 1140 -5.34 -19.88 46.69
C GLU A 1140 -5.08 -18.38 46.73
N ILE A 1141 -4.91 -17.78 45.56
CA ILE A 1141 -4.80 -16.33 45.44
C ILE A 1141 -6.07 -15.77 44.80
N TYR A 1142 -6.47 -16.33 43.67
CA TYR A 1142 -7.70 -15.94 42.99
C TYR A 1142 -8.86 -16.84 43.40
N PRO A 1143 -9.68 -16.39 44.36
CA PRO A 1143 -10.85 -17.19 44.73
C PRO A 1143 -11.84 -17.28 43.58
N ASP A 1144 -11.82 -16.27 42.71
CA ASP A 1144 -12.77 -16.17 41.61
C ASP A 1144 -12.73 -17.40 40.72
N ALA A 1145 -11.55 -17.75 40.23
CA ALA A 1145 -11.40 -18.94 39.39
C ALA A 1145 -11.01 -20.15 40.24
N HIS A 1146 -11.98 -21.03 40.44
CA HIS A 1146 -11.82 -22.19 41.33
C HIS A 1146 -11.53 -23.47 40.56
N GLU A 1147 -11.74 -23.41 39.25
CA GLU A 1147 -11.78 -24.62 38.43
C GLU A 1147 -10.46 -25.38 38.34
N ALA A 1148 -9.36 -24.64 38.25
CA ALA A 1148 -8.08 -25.25 37.93
C ALA A 1148 -7.03 -25.09 39.02
N ASP A 1149 -6.23 -26.13 39.23
CA ASP A 1149 -5.26 -26.19 40.33
C ASP A 1149 -3.82 -25.89 39.91
N GLU A 1150 -3.61 -25.49 38.66
CA GLU A 1150 -2.27 -25.17 38.20
C GLU A 1150 -1.60 -24.18 39.13
N PRO A 1151 -0.29 -24.36 39.38
CA PRO A 1151 0.46 -23.49 40.28
C PRO A 1151 0.90 -22.18 39.61
N LEU A 1152 0.85 -21.09 40.36
CA LEU A 1152 1.37 -19.82 39.90
C LEU A 1152 2.50 -19.38 40.84
N LEU A 1153 3.40 -18.55 40.35
CA LEU A 1153 4.53 -18.12 41.16
C LEU A 1153 4.31 -16.77 41.82
N VAL A 1154 4.31 -16.77 43.15
CA VAL A 1154 4.33 -15.52 43.91
C VAL A 1154 5.78 -15.25 44.27
N GLN A 1155 6.26 -14.04 44.00
CA GLN A 1155 7.65 -13.70 44.23
C GLN A 1155 7.81 -12.39 45.00
N GLY A 1156 8.69 -12.40 45.99
CA GLY A 1156 8.94 -11.23 46.80
C GLY A 1156 10.30 -11.26 47.48
N ILE A 1157 10.49 -10.36 48.43
CA ILE A 1157 11.74 -10.30 49.19
C ILE A 1157 11.46 -10.18 50.68
N ILE A 1158 11.86 -11.18 51.44
CA ILE A 1158 11.75 -11.11 52.88
C ILE A 1158 12.86 -10.19 53.41
N ASP A 1159 12.45 -9.10 54.06
CA ASP A 1159 13.40 -8.11 54.54
C ASP A 1159 14.51 -8.72 55.38
N CYS A 1160 14.13 -9.54 56.37
CA CYS A 1160 15.11 -10.08 57.30
C CYS A 1160 14.66 -11.39 57.94
N LEU A 1161 15.62 -12.30 58.13
CA LEU A 1161 15.40 -13.54 58.85
C LEU A 1161 16.56 -13.79 59.80
N TYR A 1162 16.27 -14.29 60.99
CA TYR A 1162 17.30 -14.59 61.97
C TYR A 1162 16.94 -15.79 62.85
N GLU A 1163 17.93 -16.59 63.19
CA GLU A 1163 17.72 -17.79 63.98
C GLU A 1163 18.33 -17.67 65.38
N THR A 1164 17.57 -18.09 66.38
CA THR A 1164 18.05 -18.12 67.76
C THR A 1164 17.89 -19.53 68.32
N GLU A 1165 18.29 -19.72 69.58
CA GLU A 1165 18.15 -21.03 70.22
C GLU A 1165 16.68 -21.38 70.46
N ASP A 1166 15.80 -20.46 70.12
CA ASP A 1166 14.36 -20.70 70.21
C ASP A 1166 13.79 -21.15 68.88
N GLY A 1167 13.98 -20.33 67.85
CA GLY A 1167 13.50 -20.66 66.52
C GLY A 1167 13.86 -19.61 65.49
N LEU A 1168 13.24 -19.71 64.31
CA LEU A 1168 13.46 -18.77 63.23
C LEU A 1168 12.39 -17.67 63.26
N TYR A 1169 12.84 -16.42 63.17
CA TYR A 1169 11.92 -15.28 63.22
C TYR A 1169 12.02 -14.42 61.97
N LEU A 1170 10.90 -13.83 61.57
CA LEU A 1170 10.85 -12.98 60.38
C LEU A 1170 10.78 -11.51 60.76
N LEU A 1171 11.41 -10.66 59.96
CA LEU A 1171 11.50 -9.25 60.26
C LEU A 1171 11.28 -8.36 59.03
N ALA A 1172 10.36 -7.41 59.15
CA ALA A 1172 10.09 -6.46 58.08
C ALA A 1172 9.98 -5.03 58.60
N TYR A 1173 10.58 -4.09 57.89
CA TYR A 1173 10.49 -2.68 58.27
C TYR A 1173 9.49 -1.97 57.38
N LYS A 1174 8.65 -1.13 57.97
CA LYS A 1174 7.60 -0.43 57.24
C LYS A 1174 7.64 1.07 57.52
N SER A 1175 7.72 1.86 56.45
CA SER A 1175 7.78 3.31 56.56
C SER A 1175 6.38 3.90 56.67
N ASP A 1176 5.44 3.07 57.11
CA ASP A 1176 4.03 3.46 57.19
C ASP A 1176 3.78 4.67 58.10
N ARG A 1177 2.82 5.49 57.69
CA ARG A 1177 2.41 6.67 58.43
C ARG A 1177 1.60 6.28 59.66
N ILE A 1178 2.07 6.69 60.85
CA ILE A 1178 1.40 6.34 62.09
C ILE A 1178 1.00 7.57 62.91
N GLU A 1179 1.97 8.14 63.62
CA GLU A 1179 1.70 9.20 64.58
C GLU A 1179 1.32 10.54 63.93
N GLY A 1180 0.12 11.01 64.25
CA GLY A 1180 -0.39 12.24 63.69
C GLY A 1180 -1.69 12.66 64.35
N GLY A 1185 -2.99 7.60 69.40
CA GLY A 1185 -1.86 6.77 69.72
C GLY A 1185 -1.55 5.75 68.63
N PHE A 1186 -0.53 4.92 68.87
CA PHE A 1186 -0.19 3.83 67.98
C PHE A 1186 -1.01 2.59 68.34
N GLU A 1187 -1.66 2.66 69.50
CA GLU A 1187 -2.54 1.59 69.97
C GLU A 1187 -3.65 1.33 68.97
N GLY A 1188 -4.16 2.41 68.37
CA GLY A 1188 -5.29 2.33 67.47
C GLY A 1188 -4.89 2.04 66.04
N ALA A 1189 -3.62 2.27 65.71
CA ALA A 1189 -3.13 2.00 64.37
C ALA A 1189 -2.78 0.52 64.20
N ALA A 1190 -2.24 -0.07 65.27
CA ALA A 1190 -1.83 -1.47 65.26
C ALA A 1190 -2.85 -2.41 64.61
N PRO A 1191 -4.11 -2.33 65.05
CA PRO A 1191 -5.15 -3.19 64.47
C PRO A 1191 -5.25 -3.03 62.96
N ILE A 1192 -5.12 -1.81 62.49
CA ILE A 1192 -5.20 -1.51 61.06
C ILE A 1192 -3.96 -1.95 60.30
N LEU A 1193 -2.79 -1.60 60.82
CA LEU A 1193 -1.54 -2.02 60.22
C LEU A 1193 -1.46 -3.54 60.14
N LYS A 1194 -1.85 -4.20 61.22
CA LYS A 1194 -1.82 -5.65 61.30
C LYS A 1194 -2.38 -6.29 60.03
N LYS A 1195 -3.55 -5.82 59.60
CA LYS A 1195 -4.22 -6.43 58.47
C LYS A 1195 -3.98 -5.70 57.14
N ARG A 1196 -3.11 -4.70 57.16
CA ARG A 1196 -2.65 -4.09 55.92
C ARG A 1196 -1.50 -4.94 55.37
N TYR A 1197 -0.74 -5.53 56.29
CA TYR A 1197 0.38 -6.40 55.94
C TYR A 1197 0.11 -7.85 56.33
N GLU A 1198 -1.12 -8.12 56.77
CA GLU A 1198 -1.51 -9.45 57.23
C GLU A 1198 -1.23 -10.52 56.18
N THR A 1199 -1.89 -10.40 55.03
CA THR A 1199 -1.76 -11.38 53.96
C THR A 1199 -0.32 -11.52 53.45
N GLN A 1200 0.41 -10.41 53.43
CA GLN A 1200 1.77 -10.41 52.93
C GLN A 1200 2.69 -11.31 53.78
N ILE A 1201 2.63 -11.12 55.10
CA ILE A 1201 3.49 -11.86 56.02
C ILE A 1201 3.20 -13.36 56.00
N GLN A 1202 1.94 -13.72 55.79
CA GLN A 1202 1.57 -15.13 55.70
C GLN A 1202 2.23 -15.77 54.49
N LEU A 1203 2.21 -15.07 53.36
CA LEU A 1203 2.89 -15.53 52.17
C LEU A 1203 4.37 -15.80 52.48
N TYR A 1204 4.98 -14.88 53.22
CA TYR A 1204 6.37 -15.04 53.62
C TYR A 1204 6.56 -16.32 54.42
N THR A 1205 5.86 -16.43 55.55
CA THR A 1205 5.97 -17.61 56.39
C THR A 1205 5.73 -18.87 55.57
N LYS A 1206 4.75 -18.82 54.68
CA LYS A 1206 4.45 -19.95 53.81
C LYS A 1206 5.64 -20.24 52.91
N ALA A 1207 6.18 -19.19 52.29
CA ALA A 1207 7.33 -19.33 51.42
C ALA A 1207 8.47 -20.04 52.16
N VAL A 1208 8.74 -19.61 53.38
CA VAL A 1208 9.82 -20.21 54.17
C VAL A 1208 9.48 -21.63 54.60
N GLU A 1209 8.33 -21.78 55.25
CA GLU A 1209 7.93 -23.06 55.80
C GLU A 1209 7.81 -24.15 54.75
N GLN A 1210 7.23 -23.82 53.60
CA GLN A 1210 7.02 -24.79 52.53
C GLN A 1210 8.31 -25.11 51.77
N ILE A 1211 9.10 -24.10 51.49
CA ILE A 1211 10.33 -24.28 50.71
C ILE A 1211 11.48 -24.80 51.55
N ALA A 1212 11.68 -24.21 52.72
CA ALA A 1212 12.77 -24.61 53.61
C ALA A 1212 12.40 -25.84 54.45
N LYS A 1213 11.11 -26.15 54.50
CA LYS A 1213 10.63 -27.28 55.28
C LYS A 1213 10.95 -27.10 56.76
N THR A 1214 11.25 -25.86 57.14
CA THR A 1214 11.40 -25.49 58.54
C THR A 1214 10.13 -24.73 58.92
N LYS A 1215 10.11 -24.15 60.12
CA LYS A 1215 8.92 -23.42 60.55
C LYS A 1215 9.24 -22.06 61.16
N VAL A 1216 8.42 -21.07 60.83
CA VAL A 1216 8.60 -19.71 61.31
C VAL A 1216 7.75 -19.44 62.54
N LYS A 1217 8.40 -19.24 63.67
CA LYS A 1217 7.70 -18.89 64.90
C LYS A 1217 7.84 -17.40 65.22
N GLY A 1218 6.77 -16.65 64.98
CA GLY A 1218 6.76 -15.23 65.28
C GLY A 1218 7.23 -14.34 64.13
N CYS A 1219 6.49 -13.27 63.88
CA CYS A 1219 6.85 -12.30 62.85
C CYS A 1219 6.75 -10.89 63.44
N ALA A 1220 7.70 -10.04 63.10
CA ALA A 1220 7.71 -8.69 63.63
C ALA A 1220 7.78 -7.63 62.53
N LEU A 1221 7.10 -6.51 62.75
CA LEU A 1221 7.14 -5.39 61.82
C LEU A 1221 7.53 -4.11 62.56
N TYR A 1222 8.64 -3.51 62.18
CA TYR A 1222 9.10 -2.27 62.77
C TYR A 1222 8.61 -1.06 61.99
N PHE A 1223 8.24 0.00 62.69
CA PHE A 1223 7.73 1.21 62.05
C PHE A 1223 8.57 2.44 62.38
N PHE A 1224 9.07 3.09 61.34
CA PHE A 1224 9.95 4.23 61.52
C PHE A 1224 9.29 5.40 62.24
N ASP A 1225 7.96 5.49 62.14
CA ASP A 1225 7.23 6.58 62.79
C ASP A 1225 7.00 6.25 64.26
N GLY A 1226 7.90 6.75 65.11
CA GLY A 1226 7.83 6.48 66.55
C GLY A 1226 8.58 5.24 66.98
N GLY A 1227 9.11 4.49 66.01
CA GLY A 1227 9.83 3.27 66.31
C GLY A 1227 8.95 2.25 66.99
N HIS A 1228 7.91 1.82 66.29
CA HIS A 1228 6.92 0.89 66.84
C HIS A 1228 7.13 -0.54 66.34
N ILE A 1229 6.70 -1.50 67.15
CA ILE A 1229 6.84 -2.92 66.81
C ILE A 1229 5.58 -3.71 67.17
N LEU A 1230 5.08 -4.48 66.20
CA LEU A 1230 3.94 -5.37 66.45
C LEU A 1230 4.26 -6.78 65.97
N THR A 1231 3.80 -7.77 66.72
CA THR A 1231 4.11 -9.16 66.42
C THR A 1231 2.93 -9.91 65.81
N LEU A 1232 3.23 -10.88 64.96
CA LEU A 1232 2.21 -11.66 64.28
C LEU A 1232 2.44 -13.16 64.45
N GLY B 2 36.48 -23.99 40.77
CA GLY B 2 36.17 -25.21 40.04
C GLY B 2 35.21 -24.98 38.90
N ALA B 3 35.61 -25.39 37.70
CA ALA B 3 34.77 -25.23 36.52
C ALA B 3 34.35 -26.57 35.93
N GLU B 4 33.07 -26.67 35.57
CA GLU B 4 32.53 -27.89 34.97
C GLU B 4 31.93 -27.60 33.60
N PHE B 5 32.36 -28.34 32.59
CA PHE B 5 31.84 -28.17 31.25
C PHE B 5 30.84 -29.26 30.88
N LEU B 6 29.57 -28.88 30.80
CA LEU B 6 28.51 -29.78 30.42
C LEU B 6 28.15 -29.56 28.94
N VAL B 7 28.50 -30.52 28.10
CA VAL B 7 28.32 -30.37 26.66
C VAL B 7 27.54 -31.54 26.07
N GLY B 8 26.70 -31.22 25.08
CA GLY B 8 25.91 -32.23 24.41
C GLY B 8 25.04 -31.59 23.34
N ARG B 9 24.62 -32.37 22.35
CA ARG B 9 23.77 -31.89 21.28
C ARG B 9 22.44 -31.37 21.80
N SER B 10 21.66 -30.75 20.92
CA SER B 10 20.35 -30.24 21.30
C SER B 10 19.42 -31.40 21.65
N GLY B 11 18.67 -31.24 22.74
CA GLY B 11 17.74 -32.26 23.17
C GLY B 11 18.40 -33.43 23.88
N SER B 12 19.63 -33.22 24.35
CA SER B 12 20.35 -34.27 25.06
C SER B 12 20.06 -34.23 26.56
N GLY B 13 19.44 -33.15 27.01
CA GLY B 13 18.96 -33.05 28.37
C GLY B 13 19.81 -32.22 29.33
N LYS B 14 20.70 -31.40 28.77
CA LYS B 14 21.54 -30.52 29.57
C LYS B 14 20.72 -29.74 30.59
N THR B 15 19.78 -28.95 30.10
CA THR B 15 18.96 -28.09 30.95
C THR B 15 18.21 -28.88 32.01
N LYS B 16 17.68 -30.04 31.63
CA LYS B 16 16.95 -30.89 32.56
C LYS B 16 17.86 -31.34 33.70
N LEU B 17 19.08 -31.74 33.35
CA LEU B 17 20.07 -32.15 34.34
C LEU B 17 20.37 -31.00 35.31
N ILE B 18 20.49 -29.79 34.76
CA ILE B 18 20.75 -28.61 35.57
C ILE B 18 19.62 -28.35 36.56
N ILE B 19 18.42 -28.18 36.04
CA ILE B 19 17.25 -27.91 36.88
C ILE B 19 17.20 -28.90 38.05
N ASN B 20 17.26 -30.19 37.74
CA ASN B 20 17.21 -31.23 38.76
C ASN B 20 18.29 -31.07 39.83
N SER B 21 19.51 -30.80 39.39
CA SER B 21 20.63 -30.65 40.32
C SER B 21 20.39 -29.52 41.31
N ILE B 22 19.92 -28.38 40.82
CA ILE B 22 19.62 -27.24 41.67
C ILE B 22 18.51 -27.60 42.66
N GLN B 23 17.58 -28.44 42.23
CA GLN B 23 16.45 -28.83 43.06
C GLN B 23 16.89 -29.72 44.23
N ASP B 24 17.71 -30.72 43.95
CA ASP B 24 18.25 -31.57 45.01
C ASP B 24 19.12 -30.75 45.96
N GLU B 25 19.82 -29.76 45.41
CA GLU B 25 20.64 -28.87 46.23
C GLU B 25 19.73 -28.06 47.14
N LEU B 26 18.56 -27.69 46.64
CA LEU B 26 17.55 -26.99 47.43
C LEU B 26 16.95 -27.93 48.46
N ARG B 27 16.85 -29.20 48.12
CA ARG B 27 16.31 -30.20 49.02
C ARG B 27 17.27 -30.51 50.18
N ARG B 28 18.56 -30.57 49.87
CA ARG B 28 19.55 -30.99 50.85
C ARG B 28 19.95 -29.87 51.82
N ALA B 29 20.03 -28.64 51.33
CA ALA B 29 20.40 -27.51 52.15
C ALA B 29 19.64 -26.24 51.74
N PRO B 30 18.40 -26.12 52.23
CA PRO B 30 17.47 -25.04 51.87
C PRO B 30 18.04 -23.64 52.12
N PHE B 31 18.86 -23.46 53.14
CA PHE B 31 19.44 -22.15 53.44
C PHE B 31 20.93 -22.06 53.10
N GLY B 32 21.43 -23.04 52.35
CA GLY B 32 22.85 -23.09 52.02
C GLY B 32 23.35 -21.90 51.21
N LYS B 33 24.61 -21.95 50.81
CA LYS B 33 25.21 -20.87 50.03
C LYS B 33 24.45 -20.64 48.73
N PRO B 34 24.45 -19.39 48.25
CA PRO B 34 23.68 -18.97 47.07
C PRO B 34 23.91 -19.84 45.84
N ILE B 35 22.83 -20.10 45.09
CA ILE B 35 22.92 -20.81 43.83
C ILE B 35 22.43 -19.89 42.71
N ILE B 36 23.34 -19.54 41.80
CA ILE B 36 23.02 -18.60 40.73
C ILE B 36 22.84 -19.30 39.39
N PHE B 37 21.61 -19.27 38.88
CA PHE B 37 21.30 -19.87 37.58
C PHE B 37 21.30 -18.78 36.52
N LEU B 38 22.39 -18.71 35.77
CA LEU B 38 22.59 -17.63 34.80
C LEU B 38 22.18 -18.05 33.39
N VAL B 39 21.09 -17.47 32.90
CA VAL B 39 20.56 -17.77 31.59
C VAL B 39 20.33 -16.48 30.80
N PRO B 40 20.00 -16.60 29.51
CA PRO B 40 19.67 -15.40 28.72
C PRO B 40 18.45 -14.68 29.30
N ASP B 41 18.20 -13.47 28.84
CA ASP B 41 17.10 -12.66 29.36
C ASP B 41 15.74 -13.33 29.14
N GLN B 42 15.57 -13.98 28.00
CA GLN B 42 14.30 -14.58 27.63
C GLN B 42 14.10 -15.95 28.27
N MET B 43 15.11 -16.44 28.97
CA MET B 43 15.07 -17.79 29.53
C MET B 43 14.77 -17.77 31.03
N THR B 44 14.77 -16.58 31.61
CA THR B 44 14.65 -16.42 33.05
C THR B 44 13.33 -16.95 33.63
N PHE B 45 12.22 -16.43 33.14
CA PHE B 45 10.91 -16.80 33.66
C PHE B 45 10.59 -18.26 33.38
N LEU B 46 11.18 -18.80 32.33
CA LEU B 46 11.03 -20.21 32.02
C LEU B 46 11.71 -21.07 33.10
N MET B 47 12.88 -20.62 33.55
CA MET B 47 13.64 -21.34 34.55
C MET B 47 13.04 -21.20 35.95
N GLU B 48 12.44 -20.04 36.22
CA GLU B 48 11.83 -19.79 37.51
C GLU B 48 10.62 -20.70 37.72
N TYR B 49 9.88 -20.95 36.64
CA TYR B 49 8.70 -21.80 36.71
C TYR B 49 9.06 -23.26 36.90
N GLU B 50 10.08 -23.72 36.17
CA GLU B 50 10.50 -25.11 36.26
C GLU B 50 11.15 -25.45 37.60
N LEU B 51 12.08 -24.60 38.02
CA LEU B 51 12.76 -24.79 39.30
C LEU B 51 11.74 -25.01 40.42
N ALA B 52 10.76 -24.12 40.49
CA ALA B 52 9.76 -24.15 41.55
C ALA B 52 8.80 -25.33 41.40
N LYS B 53 8.89 -26.03 40.29
CA LYS B 53 7.94 -27.11 40.01
C LYS B 53 8.36 -28.43 40.64
N THR B 54 8.11 -28.56 41.93
CA THR B 54 8.42 -29.78 42.66
C THR B 54 7.30 -30.10 43.65
N PRO B 55 7.08 -31.40 43.91
CA PRO B 55 6.12 -31.83 44.94
C PRO B 55 6.67 -31.51 46.33
N ASP B 56 7.99 -31.63 46.46
CA ASP B 56 8.64 -31.50 47.76
C ASP B 56 8.64 -30.07 48.27
N MET B 57 9.00 -29.13 47.41
CA MET B 57 9.24 -27.76 47.82
C MET B 57 8.27 -26.76 47.18
N GLY B 58 8.12 -26.83 45.86
CA GLY B 58 7.28 -25.89 45.15
C GLY B 58 7.77 -24.47 45.31
N GLY B 59 9.07 -24.27 45.08
CA GLY B 59 9.66 -22.96 45.19
C GLY B 59 11.13 -23.02 45.55
N MET B 60 11.76 -21.86 45.68
CA MET B 60 13.17 -21.81 46.05
C MET B 60 13.55 -20.51 46.75
N ILE B 61 14.61 -20.58 47.56
CA ILE B 61 15.13 -19.41 48.24
C ILE B 61 16.64 -19.35 48.06
N ARG B 62 17.28 -20.51 48.20
CA ARG B 62 18.73 -20.62 48.03
C ARG B 62 19.14 -20.29 46.60
N ALA B 63 18.36 -20.77 45.64
CA ALA B 63 18.68 -20.57 44.23
C ALA B 63 17.90 -19.40 43.61
N GLN B 64 18.54 -18.73 42.65
CA GLN B 64 17.93 -17.60 41.94
C GLN B 64 18.21 -17.71 40.45
N VAL B 65 17.31 -17.16 39.64
CA VAL B 65 17.51 -17.13 38.19
C VAL B 65 17.89 -15.72 37.74
N PHE B 66 19.07 -15.58 37.15
CA PHE B 66 19.59 -14.27 36.77
C PHE B 66 19.87 -14.17 35.28
N SER B 67 19.60 -12.99 34.71
CA SER B 67 20.17 -12.62 33.43
C SER B 67 21.34 -11.75 33.83
N PHE B 68 22.26 -11.51 32.91
CA PHE B 68 23.42 -10.68 33.24
C PHE B 68 23.02 -9.37 33.90
N SER B 69 21.86 -8.85 33.51
CA SER B 69 21.40 -7.57 34.02
C SER B 69 20.94 -7.67 35.47
N ARG B 70 20.04 -8.60 35.75
CA ARG B 70 19.54 -8.80 37.11
C ARG B 70 20.69 -9.18 38.05
N LEU B 71 21.62 -10.00 37.56
CA LEU B 71 22.80 -10.34 38.35
C LEU B 71 23.58 -9.08 38.68
N ALA B 72 23.79 -8.24 37.67
CA ALA B 72 24.50 -6.98 37.86
C ALA B 72 23.73 -6.08 38.83
N TRP B 73 22.44 -5.92 38.59
CA TRP B 73 21.60 -5.11 39.45
C TRP B 73 21.68 -5.56 40.90
N ARG B 74 21.62 -6.86 41.13
CA ARG B 74 21.73 -7.43 42.47
C ARG B 74 23.05 -7.03 43.13
N VAL B 75 24.15 -7.50 42.56
CA VAL B 75 25.47 -7.23 43.12
C VAL B 75 25.71 -5.75 43.33
N LEU B 76 25.13 -4.92 42.47
CA LEU B 76 25.32 -3.47 42.55
C LEU B 76 24.48 -2.82 43.65
N GLN B 77 23.37 -3.46 44.03
CA GLN B 77 22.54 -2.94 45.10
C GLN B 77 23.24 -3.14 46.44
N HIS B 78 24.30 -3.95 46.41
CA HIS B 78 25.10 -4.23 47.60
C HIS B 78 26.43 -3.49 47.53
N THR B 79 27.18 -3.73 46.46
CA THR B 79 28.50 -3.13 46.30
C THR B 79 28.46 -1.66 45.88
N GLY B 80 27.34 -1.24 45.28
CA GLY B 80 27.13 0.16 44.98
C GLY B 80 27.15 0.57 43.52
N GLY B 81 26.56 1.73 43.23
CA GLY B 81 26.55 2.29 41.89
C GLY B 81 25.15 2.47 41.30
N MET B 82 24.14 1.97 41.99
CA MET B 82 22.78 1.96 41.44
C MET B 82 22.08 3.32 41.50
N SER B 83 22.54 4.20 42.36
CA SER B 83 21.93 5.53 42.49
C SER B 83 22.41 6.46 41.38
N ARG B 84 23.37 5.99 40.60
CA ARG B 84 23.86 6.75 39.44
C ARG B 84 22.80 6.77 38.35
N PRO B 85 22.37 7.97 37.94
CA PRO B 85 21.31 8.14 36.94
C PRO B 85 21.56 7.31 35.68
N PHE B 86 20.51 6.65 35.21
CA PHE B 86 20.58 5.79 34.03
C PHE B 86 20.18 6.53 32.76
N LEU B 87 20.82 6.20 31.65
CA LEU B 87 20.52 6.84 30.37
C LEU B 87 19.90 5.88 29.36
N THR B 88 18.72 6.24 28.86
CA THR B 88 18.06 5.46 27.83
C THR B 88 18.79 5.62 26.50
N SER B 89 18.62 4.65 25.60
CA SER B 89 19.24 4.70 24.29
C SER B 89 18.87 5.99 23.56
N THR B 90 17.63 6.45 23.75
CA THR B 90 17.16 7.68 23.13
C THR B 90 17.90 8.87 23.72
N GLY B 91 18.10 8.84 25.04
CA GLY B 91 18.85 9.88 25.72
C GLY B 91 20.27 9.96 25.20
N VAL B 92 20.82 8.81 24.83
CA VAL B 92 22.16 8.76 24.25
C VAL B 92 22.15 9.39 22.88
N GLN B 93 21.10 9.13 22.09
CA GLN B 93 20.96 9.71 20.77
C GLN B 93 20.79 11.22 20.85
N MET B 94 19.98 11.68 21.79
CA MET B 94 19.80 13.11 22.01
C MET B 94 21.14 13.78 22.27
N LEU B 95 21.90 13.21 23.21
CA LEU B 95 23.25 13.67 23.47
C LEU B 95 24.07 13.66 22.19
N LEU B 96 24.04 12.52 21.51
CA LEU B 96 24.79 12.35 20.27
C LEU B 96 24.47 13.43 19.24
N ARG B 97 23.19 13.73 19.08
CA ARG B 97 22.79 14.75 18.12
C ARG B 97 23.38 16.11 18.48
N LYS B 98 23.62 16.33 19.78
CA LYS B 98 24.27 17.55 20.22
C LYS B 98 25.76 17.52 19.87
N LEU B 99 26.38 16.36 20.07
CA LEU B 99 27.79 16.20 19.74
C LEU B 99 28.03 16.23 18.24
N ILE B 100 27.12 15.61 17.49
CA ILE B 100 27.25 15.58 16.02
C ILE B 100 27.02 16.98 15.44
N GLU B 101 26.51 17.90 16.25
CA GLU B 101 26.34 19.29 15.82
C GLU B 101 27.68 20.00 15.84
N GLU B 102 28.19 20.26 17.04
CA GLU B 102 29.41 21.03 17.23
C GLU B 102 30.65 20.39 16.62
N HIS B 103 30.88 19.12 16.92
CA HIS B 103 32.07 18.42 16.42
C HIS B 103 31.94 18.00 14.95
N LYS B 104 30.83 18.36 14.33
CA LYS B 104 30.55 18.00 12.94
C LYS B 104 31.70 18.27 11.99
N GLN B 105 32.28 19.46 12.08
CA GLN B 105 33.27 19.92 11.10
C GLN B 105 34.63 19.26 11.26
N GLU B 106 34.76 18.35 12.22
CA GLU B 106 36.00 17.62 12.40
C GLU B 106 35.96 16.25 11.72
N PHE B 107 34.82 15.95 11.11
CA PHE B 107 34.63 14.65 10.45
C PHE B 107 35.37 14.59 9.12
N LYS B 108 36.07 13.48 8.89
CA LYS B 108 36.80 13.26 7.65
C LYS B 108 35.94 12.58 6.58
N VAL B 109 34.85 11.95 7.01
CA VAL B 109 34.01 11.17 6.11
C VAL B 109 32.52 11.49 6.25
N TYR B 110 32.01 11.39 7.47
CA TYR B 110 30.57 11.51 7.72
C TYR B 110 30.08 12.95 7.79
N GLN B 111 30.94 13.90 7.40
CA GLN B 111 30.58 15.31 7.49
C GLN B 111 29.23 15.57 6.80
N LYS B 112 28.97 14.85 5.72
CA LYS B 112 27.72 15.02 4.99
C LYS B 112 26.59 14.18 5.59
N ALA B 113 26.94 13.06 6.20
CA ALA B 113 25.96 12.15 6.78
C ALA B 113 25.56 12.54 8.21
N SER B 114 26.29 13.48 8.80
CA SER B 114 25.96 13.94 10.14
C SER B 114 24.58 14.59 10.19
N ASP B 115 24.26 15.30 9.11
CA ASP B 115 22.98 15.97 8.96
C ASP B 115 21.81 15.06 9.35
N LYS B 116 21.78 13.88 8.75
CA LYS B 116 20.60 13.03 8.82
C LYS B 116 20.29 12.43 10.19
N SER B 117 19.01 12.41 10.52
CA SER B 117 18.55 11.96 11.82
C SER B 117 18.66 10.44 12.02
N GLY B 118 18.88 9.73 10.92
CA GLY B 118 19.07 8.29 10.99
C GLY B 118 20.53 7.93 11.25
N PHE B 119 21.40 8.94 11.25
CA PHE B 119 22.82 8.73 11.50
C PHE B 119 23.11 8.69 13.00
N THR B 120 22.23 9.28 13.80
CA THR B 120 22.41 9.29 15.24
C THR B 120 22.18 7.90 15.81
N ALA B 121 21.18 7.21 15.27
CA ALA B 121 20.83 5.88 15.72
C ALA B 121 21.94 4.90 15.33
N GLN B 122 22.54 5.14 14.18
CA GLN B 122 23.59 4.28 13.67
C GLN B 122 24.83 4.37 14.55
N VAL B 123 25.19 5.60 14.93
CA VAL B 123 26.33 5.81 15.82
C VAL B 123 26.05 5.27 17.21
N GLU B 124 24.84 5.49 17.70
CA GLU B 124 24.44 5.01 19.01
C GLU B 124 24.61 3.49 19.09
N ARG B 125 24.26 2.80 18.01
CA ARG B 125 24.41 1.36 17.95
C ARG B 125 25.87 0.93 17.90
N MET B 126 26.71 1.75 17.27
CA MET B 126 28.12 1.42 17.13
C MET B 126 28.86 1.56 18.46
N LEU B 127 28.48 2.56 19.24
CA LEU B 127 29.11 2.79 20.53
C LEU B 127 28.75 1.68 21.51
N THR B 128 27.47 1.31 21.53
CA THR B 128 27.02 0.18 22.32
C THR B 128 27.90 -1.04 22.06
N GLU B 129 28.09 -1.35 20.79
CA GLU B 129 28.93 -2.46 20.37
C GLU B 129 30.36 -2.28 20.86
N PHE B 130 30.83 -1.03 20.86
CA PHE B 130 32.19 -0.73 21.30
C PHE B 130 32.37 -1.02 22.79
N LYS B 131 31.35 -0.71 23.57
CA LYS B 131 31.38 -0.98 25.00
C LYS B 131 31.26 -2.47 25.29
N ARG B 132 30.33 -3.12 24.61
CA ARG B 132 30.09 -4.55 24.80
C ARG B 132 31.33 -5.36 24.46
N TYR B 133 32.14 -4.87 23.54
CA TYR B 133 33.32 -5.60 23.09
C TYR B 133 34.60 -5.02 23.71
N CYS B 134 34.43 -4.29 24.80
CA CYS B 134 35.56 -3.80 25.59
C CYS B 134 36.54 -2.95 24.78
N LEU B 135 35.99 -2.03 24.00
CA LEU B 135 36.80 -1.11 23.22
C LEU B 135 36.53 0.33 23.65
N GLU B 136 37.49 0.94 24.32
CA GLU B 136 37.36 2.32 24.76
C GLU B 136 37.64 3.29 23.62
N PRO B 137 37.27 4.56 23.80
CA PRO B 137 37.58 5.59 22.81
C PRO B 137 39.08 5.61 22.47
N GLU B 138 39.93 5.38 23.47
CA GLU B 138 41.36 5.32 23.24
C GLU B 138 41.71 4.17 22.29
N ASP B 139 40.97 3.08 22.41
CA ASP B 139 41.19 1.91 21.57
C ASP B 139 40.81 2.17 20.12
N ILE B 140 39.70 2.89 19.92
CA ILE B 140 39.24 3.22 18.58
C ILE B 140 40.17 4.24 17.92
N ARG B 141 40.55 5.27 18.65
CA ARG B 141 41.56 6.22 18.19
C ARG B 141 42.78 5.44 17.72
N ARG B 142 43.22 4.50 18.56
CA ARG B 142 44.37 3.66 18.26
C ARG B 142 44.22 2.96 16.91
N MET B 143 43.07 2.32 16.72
CA MET B 143 42.78 1.60 15.49
C MET B 143 42.69 2.55 14.30
N ALA B 144 42.13 3.73 14.55
CA ALA B 144 41.90 4.72 13.51
C ALA B 144 43.18 5.12 12.78
N GLU B 145 44.28 5.22 13.53
CA GLU B 145 45.55 5.64 12.95
C GLU B 145 46.44 4.46 12.59
N SER B 146 45.88 3.25 12.70
CA SER B 146 46.56 2.06 12.22
C SER B 146 46.33 1.93 10.71
N GLY B 147 45.21 2.46 10.26
CA GLY B 147 44.87 2.44 8.85
C GLY B 147 45.27 3.73 8.15
N THR B 148 45.60 4.74 8.93
CA THR B 148 46.02 6.03 8.38
C THR B 148 47.39 5.91 7.73
N ALA B 149 47.44 6.25 6.44
CA ALA B 149 48.69 6.26 5.67
C ALA B 149 49.29 4.87 5.42
N SER B 150 48.45 3.95 4.95
CA SER B 150 48.92 2.66 4.44
C SER B 150 47.99 2.35 3.29
N GLU B 151 48.50 2.42 2.06
CA GLU B 151 47.59 2.60 0.94
C GLU B 151 46.86 1.37 0.44
N TYR B 152 45.69 1.17 1.02
CA TYR B 152 44.64 0.32 0.51
C TYR B 152 43.37 1.14 0.69
N ARG B 153 42.81 1.68 -0.40
CA ARG B 153 41.59 2.45 -0.27
C ARG B 153 40.46 1.53 0.19
N GLY B 154 39.78 1.95 1.24
CA GLY B 154 38.88 1.08 1.97
C GLY B 154 39.43 0.95 3.37
N GLU B 155 40.75 0.85 3.46
CA GLU B 155 41.46 0.96 4.73
C GLU B 155 41.48 2.42 5.15
N ARG B 156 41.89 3.29 4.21
CA ARG B 156 41.94 4.72 4.47
C ARG B 156 40.58 5.23 4.88
N VAL B 157 39.56 4.86 4.10
CA VAL B 157 38.19 5.25 4.39
C VAL B 157 37.78 4.74 5.75
N LEU B 158 38.01 3.46 5.98
CA LEU B 158 37.66 2.82 7.25
C LEU B 158 38.23 3.58 8.45
N SER B 159 39.50 3.95 8.36
CA SER B 159 40.15 4.67 9.45
C SER B 159 39.52 6.04 9.63
N GLU B 160 39.13 6.65 8.52
CA GLU B 160 38.51 7.97 8.55
C GLU B 160 37.18 7.94 9.30
N LYS B 161 36.42 6.88 9.11
CA LYS B 161 35.15 6.70 9.82
C LYS B 161 35.40 6.31 11.28
N LEU B 162 36.38 5.46 11.51
CA LEU B 162 36.79 5.13 12.87
C LEU B 162 37.22 6.39 13.60
N HIS B 163 37.77 7.33 12.83
CA HIS B 163 38.20 8.62 13.36
C HIS B 163 37.03 9.46 13.84
N ASP B 164 36.04 9.63 12.97
CA ASP B 164 34.85 10.40 13.30
C ASP B 164 34.14 9.78 14.50
N LEU B 165 33.97 8.47 14.47
CA LEU B 165 33.37 7.75 15.58
C LEU B 165 34.17 8.03 16.85
N SER B 166 35.49 7.92 16.74
CA SER B 166 36.38 8.18 17.85
C SER B 166 36.09 9.52 18.51
N ILE B 167 35.85 10.53 17.68
CA ILE B 167 35.54 11.87 18.18
C ILE B 167 34.27 11.84 19.02
N LEU B 168 33.20 11.33 18.45
CA LEU B 168 31.92 11.24 19.14
C LEU B 168 32.01 10.33 20.35
N TYR B 169 32.71 9.22 20.20
CA TYR B 169 32.85 8.24 21.27
C TYR B 169 33.52 8.86 22.49
N GLN B 170 34.65 9.52 22.27
CA GLN B 170 35.43 10.09 23.35
C GLN B 170 34.78 11.36 23.90
N GLN B 171 33.95 12.01 23.08
CA GLN B 171 33.23 13.20 23.52
C GLN B 171 31.98 12.83 24.31
N MET B 172 31.46 11.63 24.07
CA MET B 172 30.31 11.13 24.82
C MET B 172 30.74 10.72 26.21
N GLU B 173 31.81 9.94 26.28
CA GLU B 173 32.37 9.47 27.54
C GLU B 173 32.75 10.66 28.42
N LYS B 174 33.02 11.79 27.76
CA LYS B 174 33.45 13.01 28.44
C LYS B 174 32.28 13.79 29.03
N SER B 175 31.10 13.62 28.44
CA SER B 175 29.90 14.25 28.99
C SER B 175 29.15 13.28 29.90
N LEU B 176 29.50 12.00 29.81
CA LEU B 176 28.92 10.98 30.66
C LEU B 176 29.88 10.61 31.79
N ALA B 177 30.99 11.34 31.88
CA ALA B 177 32.03 10.98 32.83
C ALA B 177 31.61 11.24 34.28
N ASP B 178 31.54 10.18 35.06
CA ASP B 178 31.41 10.29 36.51
C ASP B 178 30.01 10.66 37.03
N GLN B 179 29.13 11.15 36.14
CA GLN B 179 27.79 11.57 36.55
C GLN B 179 26.65 10.88 35.80
N TYR B 180 26.98 9.93 34.94
CA TYR B 180 25.97 9.19 34.18
C TYR B 180 26.40 7.75 33.86
N LEU B 181 25.41 6.96 33.48
CA LEU B 181 25.54 5.52 33.30
C LEU B 181 24.95 5.08 31.98
N HIS B 182 25.49 4.00 31.42
CA HIS B 182 25.05 3.55 30.11
C HIS B 182 24.35 2.22 30.26
N SER B 183 23.35 1.95 29.44
CA SER B 183 22.70 0.66 29.52
C SER B 183 23.78 -0.42 29.56
N GLU B 184 24.85 -0.22 28.80
CA GLU B 184 25.89 -1.23 28.67
C GLU B 184 27.06 -0.98 29.61
N ASP B 185 26.78 -0.27 30.70
CA ASP B 185 27.81 0.05 31.67
C ASP B 185 27.71 -0.85 32.88
N TYR B 186 26.53 -1.42 33.09
CA TYR B 186 26.30 -2.28 34.24
C TYR B 186 27.18 -3.53 34.24
N LEU B 187 27.40 -4.12 33.07
CA LEU B 187 28.20 -5.34 32.97
C LEU B 187 29.66 -5.11 33.33
N THR B 188 30.22 -3.99 32.88
CA THR B 188 31.59 -3.64 33.24
C THR B 188 31.66 -3.30 34.73
N LEU B 189 30.60 -2.69 35.23
CA LEU B 189 30.51 -2.33 36.63
C LEU B 189 30.41 -3.59 37.48
N LEU B 190 29.63 -4.55 36.99
CA LEU B 190 29.48 -5.84 37.66
C LEU B 190 30.82 -6.57 37.74
N ALA B 191 31.49 -6.69 36.59
CA ALA B 191 32.73 -7.43 36.49
C ALA B 191 33.79 -6.96 37.50
N GLU B 192 33.79 -5.66 37.79
CA GLU B 192 34.77 -5.10 38.71
C GLU B 192 34.28 -5.04 40.15
N HIS B 193 32.98 -5.28 40.35
CA HIS B 193 32.41 -5.29 41.69
C HIS B 193 32.25 -6.70 42.24
N ILE B 194 32.38 -7.69 41.38
CA ILE B 194 32.27 -9.09 41.79
C ILE B 194 33.26 -9.47 42.90
N PRO B 195 34.54 -9.13 42.73
CA PRO B 195 35.57 -9.46 43.72
C PRO B 195 35.21 -9.06 45.15
N LEU B 196 34.63 -7.88 45.33
CA LEU B 196 34.29 -7.41 46.67
C LEU B 196 32.85 -7.69 47.06
N ALA B 197 32.17 -8.50 46.26
CA ALA B 197 30.86 -9.02 46.66
C ALA B 197 31.07 -10.38 47.31
N GLU B 198 30.92 -10.44 48.63
CA GLU B 198 31.32 -11.62 49.39
C GLU B 198 30.27 -12.73 49.47
N ASP B 199 29.03 -12.43 49.06
CA ASP B 199 27.99 -13.45 49.10
C ASP B 199 28.04 -14.36 47.85
N ILE B 200 28.77 -13.93 46.84
CA ILE B 200 28.94 -14.75 45.63
C ILE B 200 30.15 -15.67 45.78
N LYS B 201 30.86 -15.54 46.89
CA LYS B 201 31.94 -16.47 47.23
C LYS B 201 31.35 -17.69 47.92
N GLY B 202 31.77 -18.86 47.47
CA GLY B 202 31.16 -20.10 47.93
C GLY B 202 29.83 -20.33 47.24
N ALA B 203 29.57 -19.53 46.21
CA ALA B 203 28.34 -19.65 45.45
C ALA B 203 28.49 -20.63 44.30
N HIS B 204 27.45 -21.42 44.05
CA HIS B 204 27.44 -22.33 42.92
C HIS B 204 26.72 -21.67 41.76
N ILE B 205 27.33 -21.69 40.59
CA ILE B 205 26.76 -21.00 39.44
C ILE B 205 26.57 -21.91 38.22
N TYR B 206 25.43 -21.75 37.56
CA TYR B 206 25.12 -22.49 36.35
C TYR B 206 24.82 -21.51 35.22
N VAL B 207 25.48 -21.70 34.08
CA VAL B 207 25.17 -20.91 32.89
C VAL B 207 24.61 -21.82 31.81
N ASP B 208 23.52 -21.39 31.17
CA ASP B 208 22.82 -22.24 30.23
C ASP B 208 21.96 -21.40 29.29
N GLY B 209 21.81 -21.86 28.05
CA GLY B 209 20.99 -21.17 27.08
C GLY B 209 21.76 -20.18 26.23
N PHE B 210 23.04 -20.02 26.52
CA PHE B 210 23.89 -19.14 25.73
C PHE B 210 24.62 -19.92 24.65
N TYR B 211 24.55 -19.41 23.42
CA TYR B 211 25.33 -19.96 22.32
C TYR B 211 26.70 -19.30 22.27
N GLN B 212 26.74 -18.01 22.59
CA GLN B 212 27.99 -17.26 22.63
C GLN B 212 27.94 -16.17 23.68
N PHE B 213 29.07 -15.48 23.85
CA PHE B 213 29.16 -14.38 24.81
C PHE B 213 29.87 -13.18 24.19
N THR B 214 29.57 -12.00 24.71
CA THR B 214 30.29 -10.79 24.33
C THR B 214 31.50 -10.64 25.25
N PRO B 215 32.55 -9.97 24.76
CA PRO B 215 33.74 -9.74 25.57
C PRO B 215 33.37 -9.18 26.94
N GLN B 216 32.34 -8.34 26.99
CA GLN B 216 31.90 -7.72 28.24
C GLN B 216 31.29 -8.76 29.17
N GLU B 217 30.39 -9.58 28.62
CA GLU B 217 29.80 -10.68 29.38
C GLU B 217 30.88 -11.67 29.76
N PHE B 218 31.84 -11.83 28.87
CA PHE B 218 32.98 -12.71 29.11
C PHE B 218 33.72 -12.23 30.36
N ARG B 219 33.95 -10.92 30.45
CA ARG B 219 34.68 -10.36 31.58
C ARG B 219 34.02 -10.75 32.89
N VAL B 220 32.70 -10.89 32.85
CA VAL B 220 31.91 -11.24 34.02
C VAL B 220 32.12 -12.71 34.38
N LEU B 221 31.99 -13.58 33.38
CA LEU B 221 32.14 -15.02 33.59
C LEU B 221 33.51 -15.38 34.20
N GLU B 222 34.58 -14.86 33.63
CA GLU B 222 35.92 -15.15 34.16
C GLU B 222 36.13 -14.55 35.55
N GLN B 223 35.41 -13.48 35.85
CA GLN B 223 35.47 -12.91 37.19
C GLN B 223 34.63 -13.76 38.13
N LEU B 224 33.67 -14.48 37.57
CA LEU B 224 32.89 -15.45 38.35
C LEU B 224 33.70 -16.72 38.58
N MET B 225 34.48 -17.11 37.58
CA MET B 225 35.31 -18.30 37.68
C MET B 225 36.34 -18.15 38.80
N VAL B 226 36.73 -16.91 39.07
CA VAL B 226 37.73 -16.63 40.10
C VAL B 226 37.16 -16.68 41.51
N HIS B 227 36.03 -15.99 41.72
CA HIS B 227 35.52 -15.78 43.07
C HIS B 227 34.41 -16.74 43.50
N ALA B 228 33.85 -17.48 42.54
CA ALA B 228 32.82 -18.46 42.84
C ALA B 228 33.47 -19.81 43.16
N GLU B 229 32.85 -20.57 44.06
CA GLU B 229 33.38 -21.88 44.41
C GLU B 229 33.18 -22.87 43.27
N HIS B 230 31.97 -22.89 42.72
CA HIS B 230 31.67 -23.78 41.60
C HIS B 230 30.95 -23.05 40.48
N ILE B 231 31.34 -23.34 39.24
CA ILE B 231 30.63 -22.84 38.08
C ILE B 231 30.56 -23.91 37.01
N THR B 232 29.36 -24.13 36.47
CA THR B 232 29.17 -25.10 35.40
C THR B 232 28.72 -24.40 34.14
N PHE B 233 29.36 -24.73 33.03
CA PHE B 233 29.01 -24.17 31.73
C PHE B 233 28.29 -25.20 30.88
N SER B 234 27.05 -24.89 30.48
CA SER B 234 26.28 -25.76 29.62
C SER B 234 26.26 -25.20 28.21
N LEU B 235 26.82 -25.96 27.26
CA LEU B 235 26.91 -25.53 25.87
C LEU B 235 26.37 -26.60 24.93
N THR B 236 25.59 -26.17 23.94
CA THR B 236 25.05 -27.09 22.95
C THR B 236 26.05 -27.29 21.81
N ALA B 237 26.72 -28.44 21.82
CA ALA B 237 27.73 -28.73 20.82
C ALA B 237 28.00 -30.23 20.75
N ASP B 238 28.96 -30.63 19.92
CA ASP B 238 29.28 -32.05 19.76
C ASP B 238 30.78 -32.28 19.88
N LYS B 239 31.21 -32.72 21.05
CA LYS B 239 32.62 -33.02 21.31
C LYS B 239 33.57 -31.95 20.77
N PRO B 240 33.41 -30.70 21.22
CA PRO B 240 34.25 -29.60 20.75
C PRO B 240 35.70 -29.79 21.17
N SER B 241 36.62 -29.10 20.52
CA SER B 241 38.03 -29.16 20.90
C SER B 241 38.49 -27.82 21.48
N TYR B 242 39.43 -27.88 22.41
CA TYR B 242 39.95 -26.67 23.06
C TYR B 242 41.31 -26.25 22.51
N GLU B 243 41.83 -27.00 21.53
CA GLU B 243 43.07 -26.63 20.87
C GLU B 243 42.82 -25.83 19.60
N ARG B 244 41.76 -26.20 18.88
CA ARG B 244 41.45 -25.56 17.61
C ARG B 244 40.05 -24.94 17.63
N GLU B 245 39.92 -23.77 17.00
CA GLU B 245 38.62 -23.15 16.83
C GLU B 245 37.89 -23.81 15.68
N PRO B 246 36.56 -23.95 15.82
CA PRO B 246 35.73 -24.57 14.77
C PRO B 246 35.95 -23.91 13.42
N HIS B 247 35.93 -24.71 12.36
CA HIS B 247 36.03 -24.19 11.00
C HIS B 247 34.77 -23.42 10.65
N GLU B 248 34.84 -22.62 9.59
CA GLU B 248 33.72 -21.78 9.17
C GLU B 248 32.41 -22.55 9.01
N LEU B 249 32.48 -23.74 8.41
CA LEU B 249 31.28 -24.42 7.93
C LEU B 249 30.67 -25.47 8.87
N GLU B 250 31.23 -25.64 10.07
CA GLU B 250 30.65 -26.62 10.99
C GLU B 250 29.50 -26.05 11.82
N LEU B 251 28.55 -26.93 12.16
CA LEU B 251 27.31 -26.54 12.80
C LEU B 251 27.49 -25.84 14.14
N PHE B 252 28.39 -26.37 14.96
CA PHE B 252 28.59 -25.83 16.31
C PHE B 252 29.73 -24.82 16.38
N ARG B 253 29.84 -24.00 15.33
CA ARG B 253 30.83 -22.94 15.27
C ARG B 253 30.77 -22.05 16.51
N MET B 254 29.61 -21.41 16.72
CA MET B 254 29.43 -20.51 17.86
C MET B 254 29.73 -21.17 19.20
N THR B 255 29.00 -22.23 19.51
CA THR B 255 29.12 -22.90 20.81
C THR B 255 30.49 -23.54 20.99
N GLY B 256 31.03 -24.08 19.91
CA GLY B 256 32.37 -24.67 19.95
C GLY B 256 33.42 -23.61 20.24
N LYS B 257 33.31 -22.47 19.57
CA LYS B 257 34.25 -21.38 19.75
C LYS B 257 34.20 -20.84 21.18
N THR B 258 33.01 -20.80 21.76
CA THR B 258 32.84 -20.35 23.13
C THR B 258 33.40 -21.36 24.14
N TYR B 259 33.28 -22.63 23.80
CA TYR B 259 33.83 -23.70 24.65
C TYR B 259 35.35 -23.61 24.69
N TYR B 260 35.95 -23.46 23.52
CA TYR B 260 37.41 -23.35 23.42
C TYR B 260 37.92 -22.15 24.21
N ARG B 261 37.21 -21.04 24.15
CA ARG B 261 37.62 -19.82 24.83
C ARG B 261 37.42 -19.90 26.34
N LEU B 262 36.27 -20.41 26.76
CA LEU B 262 35.98 -20.58 28.18
C LEU B 262 36.93 -21.60 28.82
N HIS B 263 37.36 -22.57 28.02
CA HIS B 263 38.25 -23.62 28.51
C HIS B 263 39.69 -23.12 28.63
N GLN B 264 40.10 -22.26 27.69
CA GLN B 264 41.46 -21.73 27.72
C GLN B 264 41.64 -20.75 28.88
N LYS B 265 40.55 -20.08 29.25
CA LYS B 265 40.58 -19.14 30.36
C LYS B 265 40.63 -19.90 31.69
N ALA B 266 39.91 -21.02 31.75
CA ALA B 266 39.90 -21.85 32.94
C ALA B 266 41.24 -22.57 33.10
N LYS B 267 41.95 -22.73 31.99
CA LYS B 267 43.25 -23.39 31.99
C LYS B 267 44.32 -22.43 32.52
N GLU B 268 44.30 -21.20 32.01
CA GLU B 268 45.26 -20.19 32.43
C GLU B 268 45.01 -19.73 33.85
N LEU B 269 43.77 -19.92 34.30
CA LEU B 269 43.37 -19.52 35.64
C LEU B 269 43.66 -20.65 36.62
N ASN B 270 44.14 -21.76 36.09
CA ASN B 270 44.47 -22.94 36.90
C ASN B 270 43.29 -23.42 37.74
N LEU B 271 42.18 -23.72 37.07
CA LEU B 271 40.99 -24.21 37.76
C LEU B 271 40.84 -25.72 37.62
N ASP B 272 40.30 -26.35 38.65
CA ASP B 272 40.02 -27.78 38.59
C ASP B 272 38.85 -28.00 37.64
N ILE B 273 39.11 -28.66 36.51
CA ILE B 273 38.12 -28.80 35.47
C ILE B 273 37.54 -30.22 35.42
N THR B 274 36.25 -30.30 35.09
CA THR B 274 35.58 -31.57 34.93
C THR B 274 34.68 -31.53 33.70
N TYR B 275 34.55 -32.65 33.00
CA TYR B 275 33.77 -32.70 31.77
C TYR B 275 32.61 -33.69 31.87
N LYS B 276 31.51 -33.36 31.21
CA LYS B 276 30.36 -34.25 31.11
C LYS B 276 29.75 -34.17 29.71
N GLU B 277 29.87 -35.25 28.95
CA GLU B 277 29.29 -35.31 27.61
C GLU B 277 27.98 -36.09 27.61
N LEU B 278 26.93 -35.47 27.11
CA LEU B 278 25.64 -36.15 26.97
C LEU B 278 25.50 -36.75 25.56
N SER B 279 25.42 -38.08 25.50
CA SER B 279 25.43 -38.78 24.24
C SER B 279 24.03 -39.05 23.69
N GLY B 280 23.24 -39.78 24.45
CA GLY B 280 21.92 -40.20 24.01
C GLY B 280 20.92 -39.08 23.86
N THR B 281 19.84 -39.34 23.15
CA THR B 281 18.74 -38.40 23.02
C THR B 281 17.89 -38.43 24.28
N GLU B 282 17.33 -37.28 24.65
CA GLU B 282 16.46 -37.19 25.81
C GLU B 282 15.08 -36.66 25.40
N ARG B 283 15.09 -35.63 24.57
CA ARG B 283 13.87 -34.99 24.11
C ARG B 283 13.12 -35.83 23.07
N HIS B 284 13.87 -36.57 22.26
CA HIS B 284 13.29 -37.27 21.12
C HIS B 284 13.31 -38.79 21.24
N THR B 285 13.31 -39.31 22.47
CA THR B 285 13.32 -40.76 22.67
C THR B 285 12.11 -41.45 22.05
N LYS B 286 10.96 -40.78 22.09
CA LYS B 286 9.72 -41.36 21.57
C LYS B 286 9.37 -40.83 20.18
N THR B 287 10.26 -40.02 19.62
CA THR B 287 10.03 -39.45 18.29
C THR B 287 11.22 -39.66 17.38
N PRO B 288 11.26 -40.81 16.69
CA PRO B 288 12.37 -41.24 15.83
C PRO B 288 12.72 -40.23 14.74
N GLU B 289 11.70 -39.70 14.06
CA GLU B 289 11.93 -38.78 12.94
C GLU B 289 12.57 -37.46 13.37
N LEU B 290 12.05 -36.88 14.45
CA LEU B 290 12.66 -35.68 15.01
C LEU B 290 14.07 -36.00 15.50
N ALA B 291 14.26 -37.21 15.98
CA ALA B 291 15.57 -37.68 16.41
C ALA B 291 16.49 -37.81 15.21
N HIS B 292 15.91 -38.10 14.06
CA HIS B 292 16.68 -38.25 12.83
C HIS B 292 17.15 -36.89 12.34
N LEU B 293 16.24 -35.92 12.35
CA LEU B 293 16.55 -34.58 11.87
C LEU B 293 17.71 -33.95 12.64
N GLU B 294 17.73 -34.16 13.96
CA GLU B 294 18.74 -33.56 14.82
C GLU B 294 20.13 -34.16 14.57
N ALA B 295 20.18 -35.45 14.29
CA ALA B 295 21.44 -36.15 14.11
C ALA B 295 21.98 -36.03 12.68
N GLN B 296 21.07 -35.99 11.71
CA GLN B 296 21.47 -35.96 10.31
C GLN B 296 21.42 -34.57 9.70
N TYR B 297 21.26 -33.56 10.55
CA TYR B 297 21.14 -32.19 10.08
C TYR B 297 22.40 -31.71 9.36
N GLU B 298 23.55 -32.10 9.88
CA GLU B 298 24.83 -31.61 9.37
C GLU B 298 25.31 -32.42 8.17
N ALA B 299 25.87 -33.60 8.44
CA ALA B 299 26.54 -34.39 7.42
C ALA B 299 25.89 -34.28 6.05
N ARG B 300 26.62 -33.78 5.07
CA ARG B 300 26.13 -33.70 3.71
C ARG B 300 26.01 -35.09 3.10
N PRO B 301 26.96 -35.99 3.43
CA PRO B 301 26.72 -37.40 3.14
C PRO B 301 25.62 -37.89 4.08
N ALA B 302 24.40 -37.40 3.84
CA ALA B 302 23.28 -37.63 4.74
C ALA B 302 22.41 -38.81 4.32
N ILE B 303 22.06 -39.65 5.30
CA ILE B 303 21.21 -40.79 5.04
C ILE B 303 19.74 -40.42 5.17
N PRO B 304 18.93 -40.83 4.19
CA PRO B 304 17.48 -40.57 4.19
C PRO B 304 16.79 -41.35 5.30
N TYR B 305 15.68 -40.81 5.80
CA TYR B 305 14.88 -41.48 6.81
C TYR B 305 14.07 -42.59 6.18
N ALA B 306 14.21 -43.81 6.70
CA ALA B 306 13.63 -44.99 6.07
C ALA B 306 12.31 -45.44 6.69
N GLU B 307 11.69 -44.59 7.50
CA GLU B 307 10.47 -44.98 8.20
C GLU B 307 9.27 -44.07 7.91
N LYS B 308 8.17 -44.34 8.62
CA LYS B 308 6.87 -43.69 8.40
C LYS B 308 6.84 -42.21 8.78
N GLN B 309 5.97 -41.46 8.11
CA GLN B 309 5.76 -40.05 8.42
C GLN B 309 4.62 -39.83 9.40
N GLU B 310 4.92 -39.22 10.54
CA GLU B 310 3.90 -38.89 11.52
C GLU B 310 4.19 -37.57 12.24
N ALA B 311 5.36 -37.48 12.85
CA ALA B 311 5.73 -36.32 13.66
C ALA B 311 6.15 -35.12 12.82
N LEU B 312 6.77 -35.38 11.67
CA LEU B 312 7.31 -34.30 10.85
C LEU B 312 6.46 -34.06 9.60
N THR B 313 6.12 -32.80 9.37
CA THR B 313 5.38 -32.43 8.17
C THR B 313 5.71 -31.02 7.68
N VAL B 314 5.99 -30.92 6.39
CA VAL B 314 6.11 -29.62 5.74
C VAL B 314 4.75 -29.27 5.16
N MET B 315 4.43 -27.99 5.09
CA MET B 315 3.13 -27.59 4.54
C MET B 315 3.16 -26.26 3.83
N GLN B 316 2.38 -26.18 2.76
CA GLN B 316 2.32 -24.99 1.91
C GLN B 316 0.96 -24.33 2.01
N ALA B 317 0.97 -23.00 2.12
CA ALA B 317 -0.27 -22.23 2.21
C ALA B 317 -0.34 -21.19 1.10
N ALA B 318 -1.56 -20.76 0.79
CA ALA B 318 -1.78 -19.77 -0.26
C ALA B 318 -1.17 -18.42 0.10
N ASN B 319 -1.09 -18.15 1.39
CA ASN B 319 -0.57 -16.88 1.89
C ASN B 319 -0.54 -16.87 3.40
N ARG B 320 0.24 -15.96 3.98
CA ARG B 320 0.41 -15.90 5.43
C ARG B 320 -0.92 -15.97 6.17
N ARG B 321 -1.96 -15.37 5.59
CA ARG B 321 -3.29 -15.40 6.18
C ARG B 321 -3.75 -16.85 6.34
N ALA B 322 -3.77 -17.57 5.23
CA ALA B 322 -4.15 -18.98 5.24
C ALA B 322 -3.19 -19.82 6.06
N GLU B 323 -1.93 -19.38 6.11
CA GLU B 323 -0.90 -20.11 6.84
C GLU B 323 -1.21 -20.16 8.32
N LEU B 324 -1.41 -18.99 8.92
CA LEU B 324 -1.77 -18.90 10.33
C LEU B 324 -3.12 -19.56 10.58
N GLU B 325 -4.08 -19.28 9.69
CA GLU B 325 -5.42 -19.81 9.84
C GLU B 325 -5.40 -21.33 9.79
N GLY B 326 -4.53 -21.89 8.96
CA GLY B 326 -4.37 -23.32 8.88
C GLY B 326 -3.72 -23.87 10.14
N ILE B 327 -2.69 -23.19 10.62
CA ILE B 327 -2.01 -23.57 11.84
C ILE B 327 -2.94 -23.46 13.04
N ALA B 328 -3.83 -22.47 13.02
CA ALA B 328 -4.79 -22.29 14.10
C ALA B 328 -5.68 -23.52 14.22
N ARG B 329 -6.11 -24.05 13.08
CA ARG B 329 -6.91 -25.27 13.06
C ARG B 329 -6.11 -26.45 13.60
N GLU B 330 -4.86 -26.55 13.19
CA GLU B 330 -3.98 -27.61 13.66
C GLU B 330 -3.88 -27.60 15.19
N ILE B 331 -3.64 -26.43 15.76
CA ILE B 331 -3.55 -26.29 17.20
C ILE B 331 -4.80 -26.79 17.90
N HIS B 332 -5.96 -26.47 17.34
CA HIS B 332 -7.24 -26.94 17.89
C HIS B 332 -7.35 -28.46 17.80
N ALA B 333 -6.91 -29.02 16.67
CA ALA B 333 -6.91 -30.46 16.51
C ALA B 333 -6.04 -31.11 17.57
N LEU B 334 -4.95 -30.42 17.92
CA LEU B 334 -3.99 -30.94 18.89
C LEU B 334 -4.54 -30.93 20.31
N VAL B 335 -5.20 -29.84 20.68
CA VAL B 335 -5.74 -29.69 22.02
C VAL B 335 -7.06 -30.44 22.20
N ARG B 336 -7.87 -30.44 21.15
CA ARG B 336 -9.21 -31.01 21.21
C ARG B 336 -9.21 -32.52 20.94
N GLU B 337 -8.31 -32.95 20.06
CA GLU B 337 -8.25 -34.36 19.67
C GLU B 337 -7.11 -35.14 20.35
N LYS B 338 -5.88 -34.66 20.15
CA LYS B 338 -4.70 -35.39 20.60
C LYS B 338 -4.37 -35.17 22.07
N GLY B 339 -5.17 -34.38 22.76
CA GLY B 339 -5.01 -34.16 24.18
C GLY B 339 -3.77 -33.39 24.59
N TYR B 340 -3.44 -32.36 23.81
CA TYR B 340 -2.35 -31.46 24.18
C TYR B 340 -2.94 -30.27 24.94
N ARG B 341 -2.05 -29.43 25.47
CA ARG B 341 -2.46 -28.16 26.06
C ARG B 341 -1.80 -27.02 25.29
N TYR B 342 -2.44 -25.85 25.32
CA TYR B 342 -1.91 -24.69 24.60
C TYR B 342 -0.45 -24.42 24.96
N LYS B 343 -0.10 -24.64 26.22
CA LYS B 343 1.25 -24.38 26.72
C LYS B 343 2.30 -25.32 26.11
N ASP B 344 1.84 -26.32 25.38
CA ASP B 344 2.74 -27.30 24.77
C ASP B 344 3.11 -26.92 23.33
N VAL B 345 2.36 -25.97 22.77
CA VAL B 345 2.59 -25.53 21.40
C VAL B 345 3.40 -24.24 21.36
N ALA B 346 4.32 -24.17 20.42
CA ALA B 346 5.13 -22.98 20.22
C ALA B 346 5.33 -22.73 18.73
N ILE B 347 5.06 -21.50 18.29
CA ILE B 347 5.22 -21.14 16.89
C ILE B 347 6.30 -20.06 16.73
N LEU B 348 7.25 -20.33 15.83
CA LEU B 348 8.38 -19.43 15.63
C LEU B 348 8.38 -18.83 14.23
N ALA B 349 9.00 -17.65 14.10
CA ALA B 349 9.15 -17.00 12.80
C ALA B 349 10.45 -16.21 12.76
N ARG B 350 11.20 -16.35 11.66
CA ARG B 350 12.45 -15.61 11.50
C ARG B 350 12.17 -14.11 11.42
N GLN B 351 11.01 -13.75 10.88
CA GLN B 351 10.61 -12.36 10.78
C GLN B 351 9.22 -12.16 11.35
N PRO B 352 9.10 -12.19 12.68
CA PRO B 352 7.82 -12.06 13.38
C PRO B 352 7.05 -10.82 12.95
N GLU B 353 7.79 -9.83 12.44
CA GLU B 353 7.18 -8.58 11.99
C GLU B 353 6.22 -8.81 10.81
N ASP B 354 6.34 -9.97 10.18
CA ASP B 354 5.50 -10.31 9.04
C ASP B 354 4.17 -10.97 9.44
N TYR B 355 4.17 -11.62 10.61
CA TYR B 355 2.97 -12.32 11.07
C TYR B 355 2.34 -11.67 12.29
N LYS B 356 3.08 -10.80 12.96
CA LYS B 356 2.68 -10.27 14.26
C LYS B 356 1.26 -9.74 14.28
N ASP B 357 0.92 -8.89 13.33
CA ASP B 357 -0.40 -8.28 13.27
C ASP B 357 -1.49 -9.30 12.98
N MET B 358 -1.23 -10.20 12.05
CA MET B 358 -2.23 -11.19 11.65
C MET B 358 -2.44 -12.28 12.70
N VAL B 359 -1.39 -12.59 13.45
CA VAL B 359 -1.47 -13.58 14.52
C VAL B 359 -2.51 -13.17 15.55
N LYS B 360 -2.44 -11.92 16.00
CA LYS B 360 -3.38 -11.41 16.98
C LYS B 360 -4.82 -11.50 16.49
N GLU B 361 -5.04 -11.17 15.23
CA GLU B 361 -6.38 -11.18 14.65
C GLU B 361 -6.90 -12.62 14.48
N VAL B 362 -6.13 -13.46 13.82
CA VAL B 362 -6.52 -14.84 13.58
C VAL B 362 -6.82 -15.59 14.88
N PHE B 363 -5.84 -15.64 15.77
CA PHE B 363 -6.00 -16.34 17.04
C PHE B 363 -7.16 -15.79 17.87
N ALA B 364 -7.46 -14.50 17.70
CA ALA B 364 -8.59 -13.90 18.40
C ALA B 364 -9.89 -14.54 17.94
N ASP B 365 -10.01 -14.75 16.63
CA ASP B 365 -11.20 -15.38 16.06
C ASP B 365 -11.26 -16.87 16.38
N TYR B 366 -10.10 -17.52 16.37
CA TYR B 366 -10.02 -18.94 16.68
C TYR B 366 -9.90 -19.21 18.18
N GLU B 367 -9.99 -18.15 18.98
CA GLU B 367 -9.97 -18.29 20.44
C GLU B 367 -8.76 -19.06 20.94
N ILE B 368 -7.59 -18.68 20.46
CA ILE B 368 -6.35 -19.31 20.89
C ILE B 368 -5.51 -18.34 21.71
N PRO B 369 -5.42 -18.58 23.02
CA PRO B 369 -4.62 -17.73 23.92
C PRO B 369 -3.14 -17.84 23.57
N TYR B 370 -2.42 -16.74 23.67
CA TYR B 370 -1.02 -16.70 23.22
C TYR B 370 -0.18 -15.70 23.98
N PHE B 371 1.12 -15.70 23.68
CA PHE B 371 2.07 -14.74 24.26
C PHE B 371 3.10 -14.35 23.20
N ILE B 372 3.28 -13.05 23.01
CA ILE B 372 4.22 -12.56 21.99
C ILE B 372 5.46 -11.94 22.64
N ASP B 373 6.63 -12.31 22.11
CA ASP B 373 7.90 -11.79 22.63
C ASP B 373 7.96 -10.26 22.57
N GLY B 374 7.80 -9.72 21.36
CA GLY B 374 7.95 -8.30 21.13
C GLY B 374 7.05 -7.41 21.97
N LYS B 375 7.41 -6.13 22.04
CA LYS B 375 6.61 -5.14 22.75
C LYS B 375 5.69 -4.44 21.76
N ALA B 376 4.82 -3.56 22.26
CA ALA B 376 3.88 -2.85 21.40
C ALA B 376 4.14 -1.35 21.38
N SER B 377 4.10 -0.77 20.17
CA SER B 377 4.30 0.66 19.99
C SER B 377 3.18 1.47 20.65
N MET B 378 3.48 2.73 20.95
CA MET B 378 2.50 3.62 21.56
C MET B 378 2.00 4.66 20.57
N LEU B 379 2.45 4.55 19.32
CA LEU B 379 2.11 5.54 18.29
C LEU B 379 0.61 5.63 18.01
N ASN B 380 -0.13 4.59 18.39
CA ASN B 380 -1.58 4.58 18.21
C ASN B 380 -2.34 5.09 19.43
N HIS B 381 -1.61 5.37 20.51
CA HIS B 381 -2.25 5.80 21.75
C HIS B 381 -2.62 7.28 21.71
N PRO B 382 -3.83 7.59 22.20
CA PRO B 382 -4.38 8.96 22.19
C PRO B 382 -3.39 10.00 22.71
N LEU B 383 -2.74 9.70 23.83
CA LEU B 383 -1.78 10.64 24.41
C LEU B 383 -0.64 10.96 23.45
N ILE B 384 -0.13 9.94 22.79
CA ILE B 384 0.94 10.11 21.81
C ILE B 384 0.44 10.87 20.59
N GLU B 385 -0.78 10.54 20.15
CA GLU B 385 -1.38 11.22 19.02
C GLU B 385 -1.66 12.67 19.35
N PHE B 386 -2.28 12.88 20.51
CA PHE B 386 -2.63 14.22 20.98
C PHE B 386 -1.42 15.15 20.97
N ILE B 387 -0.31 14.67 21.52
CA ILE B 387 0.92 15.44 21.54
C ILE B 387 1.43 15.72 20.13
N ARG B 388 1.63 14.67 19.36
CA ARG B 388 2.15 14.81 18.00
C ARG B 388 1.35 15.80 17.15
N SER B 389 0.04 15.61 17.10
CA SER B 389 -0.82 16.46 16.28
C SER B 389 -0.90 17.90 16.81
N SER B 390 -0.64 18.07 18.11
CA SER B 390 -0.65 19.40 18.71
C SER B 390 0.49 20.26 18.17
N LEU B 391 1.69 19.72 18.15
CA LEU B 391 2.83 20.42 17.58
C LEU B 391 2.57 20.71 16.11
N ASP B 392 1.97 19.75 15.42
CA ASP B 392 1.60 19.95 14.02
C ASP B 392 0.68 21.14 13.87
N VAL B 393 -0.29 21.25 14.77
CA VAL B 393 -1.25 22.35 14.75
C VAL B 393 -0.56 23.70 14.57
N LEU B 394 0.46 23.96 15.39
CA LEU B 394 1.12 25.24 15.35
C LEU B 394 2.30 25.29 14.37
N LYS B 395 2.76 24.12 13.93
CA LYS B 395 3.87 24.06 12.99
C LYS B 395 3.40 24.34 11.56
N GLY B 396 2.33 23.65 11.16
CA GLY B 396 1.78 23.80 9.83
C GLY B 396 0.77 24.94 9.77
N ASN B 397 0.84 25.82 10.75
CA ASN B 397 -0.03 27.00 10.80
C ASN B 397 -1.52 26.64 10.84
N TRP B 398 -1.89 25.76 11.76
CA TRP B 398 -3.29 25.46 12.05
C TRP B 398 -4.08 24.88 10.87
N ARG B 399 -3.56 23.81 10.27
CA ARG B 399 -4.33 23.06 9.30
C ARG B 399 -5.47 22.37 10.03
N TYR B 400 -6.70 22.57 9.57
CA TYR B 400 -7.86 22.05 10.29
C TYR B 400 -7.84 20.54 10.46
N GLU B 401 -7.13 19.85 9.56
CA GLU B 401 -7.00 18.41 9.66
C GLU B 401 -6.28 18.00 10.94
N ALA B 402 -5.27 18.78 11.31
CA ALA B 402 -4.49 18.51 12.52
C ALA B 402 -5.28 18.88 13.77
N VAL B 403 -5.94 20.03 13.72
CA VAL B 403 -6.75 20.48 14.85
C VAL B 403 -7.75 19.40 15.28
N PHE B 404 -8.44 18.81 14.31
CA PHE B 404 -9.43 17.78 14.60
C PHE B 404 -8.77 16.45 14.94
N ARG B 405 -7.51 16.31 14.55
CA ARG B 405 -6.71 15.15 14.94
C ARG B 405 -6.49 15.23 16.45
N CYS B 406 -6.28 16.44 16.94
CA CYS B 406 -6.11 16.70 18.36
C CYS B 406 -7.44 16.58 19.10
N VAL B 407 -8.46 17.26 18.61
CA VAL B 407 -9.75 17.30 19.26
C VAL B 407 -10.40 15.92 19.34
N LYS B 408 -10.02 15.04 18.42
CA LYS B 408 -10.61 13.70 18.37
C LYS B 408 -9.86 12.67 19.19
N THR B 409 -8.76 13.07 19.81
CA THR B 409 -8.17 12.28 20.88
C THR B 409 -9.01 12.60 22.11
N GLU B 410 -9.95 13.52 21.91
CA GLU B 410 -10.86 14.01 22.94
C GLU B 410 -10.18 14.26 24.30
N LEU B 411 -8.91 14.67 24.25
CA LEU B 411 -8.22 15.15 25.43
C LEU B 411 -8.45 16.65 25.56
N LEU B 412 -8.95 17.25 24.48
CA LEU B 412 -9.29 18.67 24.48
C LEU B 412 -10.74 18.89 24.91
N PHE B 413 -11.51 17.79 24.95
CA PHE B 413 -12.92 17.87 25.31
C PHE B 413 -13.14 18.64 26.61
N PRO B 414 -14.25 19.37 26.70
CA PRO B 414 -14.62 20.09 27.92
C PRO B 414 -14.78 19.13 29.08
N LEU B 415 -14.62 19.64 30.31
CA LEU B 415 -14.80 18.80 31.50
C LEU B 415 -16.28 18.67 31.86
N ASN B 416 -16.64 17.49 32.36
CA ASN B 416 -17.99 17.19 32.85
C ASN B 416 -19.13 17.23 31.83
N GLU B 417 -18.87 17.76 30.64
CA GLU B 417 -19.89 17.77 29.60
C GLU B 417 -20.00 16.41 28.93
N PRO B 418 -21.23 15.90 28.76
CA PRO B 418 -21.47 14.58 28.16
C PRO B 418 -20.79 14.45 26.82
N LYS B 419 -19.86 13.50 26.72
CA LYS B 419 -19.05 13.32 25.51
C LYS B 419 -19.89 13.13 24.26
N ALA B 420 -21.02 12.44 24.39
CA ALA B 420 -21.89 12.17 23.26
C ALA B 420 -22.14 13.42 22.43
N LYS B 421 -22.82 14.40 23.04
CA LYS B 421 -23.11 15.65 22.36
C LYS B 421 -21.85 16.34 21.87
N VAL B 422 -20.76 16.21 22.63
CA VAL B 422 -19.51 16.85 22.27
C VAL B 422 -19.01 16.36 20.91
N ARG B 423 -19.10 15.06 20.68
CA ARG B 423 -18.70 14.49 19.40
C ARG B 423 -19.65 14.89 18.28
N GLU B 424 -20.92 15.08 18.61
CA GLU B 424 -21.91 15.54 17.64
C GLU B 424 -21.57 16.95 17.19
N GLN B 425 -21.00 17.74 18.10
CA GLN B 425 -20.62 19.11 17.78
C GLN B 425 -19.27 19.17 17.07
N VAL B 426 -18.31 18.39 17.57
CA VAL B 426 -16.99 18.33 16.96
C VAL B 426 -17.07 17.90 15.50
N ASP B 427 -17.95 16.95 15.23
CA ASP B 427 -18.15 16.45 13.87
C ASP B 427 -18.73 17.52 12.97
N GLN B 428 -19.75 18.21 13.46
CA GLN B 428 -20.40 19.27 12.69
C GLN B 428 -19.48 20.47 12.51
N LEU B 429 -18.60 20.70 13.48
CA LEU B 429 -17.60 21.74 13.35
C LEU B 429 -16.61 21.35 12.26
N GLU B 430 -16.29 20.06 12.20
CA GLU B 430 -15.37 19.55 11.19
C GLU B 430 -15.95 19.78 9.81
N ASN B 431 -17.18 19.32 9.61
CA ASN B 431 -17.87 19.52 8.34
C ASN B 431 -17.88 20.98 7.90
N TYR B 432 -18.07 21.87 8.87
CA TYR B 432 -18.07 23.30 8.60
C TYR B 432 -16.71 23.79 8.12
N CYS B 433 -15.65 23.32 8.77
CA CYS B 433 -14.30 23.73 8.43
C CYS B 433 -13.86 23.17 7.08
N ILE B 434 -14.40 22.01 6.71
CA ILE B 434 -14.07 21.37 5.45
C ILE B 434 -14.67 22.11 4.27
N ALA B 435 -15.89 22.60 4.44
CA ALA B 435 -16.60 23.29 3.37
C ALA B 435 -16.19 24.75 3.25
N TYR B 436 -15.69 25.32 4.33
CA TYR B 436 -15.30 26.72 4.35
C TYR B 436 -13.79 26.91 4.32
N GLY B 437 -13.06 25.80 4.31
CA GLY B 437 -11.61 25.82 4.22
C GLY B 437 -10.94 26.55 5.36
N ILE B 438 -11.57 26.55 6.53
CA ILE B 438 -11.03 27.21 7.70
C ILE B 438 -9.62 26.73 8.04
N LYS B 439 -8.67 27.66 8.09
CA LYS B 439 -7.28 27.32 8.33
C LYS B 439 -6.54 28.50 8.96
N GLY B 440 -5.41 28.21 9.58
CA GLY B 440 -4.53 29.24 10.11
C GLY B 440 -5.20 30.30 10.97
N ASP B 441 -4.97 31.56 10.62
CA ASP B 441 -5.44 32.70 11.40
C ASP B 441 -6.94 32.71 11.63
N ARG B 442 -7.70 32.08 10.73
CA ARG B 442 -9.15 32.09 10.84
C ARG B 442 -9.63 31.53 12.17
N TRP B 443 -8.80 30.70 12.79
CA TRP B 443 -9.11 30.15 14.11
C TRP B 443 -8.91 31.20 15.19
N THR B 444 -7.76 31.88 15.14
CA THR B 444 -7.36 32.80 16.20
C THR B 444 -8.11 34.13 16.15
N LYS B 445 -8.70 34.44 15.00
CA LYS B 445 -9.42 35.70 14.83
C LYS B 445 -10.79 35.65 15.49
N THR B 464 -33.63 33.23 12.12
CA THR B 464 -32.76 33.18 13.30
C THR B 464 -32.71 31.79 13.94
N ASP B 465 -33.88 31.18 14.12
CA ASP B 465 -33.99 29.92 14.86
C ASP B 465 -32.91 28.90 14.55
N GLN B 466 -32.75 28.57 13.27
CA GLN B 466 -31.75 27.58 12.87
C GLN B 466 -30.34 28.17 12.99
N GLU B 467 -30.15 29.37 12.46
CA GLU B 467 -28.84 30.00 12.45
C GLU B 467 -28.24 30.07 13.85
N ILE B 468 -29.00 30.59 14.80
CA ILE B 468 -28.53 30.67 16.17
C ILE B 468 -28.05 29.29 16.66
N GLU B 469 -28.97 28.35 16.77
CA GLU B 469 -28.65 27.00 17.26
C GLU B 469 -27.31 26.54 16.71
N MET B 470 -27.19 26.62 15.38
CA MET B 470 -25.98 26.20 14.69
C MET B 470 -24.80 27.07 15.09
N GLU B 471 -24.84 28.35 14.71
CA GLU B 471 -23.72 29.26 14.96
C GLU B 471 -23.41 29.43 16.44
N ASN B 472 -24.40 29.16 17.29
CA ASN B 472 -24.22 29.21 18.73
C ASN B 472 -23.55 27.93 19.24
N MET B 473 -23.50 26.93 18.37
CA MET B 473 -22.71 25.73 18.65
C MET B 473 -21.31 25.93 18.11
N LEU B 474 -21.21 26.44 16.89
CA LEU B 474 -19.93 26.60 16.21
C LEU B 474 -18.97 27.57 16.91
N ASN B 475 -19.52 28.48 17.70
CA ASN B 475 -18.68 29.33 18.55
C ASN B 475 -18.27 28.58 19.80
N ASP B 476 -19.25 28.04 20.54
CA ASP B 476 -18.97 27.25 21.74
C ASP B 476 -17.86 26.25 21.47
N THR B 477 -18.04 25.46 20.41
CA THR B 477 -17.11 24.39 20.08
C THR B 477 -15.68 24.90 19.95
N ARG B 478 -15.46 25.86 19.05
CA ARG B 478 -14.15 26.44 18.86
C ARG B 478 -13.70 27.22 20.10
N ASP B 479 -14.67 27.61 20.92
CA ASP B 479 -14.37 28.38 22.12
C ASP B 479 -13.60 27.59 23.17
N TRP B 480 -13.83 26.27 23.20
CA TRP B 480 -13.06 25.42 24.11
C TRP B 480 -11.91 24.72 23.40
N ILE B 481 -11.92 24.77 22.07
CA ILE B 481 -10.89 24.13 21.26
C ILE B 481 -9.67 25.02 21.03
N VAL B 482 -9.93 26.28 20.67
CA VAL B 482 -8.87 27.20 20.28
C VAL B 482 -7.93 27.62 21.43
N PRO B 483 -8.50 28.10 22.54
CA PRO B 483 -7.67 28.65 23.64
C PRO B 483 -6.54 27.73 24.12
N PRO B 484 -6.84 26.47 24.47
CA PRO B 484 -5.79 25.63 25.06
C PRO B 484 -4.66 25.37 24.07
N LEU B 485 -5.04 25.25 22.80
CA LEU B 485 -4.10 24.96 21.73
C LEU B 485 -3.40 26.25 21.28
N PHE B 486 -4.11 27.36 21.40
CA PHE B 486 -3.59 28.67 20.97
C PHE B 486 -2.61 29.23 22.00
N GLN B 487 -2.99 29.18 23.27
CA GLN B 487 -2.13 29.64 24.33
C GLN B 487 -0.85 28.84 24.37
N LEU B 488 -0.88 27.64 23.79
CA LEU B 488 0.29 26.78 23.74
C LEU B 488 1.33 27.29 22.75
N GLN B 489 0.87 27.77 21.60
CA GLN B 489 1.80 28.26 20.57
C GLN B 489 2.49 29.53 21.04
N LYS B 490 1.80 30.30 21.88
CA LYS B 490 2.39 31.49 22.47
C LYS B 490 3.62 31.11 23.28
N ARG B 491 3.41 30.27 24.29
CA ARG B 491 4.50 29.78 25.14
C ARG B 491 5.58 29.10 24.32
N MET B 492 5.17 28.38 23.28
CA MET B 492 6.11 27.61 22.47
C MET B 492 7.00 28.50 21.62
N LYS B 493 6.41 29.22 20.69
CA LYS B 493 7.16 30.12 19.82
C LYS B 493 7.94 31.11 20.67
N LYS B 494 7.49 31.30 21.91
CA LYS B 494 8.16 32.18 22.86
C LYS B 494 9.51 31.62 23.29
N ALA B 495 9.47 30.46 23.95
CA ALA B 495 10.65 29.85 24.55
C ALA B 495 11.77 29.58 23.54
N LYS B 496 13.00 29.88 23.94
CA LYS B 496 14.16 29.69 23.08
C LYS B 496 14.81 28.31 23.29
N THR B 497 15.00 27.93 24.55
CA THR B 497 15.73 26.70 24.86
C THR B 497 14.83 25.47 24.92
N VAL B 498 15.43 24.33 25.25
CA VAL B 498 14.71 23.07 25.29
C VAL B 498 13.78 22.95 26.49
N GLN B 499 14.34 23.14 27.68
CA GLN B 499 13.59 22.96 28.91
C GLN B 499 12.29 23.77 28.94
N GLU B 500 12.34 24.98 28.43
CA GLU B 500 11.16 25.86 28.42
C GLU B 500 10.12 25.46 27.37
N LYS B 501 10.56 24.96 26.22
CA LYS B 501 9.65 24.41 25.24
C LYS B 501 9.10 23.08 25.73
N ALA B 502 9.96 22.32 26.41
CA ALA B 502 9.54 21.07 27.03
C ALA B 502 8.57 21.33 28.17
N GLU B 503 8.75 22.46 28.85
CA GLU B 503 7.86 22.88 29.93
C GLU B 503 6.51 23.36 29.39
N ALA B 504 6.56 24.14 28.33
CA ALA B 504 5.34 24.66 27.70
C ALA B 504 4.45 23.51 27.23
N LEU B 505 5.08 22.46 26.73
CA LEU B 505 4.35 21.28 26.27
C LEU B 505 3.63 20.60 27.44
N TYR B 506 4.35 20.39 28.54
CA TYR B 506 3.78 19.74 29.70
C TYR B 506 2.59 20.51 30.27
N ARG B 507 2.72 21.83 30.34
CA ARG B 507 1.65 22.67 30.86
C ARG B 507 0.42 22.61 29.95
N TYR B 508 0.66 22.29 28.67
CA TYR B 508 -0.42 22.08 27.72
C TYR B 508 -1.18 20.80 28.06
N LEU B 509 -0.45 19.81 28.58
CA LEU B 509 -1.04 18.54 28.96
C LEU B 509 -1.83 18.67 30.26
N GLU B 510 -1.28 19.40 31.22
CA GLU B 510 -1.87 19.50 32.55
C GLU B 510 -3.08 20.42 32.61
N GLU B 511 -3.02 21.55 31.92
CA GLU B 511 -4.14 22.50 31.91
C GLU B 511 -5.35 21.92 31.19
N THR B 512 -5.11 20.91 30.35
CA THR B 512 -6.19 20.25 29.65
C THR B 512 -6.62 18.98 30.39
N ASP B 513 -5.99 18.74 31.55
CA ASP B 513 -6.35 17.61 32.40
C ASP B 513 -6.19 16.26 31.70
N VAL B 514 -5.13 16.12 30.93
CA VAL B 514 -4.83 14.86 30.28
C VAL B 514 -4.80 13.71 31.28
N PRO B 515 -4.11 13.91 32.43
CA PRO B 515 -4.10 12.87 33.46
C PRO B 515 -5.51 12.46 33.88
N LEU B 516 -6.35 13.44 34.21
CA LEU B 516 -7.69 13.16 34.69
C LEU B 516 -8.53 12.41 33.64
N LYS B 517 -8.64 12.99 32.45
CA LYS B 517 -9.40 12.39 31.37
C LYS B 517 -8.89 10.99 31.03
N LEU B 518 -7.56 10.82 31.12
CA LEU B 518 -6.97 9.50 30.95
C LEU B 518 -7.48 8.53 32.01
N ASP B 519 -7.27 8.90 33.27
CA ASP B 519 -7.67 8.06 34.40
C ASP B 519 -9.12 7.62 34.29
N GLN B 520 -9.97 8.50 33.78
CA GLN B 520 -11.37 8.17 33.54
C GLN B 520 -11.47 7.04 32.51
N GLU B 521 -10.84 7.25 31.37
CA GLU B 521 -10.81 6.25 30.31
C GLU B 521 -10.31 4.92 30.84
N ARG B 522 -9.35 4.97 31.77
CA ARG B 522 -8.79 3.77 32.37
C ARG B 522 -9.88 2.89 32.95
N GLN B 523 -10.85 3.51 33.62
CA GLN B 523 -11.96 2.79 34.24
C GLN B 523 -12.83 2.10 33.19
N ARG B 524 -13.24 2.85 32.17
CA ARG B 524 -14.10 2.31 31.12
C ARG B 524 -13.50 1.03 30.54
N ALA B 525 -12.18 1.03 30.36
CA ALA B 525 -11.49 -0.14 29.83
C ALA B 525 -11.66 -1.34 30.73
N GLU B 526 -11.55 -1.12 32.04
CA GLU B 526 -11.70 -2.20 33.02
C GLU B 526 -13.15 -2.67 33.12
N ASP B 527 -14.08 -1.72 33.14
CA ASP B 527 -15.50 -2.04 33.20
C ASP B 527 -15.90 -2.95 32.05
N ASP B 528 -15.23 -2.81 30.92
CA ASP B 528 -15.58 -3.55 29.71
C ASP B 528 -14.78 -4.84 29.56
N GLY B 529 -13.99 -5.15 30.58
CA GLY B 529 -13.22 -6.38 30.59
C GLY B 529 -11.84 -6.29 29.99
N ARG B 530 -11.36 -5.07 29.75
CA ARG B 530 -10.02 -4.88 29.19
C ARG B 530 -9.10 -4.13 30.16
N ILE B 531 -8.43 -4.88 31.02
CA ILE B 531 -7.47 -4.30 31.95
C ILE B 531 -6.11 -4.11 31.28
N ILE B 532 -5.79 -5.00 30.34
CA ILE B 532 -4.54 -4.92 29.59
C ILE B 532 -4.45 -3.56 28.89
N GLU B 533 -5.55 -3.14 28.30
CA GLU B 533 -5.64 -1.85 27.63
C GLU B 533 -5.66 -0.71 28.63
N ALA B 534 -6.22 -0.96 29.81
CA ALA B 534 -6.33 0.07 30.85
C ALA B 534 -4.96 0.42 31.42
N GLN B 535 -4.09 -0.58 31.54
CA GLN B 535 -2.74 -0.38 32.04
C GLN B 535 -1.97 0.62 31.19
N GLN B 536 -2.08 0.47 29.88
CA GLN B 536 -1.26 1.21 28.93
C GLN B 536 -1.48 2.73 28.96
N HIS B 537 -2.57 3.16 29.59
CA HIS B 537 -2.89 4.58 29.66
C HIS B 537 -1.92 5.36 30.54
N GLN B 538 -2.01 5.17 31.86
CA GLN B 538 -1.11 5.84 32.78
C GLN B 538 0.33 5.40 32.49
N GLN B 539 0.45 4.26 31.83
CA GLN B 539 1.74 3.75 31.41
C GLN B 539 2.29 4.62 30.28
N ALA B 540 1.39 5.11 29.43
CA ALA B 540 1.77 6.01 28.35
C ALA B 540 2.27 7.33 28.92
N TRP B 541 1.61 7.80 29.97
CA TRP B 541 1.98 9.07 30.60
C TRP B 541 3.43 9.05 31.06
N ASP B 542 3.83 7.97 31.72
CA ASP B 542 5.19 7.84 32.21
C ASP B 542 6.22 7.92 31.08
N ALA B 543 5.90 7.29 29.95
CA ALA B 543 6.80 7.29 28.80
C ALA B 543 7.07 8.72 28.33
N VAL B 544 6.00 9.51 28.18
CA VAL B 544 6.13 10.89 27.74
C VAL B 544 6.96 11.71 28.73
N ILE B 545 6.57 11.66 29.99
CA ILE B 545 7.26 12.42 31.04
C ILE B 545 8.75 12.13 31.04
N GLN B 546 9.12 10.85 31.03
CA GLN B 546 10.53 10.48 30.99
C GLN B 546 11.19 10.99 29.73
N LEU B 547 10.46 10.92 28.61
CA LEU B 547 10.96 11.40 27.33
C LEU B 547 11.40 12.86 27.46
N LEU B 548 10.66 13.63 28.24
CA LEU B 548 10.97 15.03 28.49
C LEU B 548 12.14 15.16 29.46
N GLU B 549 12.10 14.39 30.54
CA GLU B 549 13.14 14.44 31.56
C GLU B 549 14.53 14.26 30.96
N GLU B 550 14.71 13.21 30.17
CA GLU B 550 15.99 12.97 29.52
C GLU B 550 16.33 14.08 28.53
N PHE B 551 15.31 14.56 27.83
CA PHE B 551 15.46 15.63 26.85
C PHE B 551 16.05 16.86 27.53
N VAL B 552 15.43 17.28 28.63
CA VAL B 552 15.91 18.44 29.38
C VAL B 552 17.16 18.11 30.17
N GLU B 553 17.44 16.83 30.37
CA GLU B 553 18.63 16.41 31.09
C GLU B 553 19.88 16.60 30.23
N MET B 554 19.77 16.23 28.96
CA MET B 554 20.90 16.33 28.05
C MET B 554 21.01 17.74 27.44
N MET B 555 19.98 18.14 26.71
CA MET B 555 20.00 19.42 26.00
C MET B 555 19.11 20.47 26.64
N GLY B 556 18.73 20.25 27.90
CA GLY B 556 17.78 21.11 28.58
C GLY B 556 18.00 22.59 28.36
N ASP B 557 19.21 23.06 28.63
CA ASP B 557 19.50 24.49 28.52
C ASP B 557 20.14 24.89 27.20
N ASP B 558 20.17 23.96 26.24
CA ASP B 558 20.59 24.30 24.88
C ASP B 558 19.44 24.99 24.16
N GLU B 559 19.77 25.92 23.26
CA GLU B 559 18.72 26.65 22.56
C GLU B 559 18.30 25.97 21.27
N ILE B 560 16.99 25.86 21.07
CA ILE B 560 16.43 25.13 19.94
C ILE B 560 14.99 25.58 19.69
N SER B 561 14.56 25.57 18.44
CA SER B 561 13.17 25.90 18.12
C SER B 561 12.48 24.75 17.40
N LEU B 562 11.15 24.84 17.28
CA LEU B 562 10.30 23.69 16.99
C LEU B 562 10.79 22.72 15.89
N ASP B 563 11.42 23.23 14.85
CA ASP B 563 11.84 22.38 13.74
C ASP B 563 12.62 21.14 14.18
N LEU B 564 13.70 21.35 14.92
CA LEU B 564 14.49 20.24 15.45
C LEU B 564 13.86 19.68 16.72
N PHE B 565 13.26 20.56 17.51
CA PHE B 565 12.59 20.14 18.74
C PHE B 565 11.53 19.08 18.46
N GLN B 566 10.62 19.39 17.54
CA GLN B 566 9.56 18.47 17.19
C GLN B 566 10.11 17.16 16.64
N GLN B 567 11.05 17.27 15.71
CA GLN B 567 11.64 16.10 15.08
C GLN B 567 12.21 15.12 16.12
N MET B 568 12.79 15.68 17.18
CA MET B 568 13.33 14.86 18.26
C MET B 568 12.22 14.20 19.07
N ILE B 569 11.16 14.95 19.35
CA ILE B 569 9.99 14.39 20.02
C ILE B 569 9.37 13.32 19.13
N GLU B 570 9.35 13.59 17.82
CA GLU B 570 8.79 12.67 16.86
C GLU B 570 9.51 11.33 16.92
N ALA B 571 10.84 11.38 16.93
CA ALA B 571 11.64 10.18 17.02
C ALA B 571 11.51 9.56 18.42
N GLY B 572 11.19 10.39 19.39
CA GLY B 572 10.94 9.93 20.75
C GLY B 572 9.71 9.05 20.79
N ALA B 573 8.66 9.48 20.09
CA ALA B 573 7.41 8.73 20.04
C ALA B 573 7.63 7.36 19.41
N GLU B 574 8.28 7.34 18.25
CA GLU B 574 8.52 6.10 17.53
C GLU B 574 9.26 5.08 18.39
N SER B 575 10.12 5.55 19.28
CA SER B 575 10.90 4.66 20.12
C SER B 575 10.10 4.16 21.33
N LEU B 576 9.07 4.91 21.71
CA LEU B 576 8.27 4.56 22.88
C LEU B 576 7.68 3.15 22.77
N THR B 577 7.59 2.46 23.90
CA THR B 577 7.13 1.08 23.90
C THR B 577 6.32 0.77 25.15
N PHE B 578 5.29 -0.08 24.99
CA PHE B 578 4.52 -0.55 26.11
C PHE B 578 5.24 -1.69 26.80
N SER B 579 4.91 -1.92 28.07
CA SER B 579 5.49 -3.03 28.82
C SER B 579 5.08 -4.35 28.19
N LEU B 580 6.01 -5.29 28.15
CA LEU B 580 5.74 -6.62 27.62
C LEU B 580 4.61 -7.26 28.41
N ILE B 581 3.67 -7.88 27.71
CA ILE B 581 2.54 -8.55 28.36
C ILE B 581 3.01 -9.83 29.05
N PRO B 582 2.85 -9.89 30.39
CA PRO B 582 3.34 -11.04 31.16
C PRO B 582 2.68 -12.34 30.73
N PRO B 583 3.47 -13.42 30.65
CA PRO B 583 2.97 -14.74 30.24
C PRO B 583 1.84 -15.24 31.14
N ALA B 584 0.97 -16.08 30.60
CA ALA B 584 -0.09 -16.71 31.37
C ALA B 584 0.18 -18.21 31.52
N LEU B 585 -0.50 -18.83 32.48
CA LEU B 585 -0.25 -20.23 32.82
C LEU B 585 -0.46 -21.20 31.65
N ASP B 586 -1.38 -20.87 30.75
CA ASP B 586 -1.65 -21.73 29.60
C ASP B 586 -1.78 -20.93 28.31
N GLN B 587 -0.69 -20.88 27.54
CA GLN B 587 -0.64 -20.09 26.32
C GLN B 587 0.15 -20.79 25.22
N VAL B 588 -0.14 -20.41 23.98
CA VAL B 588 0.72 -20.77 22.87
C VAL B 588 1.85 -19.75 22.82
N PHE B 589 3.09 -20.22 22.74
CA PHE B 589 4.22 -19.30 22.69
C PHE B 589 4.56 -18.93 21.26
N VAL B 590 4.31 -17.67 20.92
CA VAL B 590 4.68 -17.16 19.61
C VAL B 590 5.83 -16.17 19.76
N GLY B 591 7.00 -16.55 19.25
CA GLY B 591 8.18 -15.75 19.39
C GLY B 591 9.04 -15.83 18.15
N ASN B 592 10.29 -15.42 18.26
CA ASN B 592 11.18 -15.45 17.11
C ASN B 592 12.04 -16.70 17.06
N MET B 593 12.96 -16.71 16.11
CA MET B 593 13.79 -17.87 15.84
C MET B 593 15.24 -17.60 16.19
N ASP B 594 15.48 -16.47 16.85
CA ASP B 594 16.83 -16.03 17.16
C ASP B 594 17.13 -16.08 18.67
N LEU B 595 16.64 -15.09 19.40
CA LEU B 595 16.92 -15.00 20.83
C LEU B 595 15.76 -15.47 21.71
N SER B 596 14.68 -15.95 21.10
CA SER B 596 13.60 -16.55 21.86
C SER B 596 14.06 -17.87 22.47
N ARG B 597 13.62 -18.15 23.70
CA ARG B 597 13.95 -19.41 24.36
C ARG B 597 12.70 -20.16 24.75
N MET B 598 12.80 -21.49 24.74
CA MET B 598 11.65 -22.34 25.07
C MET B 598 12.11 -23.50 25.95
N TYR B 599 11.15 -24.17 26.59
CA TYR B 599 11.47 -25.36 27.38
C TYR B 599 10.29 -26.32 27.50
N GLY B 600 10.55 -27.59 27.22
CA GLY B 600 9.53 -28.62 27.34
C GLY B 600 8.47 -28.56 26.26
N THR B 601 8.77 -27.90 25.14
CA THR B 601 7.82 -27.75 24.05
C THR B 601 7.49 -29.08 23.39
N SER B 602 6.20 -29.32 23.15
CA SER B 602 5.76 -30.55 22.52
C SER B 602 5.68 -30.40 21.01
N CYS B 603 4.92 -29.40 20.56
CA CYS B 603 4.76 -29.15 19.14
C CYS B 603 5.30 -27.77 18.80
N THR B 604 6.14 -27.70 17.76
CA THR B 604 6.68 -26.43 17.29
C THR B 604 6.33 -26.17 15.83
N PHE B 605 5.75 -25.00 15.55
CA PHE B 605 5.46 -24.57 14.19
C PHE B 605 6.48 -23.53 13.75
N VAL B 606 7.09 -23.74 12.58
CA VAL B 606 8.01 -22.75 12.01
C VAL B 606 7.37 -22.03 10.83
N LEU B 607 7.26 -20.71 10.94
CA LEU B 607 6.61 -19.87 9.94
C LEU B 607 7.61 -19.23 8.99
N GLY B 608 7.15 -18.90 7.78
CA GLY B 608 7.93 -18.11 6.85
C GLY B 608 9.20 -18.77 6.34
N ALA B 609 9.09 -20.05 6.00
CA ALA B 609 10.21 -20.82 5.47
C ALA B 609 10.47 -20.46 4.01
N ASN B 610 10.22 -19.20 3.66
CA ASN B 610 10.39 -18.74 2.29
C ASN B 610 11.84 -18.43 1.97
N ASP B 611 12.12 -18.22 0.69
CA ASP B 611 13.47 -17.91 0.25
C ASP B 611 13.80 -16.44 0.52
N GLY B 612 15.03 -16.17 0.92
CA GLY B 612 15.44 -14.82 1.26
C GLY B 612 14.93 -14.44 2.63
N VAL B 613 14.15 -15.34 3.22
CA VAL B 613 13.55 -15.09 4.52
C VAL B 613 14.15 -15.96 5.62
N LEU B 614 13.99 -17.28 5.50
CA LEU B 614 14.48 -18.17 6.54
C LEU B 614 15.99 -18.07 6.72
N PRO B 615 16.78 -18.51 5.72
CA PRO B 615 18.20 -18.21 5.84
C PRO B 615 18.38 -16.72 5.57
N ALA B 616 17.98 -15.90 6.54
CA ALA B 616 17.86 -14.47 6.32
C ALA B 616 19.02 -13.91 5.53
N ARG B 617 18.71 -13.31 4.38
CA ARG B 617 19.73 -12.68 3.57
C ARG B 617 20.50 -11.70 4.45
N PRO B 618 21.82 -11.71 4.35
CA PRO B 618 22.66 -10.84 5.17
C PRO B 618 22.13 -9.42 5.21
N ASP B 619 21.67 -8.99 6.38
CA ASP B 619 21.14 -7.65 6.55
C ASP B 619 22.21 -6.59 6.30
N GLU B 620 21.83 -5.52 5.63
CA GLU B 620 22.76 -4.42 5.37
C GLU B 620 22.43 -3.20 6.22
N ASN B 621 23.17 -3.04 7.31
CA ASN B 621 22.96 -1.92 8.23
C ASN B 621 24.23 -1.54 8.97
N GLY B 622 24.12 -0.56 9.86
CA GLY B 622 25.25 -0.16 10.68
C GLY B 622 26.27 0.72 9.97
N VAL B 623 27.28 1.13 10.73
CA VAL B 623 28.34 2.02 10.22
C VAL B 623 29.44 1.25 9.51
N LEU B 624 29.70 0.02 9.94
CA LEU B 624 30.75 -0.79 9.34
C LEU B 624 30.20 -1.89 8.45
N SER B 625 30.70 -1.96 7.22
CA SER B 625 30.33 -3.01 6.30
C SER B 625 30.96 -4.33 6.75
N ASP B 626 30.63 -5.41 6.05
CA ASP B 626 31.18 -6.72 6.38
C ASP B 626 32.65 -6.80 5.99
N ASP B 627 33.04 -5.98 5.02
CA ASP B 627 34.43 -5.91 4.59
C ASP B 627 35.27 -5.23 5.67
N ASP B 628 34.73 -4.17 6.25
CA ASP B 628 35.42 -3.46 7.32
C ASP B 628 35.69 -4.39 8.49
N ARG B 629 34.64 -5.04 8.97
CA ARG B 629 34.75 -5.97 10.08
C ARG B 629 35.69 -7.12 9.73
N GLU B 630 35.45 -7.72 8.57
CA GLU B 630 36.29 -8.83 8.10
C GLU B 630 37.75 -8.41 8.12
N TRP B 631 38.02 -7.19 7.68
CA TRP B 631 39.36 -6.64 7.69
C TRP B 631 39.88 -6.48 9.12
N LEU B 632 39.10 -5.78 9.95
CA LEU B 632 39.46 -5.58 11.34
C LEU B 632 39.92 -6.86 12.02
N LYS B 633 39.25 -7.97 11.72
CA LYS B 633 39.61 -9.26 12.31
C LYS B 633 41.11 -9.51 12.17
N THR B 634 41.63 -9.32 10.97
CA THR B 634 43.02 -9.64 10.67
C THR B 634 44.02 -8.69 11.32
N ILE B 635 43.53 -7.61 11.92
CA ILE B 635 44.40 -6.68 12.63
C ILE B 635 44.49 -7.01 14.11
N GLY B 636 43.69 -7.98 14.54
CA GLY B 636 43.71 -8.42 15.92
C GLY B 636 42.64 -7.76 16.78
N VAL B 637 41.57 -7.31 16.13
CA VAL B 637 40.44 -6.75 16.84
C VAL B 637 39.16 -7.52 16.50
N GLU B 638 38.47 -8.01 17.52
CA GLU B 638 37.26 -8.78 17.32
C GLU B 638 36.01 -7.98 17.64
N LEU B 639 35.10 -7.91 16.67
CA LEU B 639 33.86 -7.17 16.82
C LEU B 639 32.68 -8.13 16.74
N SER B 640 31.47 -7.56 16.74
CA SER B 640 30.27 -8.37 16.53
C SER B 640 30.31 -8.97 15.11
N SER B 641 29.79 -10.18 14.94
CA SER B 641 29.84 -10.86 13.65
C SER B 641 29.24 -9.97 12.57
N GLY B 642 27.91 -9.94 12.52
CA GLY B 642 27.17 -8.95 11.77
C GLY B 642 26.97 -9.18 10.28
N GLY B 643 27.99 -9.67 9.59
CA GLY B 643 27.95 -9.80 8.14
C GLY B 643 27.72 -11.18 7.55
N ARG B 644 28.80 -11.86 7.18
CA ARG B 644 28.73 -13.19 6.57
C ARG B 644 28.77 -14.32 7.58
N GLU B 645 29.23 -14.01 8.79
CA GLU B 645 29.29 -14.97 9.88
C GLU B 645 27.86 -15.31 10.31
N ARG B 646 27.03 -14.28 10.41
CA ARG B 646 25.64 -14.46 10.78
C ARG B 646 24.96 -15.50 9.92
N LEU B 647 25.28 -15.47 8.63
CA LEU B 647 24.71 -16.41 7.68
C LEU B 647 25.12 -17.85 7.99
N LEU B 648 26.37 -18.02 8.42
CA LEU B 648 26.86 -19.34 8.82
C LEU B 648 26.17 -19.79 10.10
N ASP B 649 25.73 -18.82 10.88
CA ASP B 649 25.08 -19.08 12.17
C ASP B 649 23.60 -19.36 12.00
N GLU B 650 23.06 -19.05 10.82
CA GLU B 650 21.66 -19.31 10.53
C GLU B 650 21.33 -20.79 10.69
N HIS B 651 22.21 -21.64 10.18
CA HIS B 651 21.99 -23.08 10.23
C HIS B 651 21.96 -23.64 11.65
N PHE B 652 22.69 -23.00 12.56
CA PHE B 652 22.65 -23.41 13.96
C PHE B 652 21.29 -23.06 14.57
N LEU B 653 20.83 -21.85 14.30
CA LEU B 653 19.55 -21.40 14.82
C LEU B 653 18.38 -22.19 14.22
N ILE B 654 18.50 -22.54 12.94
CA ILE B 654 17.49 -23.36 12.30
C ILE B 654 17.53 -24.75 12.92
N TYR B 655 18.73 -25.22 13.25
CA TYR B 655 18.92 -26.51 13.89
C TYR B 655 18.31 -26.53 15.29
N MET B 656 18.45 -25.42 16.01
CA MET B 656 17.89 -25.31 17.35
C MET B 656 16.37 -25.20 17.31
N ALA B 657 15.85 -24.59 16.25
CA ALA B 657 14.41 -24.46 16.08
C ALA B 657 13.78 -25.80 15.70
N PHE B 658 14.45 -26.53 14.81
CA PHE B 658 13.94 -27.81 14.33
C PHE B 658 13.98 -28.89 15.41
N SER B 659 14.92 -28.77 16.34
CA SER B 659 15.05 -29.75 17.41
C SER B 659 14.32 -29.31 18.68
N SER B 660 13.60 -28.20 18.60
CA SER B 660 12.91 -27.65 19.77
C SER B 660 11.76 -28.52 20.30
N PRO B 661 10.94 -29.11 19.42
CA PRO B 661 9.80 -29.87 19.90
C PRO B 661 10.14 -31.33 20.21
N SER B 662 9.39 -31.93 21.12
CA SER B 662 9.58 -33.33 21.47
C SER B 662 8.66 -34.24 20.67
N ASP B 663 7.47 -33.73 20.35
CA ASP B 663 6.43 -34.54 19.71
C ASP B 663 6.30 -34.30 18.21
N ARG B 664 6.01 -33.06 17.83
CA ARG B 664 5.76 -32.76 16.41
C ARG B 664 6.47 -31.50 15.95
N LEU B 665 6.83 -31.48 14.67
CA LEU B 665 7.43 -30.30 14.05
C LEU B 665 6.77 -29.96 12.73
N TYR B 666 6.29 -28.73 12.62
CA TYR B 666 5.64 -28.26 11.41
C TYR B 666 6.47 -27.14 10.79
N VAL B 667 6.83 -27.30 9.53
CA VAL B 667 7.54 -26.25 8.80
C VAL B 667 6.67 -25.76 7.65
N SER B 668 6.28 -24.49 7.68
CA SER B 668 5.35 -23.96 6.70
C SER B 668 5.87 -22.74 5.95
N TYR B 669 5.41 -22.56 4.72
CA TYR B 669 5.78 -21.41 3.91
C TYR B 669 4.62 -20.98 3.02
N PRO B 670 4.34 -19.67 2.96
CA PRO B 670 3.31 -19.13 2.08
C PRO B 670 3.76 -19.09 0.64
N ILE B 671 2.85 -19.36 -0.29
CA ILE B 671 3.16 -19.35 -1.71
C ILE B 671 3.05 -17.94 -2.30
N ALA B 672 2.00 -17.23 -1.93
CA ALA B 672 1.79 -15.86 -2.40
C ALA B 672 2.41 -14.86 -1.43
N ASP B 673 2.12 -13.58 -1.66
CA ASP B 673 2.67 -12.50 -0.84
C ASP B 673 1.55 -11.63 -0.31
N ALA B 674 1.87 -10.75 0.64
CA ALA B 674 0.90 -9.82 1.18
C ALA B 674 0.11 -9.18 0.05
N GLU B 675 0.81 -8.71 -0.97
CA GLU B 675 0.19 -8.08 -2.13
C GLU B 675 -0.09 -9.08 -3.25
N GLY B 676 0.56 -10.24 -3.20
CA GLY B 676 0.32 -11.27 -4.19
C GLY B 676 1.51 -11.66 -5.06
N LYS B 677 2.68 -11.11 -4.75
CA LYS B 677 3.91 -11.51 -5.45
C LYS B 677 4.25 -12.95 -5.07
N THR B 678 4.99 -13.64 -5.93
CA THR B 678 5.30 -15.04 -5.69
C THR B 678 6.40 -15.23 -4.64
N LEU B 679 6.24 -16.26 -3.82
CA LEU B 679 7.23 -16.61 -2.80
C LEU B 679 7.64 -18.06 -2.92
N LEU B 680 8.94 -18.32 -3.02
CA LEU B 680 9.46 -19.67 -3.07
C LEU B 680 9.86 -20.16 -1.68
N PRO B 681 9.87 -21.49 -1.49
CA PRO B 681 10.36 -22.06 -0.23
C PRO B 681 11.86 -21.80 -0.11
N SER B 682 12.40 -21.86 1.10
CA SER B 682 13.83 -21.72 1.28
C SER B 682 14.53 -23.03 0.97
N MET B 683 15.86 -22.99 0.90
CA MET B 683 16.65 -24.18 0.64
C MET B 683 16.45 -25.23 1.73
N ILE B 684 15.96 -24.80 2.89
CA ILE B 684 15.75 -25.70 4.02
C ILE B 684 14.70 -26.76 3.73
N VAL B 685 13.62 -26.35 3.07
CA VAL B 685 12.56 -27.27 2.69
C VAL B 685 13.13 -28.36 1.77
N LYS B 686 14.01 -27.95 0.86
CA LYS B 686 14.71 -28.89 -0.01
C LYS B 686 15.59 -29.81 0.83
N ARG B 687 16.38 -29.21 1.73
CA ARG B 687 17.25 -29.97 2.60
C ARG B 687 16.44 -30.95 3.45
N LEU B 688 15.20 -30.58 3.78
CA LEU B 688 14.31 -31.44 4.54
C LEU B 688 13.80 -32.58 3.67
N GLU B 689 13.45 -32.27 2.43
CA GLU B 689 12.96 -33.26 1.49
C GLU B 689 14.08 -34.23 1.10
N GLU B 690 15.30 -33.88 1.46
CA GLU B 690 16.45 -34.75 1.24
C GLU B 690 16.52 -35.79 2.35
N LEU B 691 16.31 -35.36 3.58
CA LEU B 691 16.36 -36.25 4.73
C LEU B 691 15.05 -37.04 4.87
N PHE B 692 13.98 -36.51 4.30
CA PHE B 692 12.68 -37.17 4.35
C PHE B 692 12.04 -37.18 2.98
N PRO B 693 12.67 -37.88 2.03
CA PRO B 693 12.29 -37.88 0.60
C PRO B 693 10.90 -38.44 0.34
N HIS B 694 10.36 -39.20 1.29
CA HIS B 694 9.06 -39.84 1.08
C HIS B 694 7.94 -39.14 1.86
N HIS B 695 8.28 -38.08 2.57
CA HIS B 695 7.28 -37.31 3.32
C HIS B 695 6.45 -36.45 2.39
N LYS B 696 5.13 -36.59 2.48
CA LYS B 696 4.23 -35.74 1.73
C LYS B 696 4.05 -34.45 2.50
N GLU B 697 3.82 -33.35 1.79
CA GLU B 697 3.57 -32.08 2.46
C GLU B 697 2.10 -31.67 2.32
N ARG B 698 1.53 -31.17 3.41
CA ARG B 698 0.12 -30.80 3.44
C ARG B 698 -0.14 -29.46 2.78
N LEU B 699 -1.42 -29.14 2.61
CA LEU B 699 -1.82 -27.89 1.98
C LEU B 699 -2.79 -27.12 2.86
N LEU B 700 -2.36 -25.95 3.33
CA LEU B 700 -3.21 -25.09 4.13
C LEU B 700 -3.98 -24.14 3.23
N THR B 701 -5.31 -24.16 3.33
CA THR B 701 -6.15 -23.35 2.46
C THR B 701 -7.45 -22.91 3.10
N ASN B 702 -7.89 -21.71 2.76
CA ASN B 702 -9.19 -21.21 3.22
C ASN B 702 -10.31 -21.61 2.28
N GLU B 703 -10.01 -22.55 1.38
CA GLU B 703 -11.00 -23.11 0.48
C GLU B 703 -11.15 -24.60 0.76
N PRO B 704 -11.93 -24.96 1.79
CA PRO B 704 -12.07 -26.32 2.31
C PRO B 704 -12.29 -27.38 1.24
N GLU B 705 -13.04 -27.03 0.20
CA GLU B 705 -13.39 -27.99 -0.85
C GLU B 705 -12.15 -28.59 -1.52
N GLN B 706 -11.00 -27.97 -1.28
CA GLN B 706 -9.74 -28.44 -1.89
C GLN B 706 -9.08 -29.54 -1.06
N VAL B 707 -9.74 -29.93 0.03
CA VAL B 707 -9.18 -30.97 0.90
C VAL B 707 -10.21 -32.05 1.21
N SER B 708 -9.75 -33.16 1.77
CA SER B 708 -10.62 -34.28 2.09
C SER B 708 -11.59 -33.97 3.23
N ASP B 709 -12.64 -34.78 3.34
CA ASP B 709 -13.66 -34.59 4.36
C ASP B 709 -13.07 -34.47 5.76
N GLU B 710 -11.98 -35.19 6.00
CA GLU B 710 -11.31 -35.15 7.30
C GLU B 710 -10.88 -33.73 7.65
N GLU B 711 -9.92 -33.20 6.91
CA GLU B 711 -9.44 -31.84 7.13
C GLU B 711 -10.60 -30.85 7.19
N GLN B 712 -11.64 -31.12 6.42
CA GLN B 712 -12.79 -30.25 6.34
C GLN B 712 -13.49 -30.14 7.70
N LEU B 713 -13.28 -31.15 8.53
CA LEU B 713 -13.89 -31.18 9.86
C LEU B 713 -13.06 -30.39 10.87
N MET B 714 -11.93 -29.87 10.41
CA MET B 714 -11.05 -29.08 11.27
C MET B 714 -11.36 -27.59 11.19
N TYR B 715 -12.32 -27.24 10.34
CA TYR B 715 -12.71 -25.85 10.15
C TYR B 715 -13.82 -25.45 11.12
N VAL B 716 -14.48 -26.45 11.70
CA VAL B 716 -15.61 -26.22 12.59
C VAL B 716 -15.17 -26.00 14.04
N VAL B 717 -13.96 -25.51 14.23
CA VAL B 717 -13.41 -25.27 15.57
C VAL B 717 -14.28 -24.33 16.39
N ASN B 718 -14.89 -23.36 15.73
CA ASN B 718 -15.67 -22.32 16.41
C ASN B 718 -16.94 -21.93 15.65
N LYS B 719 -17.93 -21.41 16.37
CA LYS B 719 -19.18 -20.96 15.78
C LYS B 719 -18.98 -19.87 14.72
N SER B 720 -18.23 -18.84 15.07
CA SER B 720 -17.95 -17.75 14.14
C SER B 720 -17.29 -18.27 12.87
N VAL B 721 -16.19 -18.99 13.02
CA VAL B 721 -15.46 -19.51 11.88
C VAL B 721 -16.28 -20.55 11.12
N ALA B 722 -17.06 -21.34 11.86
CA ALA B 722 -17.94 -22.32 11.25
C ALA B 722 -18.91 -21.59 10.32
N GLN B 723 -19.56 -20.56 10.85
CA GLN B 723 -20.49 -19.74 10.08
C GLN B 723 -19.83 -19.16 8.83
N SER B 724 -18.68 -18.51 9.02
CA SER B 724 -17.97 -17.88 7.91
C SER B 724 -17.72 -18.85 6.77
N PHE B 725 -17.27 -20.05 7.11
CA PHE B 725 -16.96 -21.06 6.10
C PHE B 725 -18.22 -21.67 5.50
N THR B 726 -19.17 -22.07 6.35
CA THR B 726 -20.37 -22.74 5.88
C THR B 726 -21.17 -21.86 4.91
N ALA B 727 -21.18 -20.55 5.17
CA ALA B 727 -21.82 -19.61 4.26
C ALA B 727 -21.16 -19.68 2.89
N SER B 728 -19.83 -19.75 2.88
CA SER B 728 -19.08 -19.82 1.63
C SER B 728 -19.29 -21.15 0.91
N GLN B 729 -19.63 -22.18 1.67
CA GLN B 729 -19.89 -23.50 1.11
C GLN B 729 -21.27 -23.58 0.47
N LEU B 730 -22.26 -23.01 1.14
CA LEU B 730 -23.62 -22.95 0.60
C LEU B 730 -23.62 -22.23 -0.75
N ARG B 731 -22.84 -21.16 -0.82
CA ARG B 731 -22.66 -20.43 -2.08
C ARG B 731 -22.17 -21.36 -3.19
N LEU B 732 -20.97 -21.91 -3.00
CA LEU B 732 -20.32 -22.78 -3.98
C LEU B 732 -21.16 -23.99 -4.38
N TRP B 733 -22.03 -24.42 -3.47
CA TRP B 733 -22.86 -25.57 -3.71
C TRP B 733 -23.90 -25.27 -4.77
N THR B 734 -24.56 -24.12 -4.63
CA THR B 734 -25.58 -23.71 -5.56
C THR B 734 -24.97 -23.54 -6.95
N ARG B 735 -23.66 -23.47 -7.00
CA ARG B 735 -22.93 -23.31 -8.26
C ARG B 735 -22.71 -24.66 -8.91
N GLU B 736 -23.49 -25.65 -8.48
CA GLU B 736 -23.46 -27.00 -9.05
C GLU B 736 -22.17 -27.75 -8.72
N TYR B 737 -21.65 -27.52 -7.52
CA TYR B 737 -20.47 -28.22 -7.03
C TYR B 737 -20.83 -29.11 -5.85
N ASP B 738 -20.29 -30.33 -5.85
CA ASP B 738 -20.58 -31.30 -4.80
C ASP B 738 -19.77 -31.01 -3.54
N ILE B 739 -20.43 -30.45 -2.53
CA ILE B 739 -19.75 -30.07 -1.29
C ILE B 739 -19.86 -31.18 -0.25
N SER B 740 -18.89 -31.21 0.65
CA SER B 740 -18.85 -32.22 1.72
C SER B 740 -20.05 -32.06 2.65
N ASP B 741 -20.46 -33.18 3.26
CA ASP B 741 -21.61 -33.20 4.14
C ASP B 741 -21.29 -32.64 5.53
N VAL B 742 -20.00 -32.48 5.83
CA VAL B 742 -19.60 -31.89 7.11
C VAL B 742 -20.22 -30.51 7.28
N TRP B 743 -20.50 -29.85 6.16
CA TRP B 743 -21.06 -28.51 6.18
C TRP B 743 -22.58 -28.51 6.36
N TRP B 744 -23.24 -29.55 5.83
CA TRP B 744 -24.68 -29.72 6.05
C TRP B 744 -24.93 -30.01 7.53
N SER B 745 -24.11 -30.88 8.10
CA SER B 745 -24.18 -31.18 9.52
C SER B 745 -24.00 -29.89 10.32
N THR B 746 -23.00 -29.10 9.93
CA THR B 746 -22.69 -27.84 10.59
C THR B 746 -23.86 -26.87 10.47
N TYR B 747 -24.49 -26.85 9.29
CA TYR B 747 -25.64 -25.98 9.05
C TYR B 747 -26.77 -26.30 10.02
N ASN B 748 -27.17 -27.56 10.05
CA ASN B 748 -28.29 -28.00 10.90
C ASN B 748 -28.07 -27.71 12.38
N VAL B 749 -26.81 -27.80 12.82
CA VAL B 749 -26.48 -27.49 14.20
C VAL B 749 -26.73 -26.01 14.49
N LEU B 750 -26.20 -25.15 13.62
CA LEU B 750 -26.32 -23.71 13.79
C LEU B 750 -27.77 -23.24 13.73
N MET B 751 -28.62 -24.05 13.11
CA MET B 751 -30.03 -23.70 12.98
C MET B 751 -30.86 -24.25 14.13
N SER B 752 -30.20 -24.93 15.06
CA SER B 752 -30.89 -25.58 16.17
C SER B 752 -30.72 -24.85 17.50
N GLU B 753 -29.91 -23.78 17.50
CA GLU B 753 -29.62 -23.08 18.74
C GLU B 753 -30.21 -21.67 18.82
N GLN B 754 -29.89 -20.98 19.91
CA GLN B 754 -30.51 -19.70 20.25
C GLN B 754 -30.38 -18.63 19.17
N ASP B 755 -29.15 -18.43 18.68
CA ASP B 755 -28.88 -17.36 17.72
C ASP B 755 -29.15 -17.80 16.28
N ARG B 756 -30.03 -18.80 16.13
CA ARG B 756 -30.44 -19.26 14.81
C ARG B 756 -30.73 -18.07 13.91
N LEU B 757 -31.38 -17.06 14.48
CA LEU B 757 -31.71 -15.83 13.76
C LEU B 757 -30.48 -15.18 13.13
N GLN B 758 -29.43 -14.98 13.93
CA GLN B 758 -28.22 -14.33 13.44
C GLN B 758 -27.65 -15.08 12.23
N SER B 759 -27.39 -16.36 12.40
CA SER B 759 -26.88 -17.18 11.31
C SER B 759 -27.86 -17.18 10.13
N LYS B 760 -29.15 -17.07 10.43
CA LYS B 760 -30.15 -17.01 9.37
C LYS B 760 -29.95 -15.78 8.52
N LYS B 761 -29.74 -14.64 9.17
CA LYS B 761 -29.49 -13.39 8.47
C LYS B 761 -28.19 -13.50 7.67
N LEU B 762 -27.21 -14.19 8.22
CA LEU B 762 -25.95 -14.42 7.52
C LEU B 762 -26.19 -15.24 6.26
N PHE B 763 -26.85 -16.38 6.42
CA PHE B 763 -27.10 -17.29 5.32
C PHE B 763 -28.09 -16.72 4.29
N SER B 764 -28.78 -15.65 4.67
CA SER B 764 -29.69 -14.99 3.76
C SER B 764 -28.90 -14.40 2.59
N SER B 765 -27.58 -14.35 2.76
CA SER B 765 -26.70 -13.88 1.71
C SER B 765 -26.73 -14.83 0.53
N LEU B 766 -27.03 -16.10 0.80
CA LEU B 766 -27.11 -17.11 -0.24
C LEU B 766 -27.92 -16.56 -1.41
N PHE B 767 -29.15 -16.14 -1.11
CA PHE B 767 -29.99 -15.51 -2.10
C PHE B 767 -30.21 -14.04 -1.79
N PHE B 768 -29.19 -13.22 -2.02
CA PHE B 768 -29.34 -11.78 -1.87
C PHE B 768 -29.33 -11.09 -3.22
N ARG B 769 -30.53 -10.84 -3.74
CA ARG B 769 -30.67 -9.92 -4.85
C ARG B 769 -30.99 -8.59 -4.23
N ASN B 770 -30.15 -7.58 -4.49
CA ASN B 770 -30.46 -6.25 -4.00
C ASN B 770 -31.83 -5.88 -4.49
N GLU B 771 -32.82 -5.91 -3.60
CA GLU B 771 -34.21 -5.71 -4.00
C GLU B 771 -34.87 -4.54 -3.29
N VAL B 772 -35.70 -3.82 -4.04
CA VAL B 772 -36.31 -2.59 -3.56
C VAL B 772 -37.79 -2.77 -3.31
N LYS B 773 -38.19 -2.71 -2.04
CA LYS B 773 -39.59 -2.78 -1.68
C LYS B 773 -40.30 -1.49 -2.06
N GLN B 774 -41.42 -1.60 -2.77
CA GLN B 774 -42.15 -0.40 -3.18
C GLN B 774 -42.57 0.39 -1.97
N LEU B 775 -42.62 1.71 -2.12
CA LEU B 775 -43.06 2.58 -1.04
C LEU B 775 -44.55 2.39 -0.81
N GLU B 776 -44.96 2.26 0.45
CA GLU B 776 -46.38 2.14 0.77
C GLU B 776 -47.08 3.46 0.44
N ARG B 777 -48.39 3.50 0.65
CA ARG B 777 -49.16 4.70 0.37
C ARG B 777 -49.05 5.72 1.51
N SER B 778 -49.18 5.24 2.74
CA SER B 778 -49.07 6.10 3.91
C SER B 778 -47.70 6.77 3.99
N VAL B 779 -46.67 6.07 3.54
CA VAL B 779 -45.31 6.59 3.56
C VAL B 779 -45.12 7.71 2.54
N SER B 780 -45.37 7.39 1.26
CA SER B 780 -45.17 8.36 0.19
C SER B 780 -46.00 9.62 0.38
N ARG B 781 -47.18 9.47 0.96
CA ARG B 781 -48.07 10.59 1.20
C ARG B 781 -47.49 11.56 2.23
N GLN B 782 -46.93 11.03 3.31
CA GLN B 782 -46.35 11.87 4.35
C GLN B 782 -44.90 12.21 4.05
N LEU B 783 -44.27 11.42 3.18
CA LEU B 783 -42.90 11.63 2.79
C LEU B 783 -42.83 12.76 1.75
N TYR B 784 -43.35 12.48 0.56
CA TYR B 784 -43.40 13.46 -0.51
C TYR B 784 -44.37 14.58 -0.18
N GLY B 785 -45.46 14.24 0.50
CA GLY B 785 -46.37 15.25 1.02
C GLY B 785 -47.68 15.42 0.29
N GLU B 786 -48.36 16.52 0.60
CA GLU B 786 -49.65 16.86 0.01
C GLU B 786 -49.53 17.16 -1.48
N ARG B 787 -49.01 18.34 -1.81
CA ARG B 787 -48.72 18.69 -3.20
C ARG B 787 -47.30 18.26 -3.52
N ILE B 788 -47.12 17.63 -4.67
CA ILE B 788 -45.78 17.36 -5.17
C ILE B 788 -45.37 18.55 -6.02
N GLN B 789 -44.65 19.48 -5.41
CA GLN B 789 -44.23 20.68 -6.11
C GLN B 789 -43.11 20.30 -7.04
N GLY B 790 -43.45 20.07 -8.29
CA GLY B 790 -42.53 19.50 -9.26
C GLY B 790 -41.42 20.44 -9.66
N SER B 791 -40.32 19.85 -10.10
CA SER B 791 -39.23 20.59 -10.71
C SER B 791 -38.84 19.82 -11.94
N VAL B 792 -38.73 20.51 -13.08
CA VAL B 792 -38.36 19.83 -14.31
C VAL B 792 -37.17 18.92 -14.04
N SER B 793 -36.17 19.48 -13.38
CA SER B 793 -34.97 18.73 -13.01
C SER B 793 -35.30 17.50 -12.16
N ARG B 794 -36.16 17.69 -11.16
CA ARG B 794 -36.61 16.58 -10.32
C ARG B 794 -37.23 15.47 -11.15
N MET B 795 -37.99 15.86 -12.18
CA MET B 795 -38.61 14.90 -13.08
C MET B 795 -37.54 14.20 -13.92
N GLU B 796 -36.57 14.97 -14.39
CA GLU B 796 -35.43 14.39 -15.09
C GLU B 796 -34.79 13.35 -14.19
N THR B 797 -34.61 13.71 -12.94
CA THR B 797 -33.95 12.85 -11.95
C THR B 797 -34.70 11.52 -11.78
N PHE B 798 -36.02 11.59 -11.65
CA PHE B 798 -36.82 10.38 -11.53
C PHE B 798 -36.72 9.56 -12.82
N ASN B 799 -36.72 10.25 -13.95
CA ASN B 799 -36.66 9.59 -15.25
C ASN B 799 -35.27 9.05 -15.55
N ALA B 800 -34.29 9.47 -14.75
CA ALA B 800 -32.93 8.97 -14.85
C ALA B 800 -32.79 7.71 -14.00
N CYS B 801 -33.50 7.70 -12.87
CA CYS B 801 -33.51 6.55 -11.96
C CYS B 801 -34.48 6.86 -10.82
N PRO B 802 -35.56 6.08 -10.72
CA PRO B 802 -36.61 6.33 -9.71
C PRO B 802 -36.03 6.39 -8.30
N PHE B 803 -35.00 5.58 -8.06
CA PHE B 803 -34.37 5.53 -6.75
C PHE B 803 -33.63 6.83 -6.44
N SER B 804 -32.91 7.36 -7.42
CA SER B 804 -32.18 8.61 -7.24
C SER B 804 -33.10 9.70 -6.72
N HIS B 805 -34.30 9.75 -7.27
CA HIS B 805 -35.31 10.71 -6.82
C HIS B 805 -35.60 10.51 -5.34
N PHE B 806 -35.92 9.27 -4.97
CA PHE B 806 -36.21 8.93 -3.59
C PHE B 806 -35.07 9.33 -2.65
N ALA B 807 -33.84 9.21 -3.14
CA ALA B 807 -32.67 9.53 -2.35
C ALA B 807 -32.55 11.03 -2.10
N SER B 808 -32.74 11.83 -3.15
CA SER B 808 -32.58 13.27 -3.05
C SER B 808 -33.81 13.97 -2.49
N HIS B 809 -34.94 13.80 -3.15
CA HIS B 809 -36.16 14.50 -2.77
C HIS B 809 -36.98 13.76 -1.72
N GLY B 810 -36.82 12.44 -1.65
CA GLY B 810 -37.51 11.64 -0.67
C GLY B 810 -36.83 11.69 0.70
N LEU B 811 -35.56 11.30 0.74
CA LEU B 811 -34.81 11.24 1.99
C LEU B 811 -34.06 12.53 2.30
N HIS B 812 -33.97 13.41 1.33
CA HIS B 812 -33.27 14.69 1.50
C HIS B 812 -31.83 14.47 1.98
N LEU B 813 -31.07 13.70 1.21
CA LEU B 813 -29.68 13.42 1.56
C LEU B 813 -28.77 14.54 1.04
N LYS B 814 -27.69 14.81 1.79
CA LYS B 814 -26.75 15.85 1.39
C LYS B 814 -25.31 15.32 1.30
N GLU B 815 -24.60 15.77 0.29
CA GLU B 815 -23.17 15.47 0.18
C GLU B 815 -22.39 16.43 1.05
N ARG B 816 -21.30 15.95 1.65
CA ARG B 816 -20.40 16.83 2.37
C ARG B 816 -19.94 17.91 1.41
N GLN B 817 -20.07 19.17 1.81
CA GLN B 817 -19.63 20.27 0.97
C GLN B 817 -18.13 20.50 1.12
N PHE B 818 -17.47 20.83 0.02
CA PHE B 818 -16.02 21.02 0.03
C PHE B 818 -15.65 22.43 -0.42
N PHE B 819 -14.41 22.83 -0.13
CA PHE B 819 -13.94 24.17 -0.45
C PHE B 819 -13.58 24.29 -1.93
N LYS B 820 -13.77 23.20 -2.66
CA LYS B 820 -13.52 23.17 -4.10
C LYS B 820 -14.67 23.83 -4.87
N LEU B 821 -14.34 24.57 -5.91
CA LEU B 821 -15.35 25.22 -6.73
C LEU B 821 -15.77 24.31 -7.88
N GLU B 822 -16.90 23.64 -7.71
CA GLU B 822 -17.37 22.67 -8.69
C GLU B 822 -17.78 23.34 -10.01
N ALA B 823 -17.83 22.54 -11.07
CA ALA B 823 -18.21 23.03 -12.39
C ALA B 823 -19.63 23.60 -12.45
N PRO B 824 -20.59 22.91 -11.80
CA PRO B 824 -21.98 23.40 -11.83
C PRO B 824 -22.13 24.85 -11.36
N ASP B 825 -21.69 25.15 -10.14
CA ASP B 825 -21.89 26.48 -9.57
C ASP B 825 -21.06 27.55 -10.27
N ILE B 826 -20.26 27.13 -11.23
CA ILE B 826 -19.53 28.06 -12.09
C ILE B 826 -20.52 28.75 -13.03
N GLY B 827 -21.49 27.98 -13.52
CA GLY B 827 -22.51 28.50 -14.42
C GLY B 827 -23.37 29.56 -13.76
N GLN B 828 -23.71 29.34 -12.50
CA GLN B 828 -24.50 30.31 -11.75
C GLN B 828 -23.83 31.67 -11.75
N LEU B 829 -22.50 31.67 -11.86
CA LEU B 829 -21.74 32.91 -11.94
C LEU B 829 -22.01 33.64 -13.25
N PHE B 830 -21.88 32.92 -14.36
CA PHE B 830 -22.10 33.50 -15.68
C PHE B 830 -23.48 34.15 -15.77
N HIS B 831 -24.51 33.40 -15.37
CA HIS B 831 -25.87 33.93 -15.33
C HIS B 831 -25.92 35.25 -14.59
N SER B 832 -25.57 35.22 -13.30
CA SER B 832 -25.63 36.40 -12.46
C SER B 832 -24.78 37.55 -12.98
N SER B 833 -23.82 37.24 -13.84
CA SER B 833 -23.03 38.27 -14.50
C SER B 833 -23.80 38.82 -15.70
N LEU B 834 -24.37 37.91 -16.49
CA LEU B 834 -25.18 38.30 -17.63
C LEU B 834 -26.37 39.14 -17.18
N LYS B 835 -27.11 38.62 -16.21
CA LYS B 835 -28.24 39.34 -15.63
C LYS B 835 -27.80 40.71 -15.13
N LEU B 836 -26.57 40.79 -14.63
CA LEU B 836 -26.05 42.04 -14.07
C LEU B 836 -25.72 43.04 -15.17
N ILE B 837 -25.23 42.54 -16.29
CA ILE B 837 -24.88 43.41 -17.41
C ILE B 837 -26.10 44.12 -17.97
N SER B 838 -27.17 43.37 -18.18
CA SER B 838 -28.42 43.95 -18.66
C SER B 838 -28.80 45.19 -17.85
N ASP B 839 -28.86 45.02 -16.54
CA ASP B 839 -29.23 46.11 -15.64
C ASP B 839 -28.36 47.33 -15.85
N ARG B 840 -27.08 47.11 -16.09
CA ARG B 840 -26.16 48.20 -16.36
C ARG B 840 -26.50 48.85 -17.69
N LEU B 841 -26.80 48.04 -18.70
CA LEU B 841 -27.14 48.52 -20.02
C LEU B 841 -28.39 49.40 -20.00
N ARG B 842 -29.48 48.86 -19.45
CA ARG B 842 -30.73 49.61 -19.38
C ARG B 842 -30.52 50.93 -18.64
N ASP B 843 -29.61 50.94 -17.67
CA ASP B 843 -29.37 52.15 -16.90
C ASP B 843 -28.77 53.25 -17.74
N GLU B 844 -27.89 52.88 -18.67
CA GLU B 844 -27.31 53.83 -19.60
C GLU B 844 -28.17 53.91 -20.85
N LYS B 845 -29.33 53.27 -20.80
CA LYS B 845 -30.23 53.24 -21.95
C LYS B 845 -29.52 52.62 -23.15
N LEU B 846 -28.71 51.60 -22.88
CA LEU B 846 -27.93 50.94 -23.92
C LEU B 846 -28.42 49.53 -24.21
N ASP B 847 -28.09 49.04 -25.40
CA ASP B 847 -28.41 47.67 -25.79
C ASP B 847 -27.15 46.95 -26.21
N TRP B 848 -27.18 45.62 -26.19
CA TRP B 848 -26.02 44.83 -26.58
C TRP B 848 -25.49 45.27 -27.94
N ARG B 849 -26.39 45.69 -28.83
CA ARG B 849 -26.01 46.14 -30.17
C ARG B 849 -25.13 47.38 -30.13
N ASP B 850 -25.41 48.27 -29.19
CA ASP B 850 -24.74 49.57 -29.13
C ASP B 850 -23.35 49.46 -28.51
N LEU B 851 -23.01 48.28 -28.01
CA LEU B 851 -21.74 48.07 -27.33
C LEU B 851 -20.53 48.09 -28.25
N THR B 852 -19.39 48.53 -27.71
CA THR B 852 -18.13 48.47 -28.43
C THR B 852 -17.25 47.41 -27.79
N LYS B 853 -16.24 46.94 -28.53
CA LYS B 853 -15.31 45.97 -27.98
C LYS B 853 -14.71 46.50 -26.69
N GLU B 854 -14.52 47.82 -26.64
CA GLU B 854 -14.02 48.48 -25.45
C GLU B 854 -14.94 48.21 -24.26
N GLN B 855 -16.20 48.60 -24.40
CA GLN B 855 -17.19 48.49 -23.33
C GLN B 855 -17.44 47.04 -22.91
N CYS B 856 -17.42 46.13 -23.88
CA CYS B 856 -17.65 44.73 -23.61
C CYS B 856 -16.73 44.22 -22.51
N GLU B 857 -15.47 44.65 -22.56
CA GLU B 857 -14.50 44.28 -21.53
C GLU B 857 -14.76 45.06 -20.24
N LEU B 858 -14.88 46.38 -20.38
CA LEU B 858 -15.13 47.26 -19.25
C LEU B 858 -16.33 46.82 -18.43
N PHE B 859 -17.40 46.41 -19.11
CA PHE B 859 -18.64 46.01 -18.44
C PHE B 859 -18.52 44.63 -17.80
N SER B 860 -17.92 43.69 -18.52
CA SER B 860 -17.81 42.32 -18.05
C SER B 860 -17.00 42.21 -16.77
N TYR B 861 -15.85 42.86 -16.74
CA TYR B 861 -14.96 42.83 -15.58
C TYR B 861 -15.64 43.35 -14.30
N ASP B 862 -16.27 44.51 -14.39
CA ASP B 862 -16.98 45.06 -13.23
C ASP B 862 -17.96 44.03 -12.66
N ALA B 863 -18.72 43.41 -13.56
CA ALA B 863 -19.72 42.43 -13.15
C ALA B 863 -19.15 41.35 -12.24
N VAL B 864 -17.98 40.83 -12.57
CA VAL B 864 -17.36 39.80 -11.74
C VAL B 864 -16.83 40.39 -10.43
N GLU B 865 -16.31 41.62 -10.50
CA GLU B 865 -15.84 42.31 -9.30
C GLU B 865 -16.94 42.38 -8.26
N ARG B 866 -18.15 42.73 -8.69
CA ARG B 866 -19.28 42.89 -7.79
C ARG B 866 -19.83 41.54 -7.33
N LEU B 867 -19.43 40.47 -8.02
CA LEU B 867 -19.92 39.14 -7.71
C LEU B 867 -18.86 38.27 -7.03
N ALA B 868 -17.71 38.15 -7.67
CA ALA B 868 -16.64 37.26 -7.22
C ALA B 868 -16.54 37.05 -5.72
N PRO B 869 -16.48 38.15 -4.95
CA PRO B 869 -16.37 38.02 -3.49
C PRO B 869 -17.50 37.21 -2.87
N LYS B 870 -18.72 37.40 -3.37
CA LYS B 870 -19.91 36.80 -2.76
C LYS B 870 -20.24 35.41 -3.30
N LEU B 871 -19.33 34.83 -4.08
CA LEU B 871 -19.58 33.51 -4.65
C LEU B 871 -18.82 32.40 -3.94
N GLN B 872 -19.51 31.28 -3.69
CA GLN B 872 -18.88 30.09 -3.13
C GLN B 872 -17.89 30.40 -2.01
N LYS B 873 -18.41 30.78 -0.85
CA LYS B 873 -17.58 31.08 0.32
C LYS B 873 -16.31 31.85 -0.02
N GLU B 874 -16.44 32.87 -0.87
CA GLU B 874 -15.31 33.71 -1.26
C GLU B 874 -14.07 32.90 -1.62
N ILE B 875 -14.26 31.73 -2.22
CA ILE B 875 -13.15 30.87 -2.59
C ILE B 875 -12.31 31.53 -3.66
N LEU B 876 -12.97 32.31 -4.51
CA LEU B 876 -12.28 33.11 -5.51
C LEU B 876 -11.33 34.08 -4.84
N LEU B 877 -11.49 34.24 -3.53
CA LEU B 877 -10.60 35.13 -2.76
C LEU B 877 -9.69 34.34 -1.80
N SER B 878 -9.94 33.05 -1.67
CA SER B 878 -9.17 32.19 -0.77
C SER B 878 -7.70 32.08 -1.15
N SER B 879 -7.44 31.72 -2.41
CA SER B 879 -6.06 31.49 -2.85
C SER B 879 -5.67 32.35 -4.05
N ASN B 880 -4.45 32.17 -4.53
CA ASN B 880 -3.95 32.94 -5.67
C ASN B 880 -4.37 32.35 -7.01
N ARG B 881 -4.44 31.02 -7.07
CA ARG B 881 -4.85 30.34 -8.30
C ARG B 881 -6.27 30.77 -8.68
N HIS B 882 -7.10 31.01 -7.67
CA HIS B 882 -8.49 31.37 -7.87
C HIS B 882 -8.65 32.80 -8.38
N TYR B 883 -7.78 33.69 -7.92
CA TYR B 883 -7.83 35.07 -8.39
C TYR B 883 -7.26 35.20 -9.79
N TYR B 884 -6.62 34.14 -10.26
CA TYR B 884 -6.25 34.03 -11.67
C TYR B 884 -7.44 33.43 -12.43
N VAL B 885 -8.20 32.59 -11.74
CA VAL B 885 -9.45 32.06 -12.28
C VAL B 885 -10.44 33.21 -12.42
N LYS B 886 -10.26 34.25 -11.61
CA LYS B 886 -11.12 35.42 -11.70
C LYS B 886 -11.03 36.06 -13.08
N GLU B 887 -9.87 36.63 -13.42
CA GLU B 887 -9.71 37.27 -14.72
C GLU B 887 -10.03 36.29 -15.83
N LYS B 888 -9.88 35.00 -15.56
CA LYS B 888 -10.24 33.99 -16.52
C LYS B 888 -11.74 34.04 -16.76
N LEU B 889 -12.51 33.94 -15.68
CA LEU B 889 -13.95 34.04 -15.75
C LEU B 889 -14.35 35.36 -16.41
N GLN B 890 -13.46 36.34 -16.32
CA GLN B 890 -13.70 37.66 -16.89
C GLN B 890 -13.50 37.64 -18.41
N LYS B 891 -12.32 37.23 -18.86
CA LYS B 891 -12.02 37.17 -20.29
C LYS B 891 -13.10 36.40 -21.03
N ILE B 892 -13.62 35.36 -20.40
CA ILE B 892 -14.70 34.58 -21.01
C ILE B 892 -15.95 35.44 -21.14
N VAL B 893 -16.34 36.09 -20.06
CA VAL B 893 -17.53 36.94 -20.07
C VAL B 893 -17.39 38.07 -21.07
N THR B 894 -16.17 38.59 -21.20
CA THR B 894 -15.89 39.67 -22.13
C THR B 894 -16.16 39.25 -23.57
N ARG B 895 -15.76 38.03 -23.92
CA ARG B 895 -15.96 37.53 -25.27
C ARG B 895 -17.42 37.24 -25.56
N VAL B 896 -18.10 36.61 -24.60
CA VAL B 896 -19.51 36.31 -24.74
C VAL B 896 -20.33 37.59 -24.88
N SER B 897 -19.91 38.64 -24.17
CA SER B 897 -20.57 39.94 -24.24
C SER B 897 -20.49 40.50 -25.66
N GLY B 898 -19.34 40.35 -26.29
CA GLY B 898 -19.15 40.80 -27.66
C GLY B 898 -19.92 39.94 -28.65
N ILE B 899 -20.09 38.67 -28.32
CA ILE B 899 -20.83 37.74 -29.17
C ILE B 899 -22.31 38.09 -29.17
N LEU B 900 -22.86 38.33 -28.00
CA LEU B 900 -24.25 38.72 -27.86
C LEU B 900 -24.52 39.98 -28.68
N SER B 901 -23.59 40.93 -28.63
CA SER B 901 -23.70 42.15 -29.41
C SER B 901 -23.85 41.82 -30.90
N GLU B 902 -22.91 41.04 -31.42
CA GLU B 902 -22.95 40.64 -32.82
C GLU B 902 -24.22 39.84 -33.11
N HIS B 903 -24.68 39.08 -32.13
CA HIS B 903 -25.89 38.28 -32.29
C HIS B 903 -27.12 39.17 -32.36
N ALA B 904 -27.10 40.28 -31.64
CA ALA B 904 -28.24 41.19 -31.58
C ALA B 904 -28.32 42.07 -32.83
N LYS B 905 -27.16 42.38 -33.41
CA LYS B 905 -27.10 43.19 -34.62
C LYS B 905 -27.53 42.37 -35.84
N ALA B 906 -27.74 41.08 -35.62
CA ALA B 906 -28.16 40.19 -36.70
C ALA B 906 -29.56 39.64 -36.44
N SER B 907 -29.80 39.20 -35.20
CA SER B 907 -31.11 38.68 -34.82
C SER B 907 -32.21 39.72 -34.97
N GLY B 908 -33.40 39.26 -35.35
CA GLY B 908 -34.58 40.09 -35.38
C GLY B 908 -35.44 39.78 -34.17
N PHE B 909 -34.98 38.82 -33.38
CA PHE B 909 -35.67 38.42 -32.15
C PHE B 909 -35.28 39.32 -30.99
N VAL B 910 -36.27 40.01 -30.42
CA VAL B 910 -36.05 40.87 -29.27
C VAL B 910 -36.59 40.23 -28.00
N PRO B 911 -35.75 40.14 -26.97
CA PRO B 911 -36.10 39.53 -25.68
C PRO B 911 -37.37 40.09 -25.06
N ILE B 912 -38.36 39.23 -24.82
CA ILE B 912 -39.60 39.62 -24.16
C ILE B 912 -39.36 39.68 -22.68
N GLY B 913 -39.20 38.49 -22.09
CA GLY B 913 -38.95 38.36 -20.66
C GLY B 913 -37.64 37.66 -20.39
N LEU B 914 -37.06 37.93 -19.23
CA LEU B 914 -35.77 37.38 -18.86
C LEU B 914 -35.83 36.84 -17.44
N GLU B 915 -35.16 35.73 -17.18
CA GLU B 915 -35.27 35.06 -15.89
C GLU B 915 -36.72 35.08 -15.41
N LEU B 916 -37.61 34.60 -16.28
CA LEU B 916 -39.05 34.61 -16.02
C LEU B 916 -39.48 33.67 -14.90
N GLY B 917 -40.04 34.24 -13.84
CA GLY B 917 -40.56 33.44 -12.74
C GLY B 917 -41.64 32.47 -13.15
N PHE B 918 -41.25 31.21 -13.29
CA PHE B 918 -42.16 30.15 -13.71
C PHE B 918 -42.50 29.29 -12.50
N GLY B 919 -43.76 29.36 -12.08
CA GLY B 919 -44.26 28.59 -10.94
C GLY B 919 -44.09 29.30 -9.61
N GLY B 920 -44.45 28.62 -8.53
CA GLY B 920 -44.29 29.17 -7.19
C GLY B 920 -44.66 30.64 -7.13
N LYS B 921 -43.78 31.44 -6.55
CA LYS B 921 -44.00 32.88 -6.46
C LYS B 921 -43.20 33.60 -7.55
N GLY B 922 -43.89 34.00 -8.61
CA GLY B 922 -43.24 34.64 -9.73
C GLY B 922 -44.22 35.13 -10.77
N PRO B 923 -43.70 35.75 -11.84
CA PRO B 923 -44.46 36.31 -12.96
C PRO B 923 -45.57 35.37 -13.44
N LEU B 924 -45.23 34.11 -13.71
CA LEU B 924 -46.21 33.18 -14.25
C LEU B 924 -46.94 32.41 -13.16
N PRO B 925 -48.02 31.69 -13.54
CA PRO B 925 -48.67 30.74 -12.65
C PRO B 925 -47.94 29.40 -12.68
N PRO B 926 -48.10 28.59 -11.63
CA PRO B 926 -47.52 27.25 -11.69
C PRO B 926 -48.31 26.43 -12.70
N LEU B 927 -47.63 25.59 -13.46
CA LEU B 927 -48.37 24.65 -14.31
C LEU B 927 -48.78 23.47 -13.44
N THR B 928 -50.08 23.14 -13.47
CA THR B 928 -50.63 22.13 -12.58
C THR B 928 -50.87 20.79 -13.27
N PHE B 929 -50.85 19.71 -12.48
CA PHE B 929 -51.11 18.38 -13.00
C PHE B 929 -52.15 17.63 -12.18
N GLN B 930 -53.18 17.14 -12.86
CA GLN B 930 -54.20 16.32 -12.24
C GLN B 930 -54.12 14.89 -12.72
N LEU B 931 -53.86 13.97 -11.81
CA LEU B 931 -53.73 12.56 -12.15
C LEU B 931 -54.54 11.73 -11.16
N LYS B 932 -55.02 10.57 -11.62
CA LYS B 932 -55.83 9.70 -10.78
C LYS B 932 -55.19 9.46 -9.41
N ASN B 933 -56.01 9.05 -8.46
CA ASN B 933 -55.58 8.87 -7.06
C ASN B 933 -54.91 10.09 -6.43
N GLY B 934 -55.68 11.14 -6.22
CA GLY B 934 -55.23 12.32 -5.50
C GLY B 934 -53.84 12.80 -5.86
N CYS B 935 -53.59 12.93 -7.16
CA CYS B 935 -52.28 13.38 -7.62
C CYS B 935 -52.27 14.87 -7.96
N THR B 936 -51.66 15.65 -7.08
CA THR B 936 -51.49 17.08 -7.29
C THR B 936 -50.02 17.41 -7.55
N MET B 937 -49.72 17.92 -8.74
CA MET B 937 -48.35 18.29 -9.10
C MET B 937 -48.26 19.75 -9.52
N GLU B 938 -47.72 20.59 -8.63
CA GLU B 938 -47.44 21.98 -8.99
C GLU B 938 -45.97 22.18 -9.27
N LEU B 939 -45.56 22.05 -10.53
CA LEU B 939 -44.15 22.19 -10.86
C LEU B 939 -43.73 23.63 -11.13
N VAL B 940 -42.53 23.97 -10.67
CA VAL B 940 -42.00 25.33 -10.79
C VAL B 940 -40.72 25.30 -11.60
N GLY B 941 -40.27 26.47 -12.05
CA GLY B 941 -39.07 26.54 -12.85
C GLY B 941 -38.49 27.90 -13.19
N ARG B 942 -37.50 27.84 -14.06
CA ARG B 942 -36.70 29.00 -14.43
C ARG B 942 -36.62 29.10 -15.94
N ILE B 943 -37.13 30.19 -16.52
CA ILE B 943 -36.93 30.42 -17.93
C ILE B 943 -35.82 31.46 -18.16
N ASP B 944 -34.66 31.00 -18.61
CA ASP B 944 -33.53 31.88 -18.86
C ASP B 944 -33.96 33.08 -19.70
N ARG B 945 -34.34 32.82 -20.95
CA ARG B 945 -34.70 33.90 -21.85
C ARG B 945 -35.79 33.48 -22.83
N VAL B 946 -36.75 34.38 -23.03
CA VAL B 946 -37.75 34.22 -24.08
C VAL B 946 -37.67 35.45 -25.00
N ASP B 947 -37.55 35.19 -26.30
CA ASP B 947 -37.44 36.27 -27.28
C ASP B 947 -38.65 36.32 -28.18
N LYS B 948 -39.02 37.52 -28.61
CA LYS B 948 -40.15 37.71 -29.51
C LYS B 948 -39.72 38.31 -30.84
N ALA B 949 -40.40 37.89 -31.91
CA ALA B 949 -40.18 38.44 -33.23
C ALA B 949 -41.49 38.48 -34.01
N GLU B 950 -41.82 39.65 -34.55
CA GLU B 950 -43.02 39.78 -35.36
C GLU B 950 -42.79 39.28 -36.78
N SER B 951 -43.70 38.45 -37.27
CA SER B 951 -43.62 37.93 -38.63
C SER B 951 -44.97 38.06 -39.32
N SER B 952 -44.99 37.78 -40.62
CA SER B 952 -46.25 37.77 -41.37
C SER B 952 -47.16 36.67 -40.84
N LYS B 953 -46.56 35.66 -40.23
CA LYS B 953 -47.31 34.57 -39.63
C LYS B 953 -47.88 34.99 -38.29
N GLY B 954 -47.53 36.19 -37.86
CA GLY B 954 -47.94 36.69 -36.56
C GLY B 954 -46.78 36.71 -35.58
N LEU B 955 -47.10 36.59 -34.29
CA LEU B 955 -46.09 36.63 -33.25
C LEU B 955 -45.26 35.34 -33.23
N LEU B 956 -43.97 35.47 -32.95
CA LEU B 956 -43.08 34.32 -32.84
C LEU B 956 -42.35 34.34 -31.50
N LEU B 957 -42.31 33.20 -30.81
CA LEU B 957 -41.59 33.10 -29.55
C LEU B 957 -40.56 31.98 -29.59
N ARG B 958 -39.42 32.23 -28.95
CA ARG B 958 -38.38 31.21 -28.81
C ARG B 958 -37.71 31.33 -27.46
N ILE B 959 -37.10 30.24 -27.00
CA ILE B 959 -36.40 30.22 -25.72
C ILE B 959 -34.90 30.06 -25.93
N VAL B 960 -34.12 30.76 -25.12
CA VAL B 960 -32.67 30.64 -25.15
C VAL B 960 -32.14 30.39 -23.75
N ALA B 961 -31.37 29.32 -23.59
CA ALA B 961 -30.78 28.97 -22.31
C ALA B 961 -29.25 28.92 -22.43
N TYR B 962 -28.57 29.56 -21.49
CA TYR B 962 -27.11 29.59 -21.49
C TYR B 962 -26.52 28.31 -20.91
N LYS B 963 -25.60 27.71 -21.64
CA LYS B 963 -24.93 26.49 -21.19
C LYS B 963 -23.42 26.52 -21.41
N SER B 964 -22.71 25.70 -20.66
CA SER B 964 -21.27 25.54 -20.83
C SER B 964 -20.95 24.34 -21.72
N SER B 965 -21.94 23.47 -21.90
CA SER B 965 -21.79 22.29 -22.73
C SER B 965 -21.69 22.65 -24.21
N ASP B 966 -21.49 21.65 -25.06
CA ASP B 966 -21.41 21.87 -26.50
C ASP B 966 -22.80 21.80 -27.14
N LYS B 967 -23.41 20.62 -27.13
CA LYS B 967 -24.72 20.48 -27.74
C LYS B 967 -25.88 20.77 -26.78
N GLY B 968 -27.05 21.04 -27.35
CA GLY B 968 -28.24 21.38 -26.57
C GLY B 968 -29.33 20.32 -26.54
N LEU B 969 -29.75 19.85 -27.70
CA LEU B 969 -30.90 18.95 -27.76
C LEU B 969 -30.69 17.62 -28.50
N ASP B 970 -30.93 16.53 -27.79
CA ASP B 970 -30.97 15.21 -28.40
C ASP B 970 -32.37 14.64 -28.25
N LEU B 971 -33.07 14.50 -29.37
CA LEU B 971 -34.46 14.05 -29.36
C LEU B 971 -34.59 12.68 -28.71
N ALA B 972 -33.59 11.83 -28.95
CA ALA B 972 -33.54 10.52 -28.31
C ALA B 972 -33.55 10.67 -26.79
N GLU B 973 -32.81 11.65 -26.31
CA GLU B 973 -32.66 11.90 -24.89
C GLU B 973 -33.96 12.46 -24.30
N VAL B 974 -34.80 13.03 -25.16
CA VAL B 974 -36.06 13.63 -24.73
C VAL B 974 -37.14 12.56 -24.56
N TYR B 975 -37.10 11.54 -25.41
CA TYR B 975 -38.08 10.45 -25.36
C TYR B 975 -38.14 9.82 -23.98
N TYR B 976 -36.96 9.49 -23.45
CA TYR B 976 -36.88 8.85 -22.13
C TYR B 976 -37.05 9.87 -21.01
N GLY B 977 -37.22 11.13 -21.38
CA GLY B 977 -37.51 12.18 -20.43
C GLY B 977 -36.31 12.62 -19.62
N LEU B 978 -35.13 12.55 -20.23
CA LEU B 978 -33.90 13.01 -19.60
C LEU B 978 -33.65 14.48 -19.88
N ALA B 979 -34.17 14.96 -21.01
CA ALA B 979 -34.07 16.38 -21.34
C ALA B 979 -35.46 16.96 -21.60
N LEU B 980 -36.07 17.50 -20.55
CA LEU B 980 -37.38 18.11 -20.66
C LEU B 980 -37.31 19.63 -20.52
N GLN B 981 -36.12 20.13 -20.26
CA GLN B 981 -35.91 21.53 -19.90
C GLN B 981 -36.52 22.52 -20.88
N MET B 982 -35.98 22.57 -22.10
CA MET B 982 -36.40 23.56 -23.08
C MET B 982 -37.83 23.37 -23.56
N LEU B 983 -38.15 22.15 -23.98
CA LEU B 983 -39.48 21.86 -24.51
C LEU B 983 -40.60 22.28 -23.58
N THR B 984 -40.40 22.09 -22.28
CA THR B 984 -41.42 22.48 -21.31
C THR B 984 -41.50 24.00 -21.18
N TYR B 985 -40.34 24.65 -21.24
CA TYR B 985 -40.28 26.11 -21.19
C TYR B 985 -41.02 26.71 -22.38
N LEU B 986 -40.80 26.13 -23.55
CA LEU B 986 -41.44 26.61 -24.77
C LEU B 986 -42.96 26.60 -24.62
N ASP B 987 -43.50 25.45 -24.24
CA ASP B 987 -44.95 25.29 -24.11
C ASP B 987 -45.59 26.44 -23.33
N LEU B 988 -45.14 26.64 -22.10
CA LEU B 988 -45.66 27.72 -21.28
C LEU B 988 -45.71 29.02 -22.07
N SER B 989 -44.54 29.43 -22.58
CA SER B 989 -44.45 30.66 -23.37
C SER B 989 -45.52 30.67 -24.45
N ILE B 990 -45.60 29.58 -25.21
CA ILE B 990 -46.59 29.45 -26.28
C ILE B 990 -48.01 29.59 -25.73
N THR B 991 -48.38 28.66 -24.84
CA THR B 991 -49.72 28.62 -24.26
C THR B 991 -50.12 29.98 -23.69
N HIS B 992 -49.37 30.44 -22.68
CA HIS B 992 -49.71 31.67 -21.98
C HIS B 992 -49.54 32.91 -22.84
N SER B 993 -48.72 32.83 -23.89
CA SER B 993 -48.53 33.95 -24.80
C SER B 993 -49.86 34.61 -25.12
N ALA B 994 -50.89 33.79 -25.29
CA ALA B 994 -52.23 34.29 -25.59
C ALA B 994 -52.71 35.26 -24.52
N ASP B 995 -53.10 34.73 -23.37
CA ASP B 995 -53.66 35.54 -22.30
C ASP B 995 -52.61 36.39 -21.59
N TRP B 996 -51.36 36.24 -21.98
CA TRP B 996 -50.26 37.00 -21.41
C TRP B 996 -50.21 38.40 -22.01
N LEU B 997 -49.71 38.50 -23.24
CA LEU B 997 -49.56 39.80 -23.89
C LEU B 997 -50.74 40.15 -24.80
N GLY B 998 -51.60 39.17 -25.06
CA GLY B 998 -52.77 39.38 -25.89
C GLY B 998 -52.54 39.04 -27.35
N MET B 999 -51.90 37.90 -27.61
CA MET B 999 -51.65 37.44 -28.96
C MET B 999 -51.31 35.94 -28.96
N ARG B 1000 -51.51 35.29 -30.10
CA ARG B 1000 -51.21 33.85 -30.22
C ARG B 1000 -49.85 33.64 -30.88
N ALA B 1001 -49.00 32.86 -30.22
CA ALA B 1001 -47.63 32.66 -30.68
C ALA B 1001 -47.45 31.31 -31.36
N THR B 1002 -46.46 31.24 -32.24
CA THR B 1002 -46.03 29.98 -32.82
C THR B 1002 -44.56 29.76 -32.49
N PRO B 1003 -44.19 28.52 -32.17
CA PRO B 1003 -42.83 28.20 -31.75
C PRO B 1003 -41.81 28.48 -32.85
N ALA B 1004 -40.81 29.31 -32.56
CA ALA B 1004 -39.68 29.50 -33.45
C ALA B 1004 -38.66 28.40 -33.20
N GLY B 1005 -38.57 27.98 -31.94
CA GLY B 1005 -37.68 26.90 -31.57
C GLY B 1005 -37.05 27.06 -30.21
N VAL B 1006 -36.13 26.15 -29.88
CA VAL B 1006 -35.39 26.20 -28.64
C VAL B 1006 -33.89 26.24 -28.92
N LEU B 1007 -33.19 27.16 -28.26
CA LEU B 1007 -31.77 27.37 -28.53
C LEU B 1007 -30.90 27.33 -27.28
N TYR B 1008 -29.69 26.81 -27.45
CA TYR B 1008 -28.71 26.76 -26.37
C TYR B 1008 -27.50 27.63 -26.73
N PHE B 1009 -27.19 28.60 -25.88
CA PHE B 1009 -26.02 29.43 -26.10
C PHE B 1009 -24.83 28.91 -25.29
N HIS B 1010 -23.73 28.64 -25.98
CA HIS B 1010 -22.54 28.08 -25.33
C HIS B 1010 -21.63 29.18 -24.82
N ILE B 1011 -21.59 29.35 -23.50
CA ILE B 1011 -20.73 30.33 -22.87
C ILE B 1011 -19.33 29.75 -22.68
N HIS B 1012 -18.35 30.36 -23.35
CA HIS B 1012 -16.98 29.87 -23.31
C HIS B 1012 -16.06 30.80 -24.08
N ASP B 1013 -14.75 30.59 -23.91
CA ASP B 1013 -13.75 31.29 -24.70
C ASP B 1013 -13.03 30.27 -25.56
N PRO B 1014 -13.48 30.11 -26.81
CA PRO B 1014 -13.06 29.03 -27.71
C PRO B 1014 -11.61 29.15 -28.20
N MET B 1015 -11.04 28.02 -28.60
CA MET B 1015 -9.74 27.98 -29.24
C MET B 1015 -9.88 27.33 -30.61
N ILE B 1016 -9.65 28.12 -31.67
CA ILE B 1016 -9.78 27.59 -33.03
C ILE B 1016 -8.54 26.81 -33.44
N GLN B 1017 -8.74 25.83 -34.32
CA GLN B 1017 -7.64 25.00 -34.78
C GLN B 1017 -7.66 24.93 -36.32
N SER B 1018 -6.75 25.64 -36.96
CA SER B 1018 -6.72 25.72 -38.42
C SER B 1018 -5.34 25.45 -39.00
N ASN B 1019 -5.31 24.70 -40.10
CA ASN B 1019 -4.07 24.51 -40.84
C ASN B 1019 -3.85 25.66 -41.81
N LEU B 1020 -4.93 26.38 -42.10
CA LEU B 1020 -4.86 27.56 -42.96
C LEU B 1020 -4.47 28.79 -42.16
N PRO B 1021 -3.32 29.41 -42.53
CA PRO B 1021 -2.91 30.67 -41.90
C PRO B 1021 -4.01 31.70 -42.05
N LEU B 1022 -4.35 32.38 -40.98
CA LEU B 1022 -5.44 33.33 -41.00
C LEU B 1022 -5.01 34.72 -40.57
N GLY B 1023 -5.70 35.73 -41.08
CA GLY B 1023 -5.53 37.09 -40.62
C GLY B 1023 -6.53 37.38 -39.52
N LEU B 1024 -6.26 38.40 -38.72
CA LEU B 1024 -7.15 38.76 -37.62
C LEU B 1024 -8.59 38.89 -38.10
N ASP B 1025 -8.75 39.21 -39.37
CA ASP B 1025 -10.07 39.28 -40.00
C ASP B 1025 -10.78 37.92 -39.94
N GLU B 1026 -10.09 36.89 -40.41
CA GLU B 1026 -10.67 35.55 -40.51
C GLU B 1026 -10.75 34.87 -39.15
N ILE B 1027 -9.85 35.23 -38.25
CA ILE B 1027 -9.84 34.67 -36.90
C ILE B 1027 -11.10 35.07 -36.15
N GLU B 1028 -11.45 36.36 -36.22
CA GLU B 1028 -12.68 36.86 -35.63
C GLU B 1028 -13.87 36.06 -36.13
N GLN B 1029 -13.85 35.72 -37.42
CA GLN B 1029 -14.92 34.95 -38.03
C GLN B 1029 -15.03 33.56 -37.40
N GLU B 1030 -13.91 32.84 -37.39
CA GLU B 1030 -13.87 31.49 -36.84
C GLU B 1030 -14.32 31.44 -35.38
N ILE B 1031 -13.83 32.39 -34.59
CA ILE B 1031 -14.25 32.51 -33.19
C ILE B 1031 -15.75 32.72 -33.13
N PHE B 1032 -16.26 33.58 -33.99
CA PHE B 1032 -17.67 33.91 -34.05
C PHE B 1032 -18.52 32.67 -34.32
N LYS B 1033 -18.09 31.84 -35.26
CA LYS B 1033 -18.84 30.65 -35.64
C LYS B 1033 -18.89 29.62 -34.51
N LYS B 1034 -17.88 29.65 -33.64
CA LYS B 1034 -17.82 28.72 -32.52
C LYS B 1034 -19.04 28.87 -31.61
N PHE B 1035 -19.69 30.02 -31.70
CA PHE B 1035 -20.86 30.30 -30.87
C PHE B 1035 -22.17 30.00 -31.59
N LYS B 1036 -22.07 29.40 -32.76
CA LYS B 1036 -23.24 28.93 -33.50
C LYS B 1036 -24.14 28.18 -32.53
N MET B 1037 -25.41 28.55 -32.49
CA MET B 1037 -26.33 27.96 -31.51
C MET B 1037 -26.92 26.64 -31.97
N LYS B 1038 -26.87 25.66 -31.07
CA LYS B 1038 -27.46 24.36 -31.34
C LYS B 1038 -28.86 24.33 -30.73
N GLY B 1039 -29.73 23.47 -31.26
CA GLY B 1039 -31.07 23.33 -30.73
C GLY B 1039 -32.05 22.79 -31.74
N LEU B 1040 -33.29 23.29 -31.66
CA LEU B 1040 -34.36 22.83 -32.51
C LEU B 1040 -35.14 24.02 -33.05
N LEU B 1041 -35.17 24.18 -34.37
CA LEU B 1041 -35.79 25.35 -34.98
C LEU B 1041 -37.11 25.04 -35.67
N LEU B 1042 -37.70 26.07 -36.26
CA LEU B 1042 -38.88 25.92 -37.11
C LEU B 1042 -38.45 25.88 -38.56
N GLY B 1043 -39.11 25.04 -39.37
CA GLY B 1043 -38.63 24.74 -40.70
C GLY B 1043 -39.12 25.62 -41.85
N ASP B 1044 -39.25 26.92 -41.61
CA ASP B 1044 -39.65 27.84 -42.68
C ASP B 1044 -38.62 28.93 -42.94
N GLN B 1045 -38.59 29.43 -44.16
CA GLN B 1045 -37.60 30.42 -44.59
C GLN B 1045 -37.60 31.70 -43.74
N GLU B 1046 -38.78 32.15 -43.34
CA GLU B 1046 -38.89 33.38 -42.55
C GLU B 1046 -38.21 33.28 -41.19
N VAL B 1047 -38.64 32.32 -40.37
CA VAL B 1047 -38.11 32.15 -39.03
C VAL B 1047 -36.58 32.08 -39.03
N VAL B 1048 -36.03 31.42 -40.03
CA VAL B 1048 -34.59 31.32 -40.19
C VAL B 1048 -33.96 32.68 -40.44
N ARG B 1049 -34.60 33.47 -41.31
CA ARG B 1049 -34.08 34.79 -41.65
C ARG B 1049 -34.30 35.82 -40.55
N LEU B 1050 -35.23 35.53 -39.64
CA LEU B 1050 -35.46 36.41 -38.50
C LEU B 1050 -34.45 36.16 -37.37
N MET B 1051 -33.97 34.92 -37.29
CA MET B 1051 -32.96 34.59 -36.28
C MET B 1051 -31.56 34.96 -36.77
N ASP B 1052 -31.39 34.99 -38.09
CA ASP B 1052 -30.18 35.52 -38.70
C ASP B 1052 -30.52 36.34 -39.94
N THR B 1053 -30.56 37.66 -39.79
CA THR B 1053 -30.94 38.53 -40.90
C THR B 1053 -29.75 38.80 -41.81
N THR B 1054 -28.57 38.32 -41.41
CA THR B 1054 -27.38 38.46 -42.23
C THR B 1054 -27.38 37.41 -43.34
N LEU B 1055 -28.04 36.29 -43.09
CA LEU B 1055 -28.03 35.17 -44.01
C LEU B 1055 -28.94 35.39 -45.23
N GLN B 1056 -28.34 35.28 -46.41
CA GLN B 1056 -29.09 35.34 -47.66
C GLN B 1056 -29.06 33.96 -48.31
N GLU B 1057 -27.86 33.44 -48.50
CA GLU B 1057 -27.66 32.15 -49.14
C GLU B 1057 -26.47 31.42 -48.54
N GLY B 1058 -26.68 30.15 -48.21
CA GLY B 1058 -25.62 29.34 -47.61
C GLY B 1058 -25.83 29.11 -46.13
N ARG B 1059 -24.75 28.77 -45.44
CA ARG B 1059 -24.81 28.47 -44.01
C ARG B 1059 -24.92 29.72 -43.15
N SER B 1060 -25.67 29.61 -42.06
CA SER B 1060 -25.71 30.64 -41.03
C SER B 1060 -24.70 30.32 -39.95
N ASN B 1061 -24.03 31.34 -39.42
CA ASN B 1061 -23.05 31.14 -38.36
C ASN B 1061 -23.65 31.35 -36.98
N ILE B 1062 -24.86 31.90 -36.95
CA ILE B 1062 -25.54 32.18 -35.68
C ILE B 1062 -26.43 31.02 -35.26
N ILE B 1063 -27.13 30.44 -36.23
CA ILE B 1063 -28.07 29.37 -35.97
C ILE B 1063 -27.77 28.19 -36.89
N ASN B 1064 -28.13 26.99 -36.47
CA ASN B 1064 -27.89 25.81 -37.29
C ASN B 1064 -28.95 25.64 -38.38
N ALA B 1065 -28.73 26.31 -39.51
CA ALA B 1065 -29.64 26.25 -40.64
C ALA B 1065 -28.98 26.89 -41.86
N GLY B 1066 -29.62 26.76 -43.01
CA GLY B 1066 -29.09 27.32 -44.24
C GLY B 1066 -30.16 27.58 -45.26
N LEU B 1067 -29.78 28.10 -46.41
CA LEU B 1067 -30.72 28.39 -47.48
C LEU B 1067 -30.15 28.02 -48.84
N LYS B 1068 -30.90 27.23 -49.60
CA LYS B 1068 -30.56 26.97 -50.99
C LYS B 1068 -30.90 28.21 -51.81
N LYS B 1069 -30.47 28.23 -53.06
CA LYS B 1069 -30.68 29.41 -53.90
C LYS B 1069 -32.16 29.70 -54.12
N ASP B 1070 -32.97 28.65 -54.06
CA ASP B 1070 -34.40 28.79 -54.29
C ASP B 1070 -35.11 29.50 -53.13
N GLY B 1071 -34.46 29.55 -51.99
CA GLY B 1071 -35.04 30.16 -50.80
C GLY B 1071 -35.44 29.12 -49.78
N SER B 1072 -35.43 27.86 -50.19
CA SER B 1072 -35.73 26.75 -49.29
C SER B 1072 -34.52 26.50 -48.40
N LEU B 1073 -34.76 26.10 -47.16
CA LEU B 1073 -33.67 25.80 -46.25
C LEU B 1073 -33.10 24.40 -46.53
N ARG B 1074 -31.84 24.20 -46.19
CA ARG B 1074 -31.17 22.94 -46.46
C ARG B 1074 -31.66 21.82 -45.55
N SER B 1075 -31.40 20.58 -45.95
CA SER B 1075 -31.78 19.43 -45.15
C SER B 1075 -31.02 19.38 -43.82
N ASP B 1076 -29.79 19.91 -43.82
CA ASP B 1076 -28.95 19.88 -42.63
C ASP B 1076 -29.55 20.68 -41.49
N SER B 1077 -30.56 21.48 -41.81
CA SER B 1077 -31.18 22.35 -40.83
C SER B 1077 -31.80 21.56 -39.68
N ALA B 1078 -31.61 22.05 -38.46
CA ALA B 1078 -32.16 21.42 -37.27
C ALA B 1078 -33.63 21.79 -37.09
N ALA B 1079 -34.22 22.32 -38.16
CA ALA B 1079 -35.60 22.81 -38.12
C ALA B 1079 -36.62 21.68 -38.29
N VAL B 1080 -37.82 21.89 -37.75
CA VAL B 1080 -38.92 20.96 -37.90
C VAL B 1080 -40.23 21.74 -38.01
N GLY B 1081 -41.28 21.07 -38.48
CA GLY B 1081 -42.58 21.71 -38.62
C GLY B 1081 -43.23 21.98 -37.28
N GLU B 1082 -44.21 22.88 -37.27
CA GLU B 1082 -44.91 23.22 -36.04
C GLU B 1082 -45.64 22.00 -35.48
N LYS B 1083 -45.93 21.05 -36.34
CA LYS B 1083 -46.55 19.79 -35.92
C LYS B 1083 -45.63 19.02 -34.98
N GLU B 1084 -44.42 18.75 -35.44
CA GLU B 1084 -43.44 18.00 -34.65
C GLU B 1084 -43.16 18.67 -33.31
N PHE B 1085 -43.28 20.00 -33.27
CA PHE B 1085 -43.07 20.74 -32.03
C PHE B 1085 -44.16 20.44 -31.01
N ASP B 1086 -45.41 20.49 -31.46
CA ASP B 1086 -46.54 20.20 -30.59
C ASP B 1086 -46.57 18.70 -30.24
N LEU B 1087 -45.98 17.89 -31.11
CA LEU B 1087 -45.86 16.47 -30.86
C LEU B 1087 -44.90 16.21 -29.71
N LEU B 1088 -43.69 16.77 -29.83
CA LEU B 1088 -42.72 16.69 -28.76
C LEU B 1088 -43.28 17.32 -27.48
N THR B 1089 -43.98 18.43 -27.64
CA THR B 1089 -44.63 19.11 -26.52
C THR B 1089 -45.56 18.16 -25.78
N LYS B 1090 -46.49 17.56 -26.51
CA LYS B 1090 -47.49 16.69 -25.90
C LYS B 1090 -46.83 15.48 -25.25
N HIS B 1091 -45.82 14.94 -25.91
CA HIS B 1091 -45.05 13.81 -25.36
C HIS B 1091 -44.52 14.17 -23.98
N VAL B 1092 -43.93 15.35 -23.87
CA VAL B 1092 -43.40 15.83 -22.61
C VAL B 1092 -44.50 15.92 -21.55
N ARG B 1093 -45.66 16.40 -21.95
CA ARG B 1093 -46.81 16.49 -21.06
C ARG B 1093 -47.14 15.13 -20.46
N ARG B 1094 -47.21 14.12 -21.32
CA ARG B 1094 -47.49 12.76 -20.90
C ARG B 1094 -46.38 12.20 -20.00
N THR B 1095 -45.17 12.74 -20.17
CA THR B 1095 -44.03 12.29 -19.39
C THR B 1095 -44.10 12.80 -17.96
N PHE B 1096 -44.53 14.05 -17.78
CA PHE B 1096 -44.75 14.60 -16.45
C PHE B 1096 -45.91 13.86 -15.76
N GLN B 1097 -46.79 13.31 -16.58
CA GLN B 1097 -47.98 12.64 -16.06
C GLN B 1097 -47.67 11.22 -15.60
N GLU B 1098 -47.26 10.37 -16.54
CA GLU B 1098 -46.98 8.97 -16.24
C GLU B 1098 -45.89 8.82 -15.19
N ALA B 1099 -44.99 9.80 -15.14
CA ALA B 1099 -43.91 9.78 -14.16
C ALA B 1099 -44.30 10.54 -12.90
N GLY B 1100 -45.36 11.34 -12.99
CA GLY B 1100 -45.86 12.08 -11.86
C GLY B 1100 -46.70 11.20 -10.95
N GLU B 1101 -47.35 10.21 -11.54
CA GLU B 1101 -48.18 9.28 -10.79
C GLU B 1101 -47.32 8.22 -10.09
N GLN B 1102 -46.31 7.73 -10.82
CA GLN B 1102 -45.42 6.71 -10.28
C GLN B 1102 -44.81 7.15 -8.95
N ILE B 1103 -44.48 8.43 -8.84
CA ILE B 1103 -43.94 8.98 -7.60
C ILE B 1103 -44.95 8.85 -6.47
N THR B 1104 -46.16 9.32 -6.70
CA THR B 1104 -47.24 9.22 -5.71
C THR B 1104 -47.53 7.76 -5.38
N ASP B 1105 -47.43 6.89 -6.37
CA ASP B 1105 -47.63 5.46 -6.17
C ASP B 1105 -46.51 4.87 -5.31
N GLY B 1106 -45.55 5.72 -4.95
CA GLY B 1106 -44.44 5.30 -4.12
C GLY B 1106 -43.55 4.29 -4.83
N ARG B 1107 -42.97 4.69 -5.96
CA ARG B 1107 -42.05 3.83 -6.69
C ARG B 1107 -40.62 4.31 -6.51
N VAL B 1108 -39.78 3.44 -5.96
CA VAL B 1108 -38.39 3.75 -5.68
C VAL B 1108 -37.42 2.83 -6.42
N SER B 1109 -37.94 2.19 -7.47
CA SER B 1109 -37.16 1.18 -8.21
C SER B 1109 -35.79 1.68 -8.68
N ILE B 1110 -34.82 0.78 -8.66
CA ILE B 1110 -33.48 1.09 -9.14
C ILE B 1110 -33.31 0.61 -10.58
N GLU B 1111 -33.30 1.54 -11.52
CA GLU B 1111 -33.18 1.20 -12.94
C GLU B 1111 -32.37 2.23 -13.72
N PRO B 1112 -31.03 2.15 -13.63
CA PRO B 1112 -30.16 3.05 -14.39
C PRO B 1112 -30.22 2.77 -15.89
N TYR B 1113 -29.77 3.73 -16.69
CA TYR B 1113 -29.85 3.67 -18.15
C TYR B 1113 -28.61 3.16 -18.85
N LYS B 1114 -28.65 3.13 -20.18
CA LYS B 1114 -27.52 2.69 -21.00
C LYS B 1114 -26.84 3.87 -21.67
N CYS B 1124 -23.47 8.69 -10.42
CA CYS B 1124 -24.46 9.14 -9.46
C CYS B 1124 -23.81 9.38 -8.09
N ALA B 1125 -24.41 10.27 -7.30
CA ALA B 1125 -23.92 10.57 -5.96
C ALA B 1125 -24.48 9.56 -4.97
N PHE B 1126 -25.64 9.00 -5.32
CA PHE B 1126 -26.32 8.04 -4.46
C PHE B 1126 -26.00 6.61 -4.85
N LYS B 1127 -25.01 6.44 -5.72
CA LYS B 1127 -24.63 5.11 -6.19
C LYS B 1127 -24.20 4.20 -5.04
N SER B 1128 -23.60 4.78 -4.01
CA SER B 1128 -23.16 4.01 -2.86
C SER B 1128 -24.35 3.58 -1.99
N VAL B 1129 -25.49 4.24 -2.22
CA VAL B 1129 -26.74 3.85 -1.57
C VAL B 1129 -27.51 2.88 -2.46
N CYS B 1130 -27.41 3.10 -3.77
CA CYS B 1130 -27.99 2.20 -4.76
C CYS B 1130 -27.44 0.80 -4.59
N GLN B 1131 -26.11 0.70 -4.51
CA GLN B 1131 -25.45 -0.58 -4.40
C GLN B 1131 -25.84 -1.48 -5.57
N PHE B 1132 -25.94 -0.89 -6.75
CA PHE B 1132 -26.32 -1.60 -7.96
C PHE B 1132 -25.26 -2.61 -8.37
N ASP B 1133 -25.66 -3.87 -8.49
CA ASP B 1133 -24.74 -4.93 -8.85
C ASP B 1133 -25.29 -5.74 -10.03
N GLU B 1134 -24.58 -5.71 -11.15
CA GLU B 1134 -25.07 -6.32 -12.39
C GLU B 1134 -24.97 -7.83 -12.39
N SER B 1135 -23.91 -8.36 -11.75
CA SER B 1135 -23.75 -9.81 -11.64
C SER B 1135 -24.86 -10.38 -10.78
N LEU B 1136 -25.21 -9.64 -9.73
CA LEU B 1136 -26.32 -10.00 -8.86
C LEU B 1136 -27.61 -9.86 -9.65
N GLU B 1137 -28.36 -10.96 -9.78
CA GLU B 1137 -29.47 -11.03 -10.71
C GLU B 1137 -30.64 -10.08 -10.38
N GLU B 1138 -31.57 -9.98 -11.33
CA GLU B 1138 -32.71 -9.09 -11.23
C GLU B 1138 -32.32 -7.62 -11.32
N ASN B 1139 -31.01 -7.36 -11.29
CA ASN B 1139 -30.50 -6.00 -11.48
C ASN B 1139 -30.07 -5.78 -12.93
N GLU B 1140 -30.84 -4.98 -13.65
CA GLU B 1140 -30.63 -4.81 -15.08
C GLU B 1140 -30.41 -3.35 -15.49
N TYR B 1141 -29.66 -3.16 -16.57
CA TYR B 1141 -29.47 -1.84 -17.16
C TYR B 1141 -30.48 -1.63 -18.27
N ARG B 1142 -31.51 -0.84 -18.01
CA ARG B 1142 -32.50 -0.57 -19.04
C ARG B 1142 -31.86 0.19 -20.20
N PRO B 1143 -31.88 -0.41 -21.39
CA PRO B 1143 -31.16 0.12 -22.55
C PRO B 1143 -31.82 1.35 -23.17
N LEU B 1144 -30.99 2.32 -23.54
CA LEU B 1144 -31.44 3.45 -24.31
C LEU B 1144 -30.80 3.37 -25.69
N LYS B 1145 -31.60 3.57 -26.73
CA LYS B 1145 -31.10 3.45 -28.08
C LYS B 1145 -30.73 4.81 -28.67
N ALA B 1146 -29.76 4.78 -29.58
CA ALA B 1146 -29.35 5.98 -30.30
C ALA B 1146 -30.23 6.10 -31.53
N GLU B 1147 -30.99 7.19 -31.60
CA GLU B 1147 -32.05 7.29 -32.59
C GLU B 1147 -31.89 8.47 -33.53
N LYS B 1148 -31.96 8.20 -34.83
CA LYS B 1148 -32.11 9.25 -35.82
C LYS B 1148 -33.36 10.03 -35.42
N ASP B 1149 -33.22 11.34 -35.28
CA ASP B 1149 -34.31 12.17 -34.79
C ASP B 1149 -35.68 11.70 -35.27
N LYS B 1150 -35.77 11.36 -36.56
CA LYS B 1150 -37.03 10.96 -37.17
C LYS B 1150 -37.61 9.68 -36.57
N THR B 1151 -36.74 8.73 -36.25
CA THR B 1151 -37.17 7.44 -35.70
C THR B 1151 -38.08 7.63 -34.48
N ILE B 1152 -37.60 8.38 -33.49
CA ILE B 1152 -38.40 8.69 -32.31
C ILE B 1152 -39.51 9.68 -32.64
N LEU B 1153 -39.19 10.63 -33.51
CA LEU B 1153 -40.17 11.56 -34.03
C LEU B 1153 -41.33 10.75 -34.60
N GLU B 1154 -41.02 9.53 -35.00
CA GLU B 1154 -42.01 8.59 -35.52
C GLU B 1154 -42.67 7.80 -34.40
N TRP B 1155 -41.87 7.45 -33.38
CA TRP B 1155 -42.39 6.70 -32.25
C TRP B 1155 -43.43 7.50 -31.48
N ILE B 1156 -43.11 8.76 -31.20
CA ILE B 1156 -44.03 9.63 -30.48
C ILE B 1156 -45.29 9.86 -31.31
N LYS B 1157 -45.16 9.78 -32.63
CA LYS B 1157 -46.32 9.87 -33.52
C LYS B 1157 -47.31 8.76 -33.21
N LYS B 1158 -46.78 7.57 -32.95
CA LYS B 1158 -47.60 6.38 -32.78
C LYS B 1158 -48.26 6.28 -31.41
N GLU B 1159 -47.72 6.98 -30.43
CA GLU B 1159 -48.24 6.95 -29.07
C GLU B 1159 -49.76 7.10 -29.05
N ALA B 1160 -50.24 8.23 -29.55
CA ALA B 1160 -51.65 8.54 -29.59
C ALA B 1160 -52.11 8.85 -31.02
#